data_1H67
#
_entry.id   1H67
#
_cell.length_a   1.000
_cell.length_b   1.000
_cell.length_c   1.000
_cell.angle_alpha   90.00
_cell.angle_beta   90.00
_cell.angle_gamma   90.00
#
_symmetry.space_group_name_H-M   'P 1'
#
_entity_poly.entity_id   1
_entity_poly.type   'polypeptide(L)'
_entity_poly.pdbx_seq_one_letter_code
;MPQTERQLRVWIEGATGRRIGDNFMDGLKDGVILCELINKLQPGSVQKVNDPVQNWHKLENIGNFLRAIKHYGVKPHDIF
EANDLFENTNHTQVQSTLIALASQAKTK
;
_entity_poly.pdbx_strand_id   A
#
# COMPACT_ATOMS: atom_id res chain seq x y z
N MET A 1 0.07 -14.78 13.22
CA MET A 1 -0.31 -13.59 12.44
C MET A 1 -0.11 -12.31 13.26
N PRO A 2 0.43 -11.25 12.64
CA PRO A 2 0.67 -9.97 13.31
C PRO A 2 -0.63 -9.32 13.78
N GLN A 3 -1.64 -9.33 12.91
CA GLN A 3 -2.93 -8.74 13.23
C GLN A 3 -3.97 -9.09 12.16
N THR A 4 -4.61 -8.08 11.59
CA THR A 4 -5.62 -8.29 10.56
C THR A 4 -5.88 -7.02 9.76
N GLU A 5 -5.97 -5.89 10.46
CA GLU A 5 -6.22 -4.62 9.81
C GLU A 5 -6.00 -3.45 10.77
N ARG A 6 -6.26 -3.68 12.05
CA ARG A 6 -6.10 -2.64 13.07
C ARG A 6 -4.64 -2.16 13.11
N GLN A 7 -3.71 -3.10 13.14
CA GLN A 7 -2.29 -2.78 13.19
C GLN A 7 -1.84 -2.11 11.90
N LEU A 8 -2.43 -2.53 10.78
CA LEU A 8 -2.08 -1.96 9.48
C LEU A 8 -2.13 -0.45 9.48
N ARG A 9 -3.15 0.11 10.11
CA ARG A 9 -3.32 1.56 10.17
C ARG A 9 -2.20 2.22 10.97
N VAL A 10 -2.17 1.97 12.28
CA VAL A 10 -1.16 2.56 13.16
C VAL A 10 0.25 2.38 12.59
N TRP A 11 0.49 1.23 11.97
CA TRP A 11 1.80 0.92 11.40
C TRP A 11 2.21 1.92 10.31
N ILE A 12 1.61 1.78 9.13
CA ILE A 12 1.93 2.64 7.99
C ILE A 12 1.61 4.11 8.24
N GLU A 13 0.45 4.40 8.82
CA GLU A 13 0.08 5.79 9.09
C GLU A 13 1.20 6.53 9.81
N GLY A 14 1.83 5.86 10.76
CA GLY A 14 2.92 6.47 11.50
C GLY A 14 4.12 6.77 10.62
N ALA A 15 4.39 5.88 9.67
CA ALA A 15 5.52 6.04 8.77
C ALA A 15 5.46 7.37 8.03
N THR A 16 4.36 7.59 7.31
CA THR A 16 4.17 8.82 6.55
C THR A 16 3.75 9.97 7.46
N GLY A 17 2.53 9.87 7.99
CA GLY A 17 2.00 10.89 8.85
C GLY A 17 0.49 10.95 8.78
N ARG A 18 -0.03 10.72 7.58
CA ARG A 18 -1.47 10.74 7.34
C ARG A 18 -2.15 9.62 8.10
N ARG A 19 -3.18 9.97 8.86
CA ARG A 19 -3.92 8.98 9.63
C ARG A 19 -5.16 8.51 8.86
N ILE A 20 -5.00 8.35 7.55
CA ILE A 20 -6.10 7.90 6.69
C ILE A 20 -7.41 8.56 7.12
N GLY A 21 -7.53 9.84 6.83
CA GLY A 21 -8.72 10.59 7.20
C GLY A 21 -9.95 10.25 6.39
N ASP A 22 -10.24 8.95 6.28
CA ASP A 22 -11.41 8.48 5.53
C ASP A 22 -11.53 6.96 5.64
N ASN A 23 -12.05 6.33 4.59
CA ASN A 23 -12.19 4.88 4.57
C ASN A 23 -10.82 4.21 4.53
N PHE A 24 -10.66 3.14 5.30
CA PHE A 24 -9.39 2.42 5.34
C PHE A 24 -9.00 1.88 3.97
N MET A 25 -9.94 1.22 3.30
CA MET A 25 -9.69 0.64 1.98
C MET A 25 -9.65 1.72 0.91
N ASP A 26 -10.68 2.57 0.90
CA ASP A 26 -10.78 3.64 -0.08
C ASP A 26 -9.56 4.56 -0.02
N GLY A 27 -9.11 4.84 1.20
CA GLY A 27 -7.96 5.70 1.38
C GLY A 27 -6.76 5.20 0.61
N LEU A 28 -6.60 3.88 0.57
CA LEU A 28 -5.49 3.26 -0.14
C LEU A 28 -5.67 3.38 -1.65
N LYS A 29 -6.93 3.40 -2.09
CA LYS A 29 -7.25 3.49 -3.51
C LYS A 29 -6.54 4.66 -4.17
N ASP A 30 -6.61 5.84 -3.56
CA ASP A 30 -5.96 7.03 -4.12
C ASP A 30 -4.46 6.81 -4.22
N GLY A 31 -3.91 6.03 -3.29
CA GLY A 31 -2.49 5.75 -3.29
C GLY A 31 -1.66 6.98 -3.01
N VAL A 32 -1.16 7.09 -1.79
CA VAL A 32 -0.33 8.21 -1.38
C VAL A 32 0.56 7.81 -0.21
N ILE A 33 -0.08 7.41 0.89
CA ILE A 33 0.64 6.99 2.09
C ILE A 33 1.37 5.68 1.83
N LEU A 34 0.72 4.74 1.18
CA LEU A 34 1.33 3.44 0.88
C LEU A 34 2.57 3.65 0.01
N CYS A 35 2.42 4.47 -1.03
CA CYS A 35 3.53 4.75 -1.92
C CYS A 35 4.67 5.40 -1.14
N GLU A 36 4.30 6.30 -0.22
CA GLU A 36 5.26 6.97 0.63
C GLU A 36 5.88 5.98 1.61
N LEU A 37 5.10 4.99 2.00
CA LEU A 37 5.53 3.97 2.95
C LEU A 37 6.61 3.08 2.35
N ILE A 38 6.35 2.53 1.17
CA ILE A 38 7.31 1.66 0.52
C ILE A 38 8.65 2.34 0.30
N ASN A 39 8.62 3.63 -0.06
CA ASN A 39 9.85 4.38 -0.27
C ASN A 39 10.78 4.23 0.93
N LYS A 40 10.20 4.00 2.09
CA LYS A 40 10.96 3.82 3.31
C LYS A 40 11.69 2.48 3.29
N LEU A 41 10.94 1.44 2.98
CA LEU A 41 11.49 0.09 2.93
C LEU A 41 12.36 -0.08 1.69
N GLN A 42 11.76 0.14 0.51
CA GLN A 42 12.48 0.02 -0.74
C GLN A 42 12.77 1.41 -1.33
N PRO A 43 14.06 1.77 -1.41
CA PRO A 43 14.49 3.07 -1.94
C PRO A 43 13.96 3.37 -3.34
N GLY A 44 13.44 4.58 -3.52
CA GLY A 44 12.93 5.00 -4.81
C GLY A 44 11.84 4.09 -5.37
N SER A 45 10.84 3.76 -4.55
CA SER A 45 9.75 2.90 -4.99
C SER A 45 8.69 3.72 -5.72
N VAL A 46 8.26 4.82 -5.09
CA VAL A 46 7.24 5.69 -5.67
C VAL A 46 7.53 7.15 -5.32
N GLN A 47 8.78 7.56 -5.52
CA GLN A 47 9.19 8.93 -5.22
C GLN A 47 8.35 9.94 -6.00
N LYS A 48 8.13 9.66 -7.28
CA LYS A 48 7.35 10.53 -8.14
C LYS A 48 5.85 10.32 -7.93
N VAL A 49 5.43 10.19 -6.68
CA VAL A 49 4.02 9.99 -6.35
C VAL A 49 3.19 11.18 -6.78
N ASN A 50 2.18 10.91 -7.61
CA ASN A 50 1.29 11.95 -8.11
C ASN A 50 0.10 12.18 -7.18
N ASP A 51 -0.26 13.44 -6.98
CA ASP A 51 -1.39 13.79 -6.14
C ASP A 51 -2.68 13.21 -6.72
N PRO A 52 -3.45 12.45 -5.92
CA PRO A 52 -4.70 11.81 -6.39
C PRO A 52 -5.83 12.80 -6.68
N VAL A 53 -5.51 13.91 -7.35
CA VAL A 53 -6.51 14.90 -7.69
C VAL A 53 -7.39 14.41 -8.83
N GLN A 54 -6.74 14.00 -9.91
CA GLN A 54 -7.44 13.48 -11.09
C GLN A 54 -7.97 12.07 -10.84
N ASN A 55 -7.60 11.14 -11.71
CA ASN A 55 -8.04 9.75 -11.56
C ASN A 55 -6.93 8.78 -11.97
N TRP A 56 -6.30 9.05 -13.11
CA TRP A 56 -5.22 8.20 -13.60
C TRP A 56 -4.02 8.27 -12.66
N HIS A 57 -3.90 9.37 -11.93
CA HIS A 57 -2.80 9.54 -10.98
C HIS A 57 -2.77 8.39 -9.98
N LYS A 58 -3.95 8.04 -9.46
CA LYS A 58 -4.06 6.96 -8.49
C LYS A 58 -3.54 5.65 -9.09
N LEU A 59 -3.93 5.40 -10.34
CA LEU A 59 -3.53 4.20 -11.04
C LEU A 59 -2.01 4.09 -11.12
N GLU A 60 -1.35 5.23 -11.23
CA GLU A 60 0.11 5.27 -11.32
C GLU A 60 0.75 4.91 -9.99
N ASN A 61 0.31 5.57 -8.92
CA ASN A 61 0.83 5.32 -7.59
C ASN A 61 0.61 3.87 -7.19
N ILE A 62 -0.57 3.35 -7.51
CA ILE A 62 -0.91 1.97 -7.18
C ILE A 62 -0.03 0.99 -7.95
N GLY A 63 0.16 1.27 -9.23
CA GLY A 63 0.97 0.41 -10.07
C GLY A 63 2.41 0.30 -9.59
N ASN A 64 3.02 1.44 -9.32
CA ASN A 64 4.42 1.48 -8.86
C ASN A 64 4.56 0.78 -7.51
N PHE A 65 3.63 1.04 -6.60
CA PHE A 65 3.66 0.46 -5.27
C PHE A 65 3.60 -1.08 -5.32
N LEU A 66 2.64 -1.59 -6.08
CA LEU A 66 2.47 -3.04 -6.20
C LEU A 66 3.61 -3.71 -6.95
N ARG A 67 3.98 -3.18 -8.10
CA ARG A 67 5.06 -3.75 -8.89
C ARG A 67 6.34 -3.80 -8.06
N ALA A 68 6.57 -2.76 -7.27
CA ALA A 68 7.75 -2.67 -6.43
C ALA A 68 7.73 -3.72 -5.32
N ILE A 69 6.59 -3.86 -4.65
CA ILE A 69 6.47 -4.83 -3.55
C ILE A 69 6.46 -6.27 -4.05
N LYS A 70 5.79 -6.50 -5.17
CA LYS A 70 5.69 -7.84 -5.75
C LYS A 70 7.08 -8.39 -6.04
N HIS A 71 7.96 -7.53 -6.55
CA HIS A 71 9.32 -7.91 -6.86
C HIS A 71 10.21 -7.79 -5.64
N TYR A 72 9.91 -6.80 -4.80
CA TYR A 72 10.69 -6.55 -3.59
C TYR A 72 10.84 -7.82 -2.76
N GLY A 73 9.74 -8.56 -2.62
CA GLY A 73 9.78 -9.78 -1.85
C GLY A 73 8.41 -10.41 -1.66
N VAL A 74 7.42 -9.58 -1.32
CA VAL A 74 6.07 -10.06 -1.10
C VAL A 74 5.54 -10.78 -2.35
N LYS A 75 5.05 -12.00 -2.16
CA LYS A 75 4.51 -12.79 -3.26
C LYS A 75 3.22 -12.17 -3.81
N PRO A 76 3.05 -12.18 -5.14
CA PRO A 76 1.85 -11.62 -5.78
C PRO A 76 0.56 -12.23 -5.21
N HIS A 77 0.60 -13.52 -4.94
CA HIS A 77 -0.55 -14.23 -4.40
C HIS A 77 -1.02 -13.57 -3.10
N ASP A 78 -0.09 -12.92 -2.41
CA ASP A 78 -0.39 -12.23 -1.17
C ASP A 78 -0.32 -10.73 -1.38
N ILE A 79 -0.77 -10.30 -2.55
CA ILE A 79 -0.76 -8.89 -2.91
C ILE A 79 -1.94 -8.53 -3.78
N PHE A 80 -2.65 -7.47 -3.40
CA PHE A 80 -3.80 -7.01 -4.17
C PHE A 80 -3.34 -6.39 -5.48
N GLU A 81 -4.10 -6.63 -6.53
CA GLU A 81 -3.77 -6.09 -7.83
C GLU A 81 -4.29 -4.66 -7.96
N ALA A 82 -3.64 -3.88 -8.81
CA ALA A 82 -4.03 -2.49 -9.03
C ALA A 82 -5.52 -2.35 -9.24
N ASN A 83 -6.10 -3.25 -10.04
CA ASN A 83 -7.52 -3.23 -10.33
C ASN A 83 -8.37 -3.54 -9.09
N ASP A 84 -7.89 -4.47 -8.27
CA ASP A 84 -8.64 -4.86 -7.07
C ASP A 84 -8.84 -3.68 -6.12
N LEU A 85 -7.76 -2.97 -5.80
CA LEU A 85 -7.84 -1.82 -4.90
C LEU A 85 -8.59 -0.67 -5.55
N PHE A 86 -8.24 -0.35 -6.78
CA PHE A 86 -8.88 0.75 -7.51
C PHE A 86 -10.39 0.53 -7.61
N GLU A 87 -10.78 -0.64 -8.12
CA GLU A 87 -12.19 -0.98 -8.27
C GLU A 87 -12.81 -1.31 -6.91
N ASN A 88 -11.94 -1.52 -5.92
CA ASN A 88 -12.38 -1.86 -4.57
C ASN A 88 -13.11 -3.19 -4.58
N THR A 89 -12.71 -4.07 -5.48
CA THR A 89 -13.33 -5.40 -5.59
C THR A 89 -12.90 -6.29 -4.43
N ASN A 90 -11.58 -6.46 -4.29
CA ASN A 90 -11.03 -7.28 -3.22
C ASN A 90 -10.76 -6.44 -1.98
N HIS A 91 -11.36 -6.84 -0.86
CA HIS A 91 -11.18 -6.12 0.40
C HIS A 91 -10.17 -6.83 1.29
N THR A 92 -10.37 -8.13 1.46
CA THR A 92 -9.48 -8.94 2.29
C THR A 92 -8.08 -9.02 1.67
N GLN A 93 -8.04 -9.17 0.35
CA GLN A 93 -6.77 -9.25 -0.36
C GLN A 93 -5.92 -8.00 -0.13
N VAL A 94 -6.57 -6.85 -0.07
CA VAL A 94 -5.87 -5.59 0.13
C VAL A 94 -5.13 -5.57 1.47
N GLN A 95 -5.85 -5.86 2.55
CA GLN A 95 -5.26 -5.87 3.89
C GLN A 95 -4.18 -6.96 4.03
N SER A 96 -4.48 -8.15 3.51
CA SER A 96 -3.55 -9.27 3.58
C SER A 96 -2.18 -8.87 3.05
N THR A 97 -2.16 -8.04 2.02
CA THR A 97 -0.92 -7.59 1.41
C THR A 97 -0.01 -6.92 2.43
N LEU A 98 -0.57 -5.96 3.17
CA LEU A 98 0.19 -5.25 4.19
C LEU A 98 0.78 -6.22 5.21
N ILE A 99 0.00 -7.23 5.57
CA ILE A 99 0.44 -8.23 6.54
C ILE A 99 1.77 -8.87 6.10
N ALA A 100 1.83 -9.26 4.84
CA ALA A 100 3.03 -9.88 4.28
C ALA A 100 4.19 -8.89 4.23
N LEU A 101 3.88 -7.66 3.81
CA LEU A 101 4.89 -6.61 3.70
C LEU A 101 5.58 -6.38 5.04
N ALA A 102 4.84 -6.59 6.12
CA ALA A 102 5.37 -6.40 7.46
C ALA A 102 6.56 -7.31 7.73
N SER A 103 6.44 -8.59 7.37
CA SER A 103 7.51 -9.55 7.58
C SER A 103 8.77 -9.14 6.83
N GLN A 104 8.60 -8.62 5.61
CA GLN A 104 9.72 -8.18 4.80
C GLN A 104 10.43 -7.01 5.45
N ALA A 105 9.66 -6.00 5.84
CA ALA A 105 10.20 -4.81 6.47
C ALA A 105 10.95 -5.16 7.76
N LYS A 106 10.38 -6.06 8.55
CA LYS A 106 10.99 -6.48 9.80
C LYS A 106 12.36 -7.09 9.58
N THR A 107 12.46 -8.00 8.61
CA THR A 107 13.72 -8.66 8.30
C THR A 107 14.78 -7.66 7.84
N LYS A 108 14.38 -6.73 6.97
CA LYS A 108 15.29 -5.73 6.45
C LYS A 108 15.87 -4.88 7.59
N MET A 1 0.87 -12.47 11.71
CA MET A 1 0.18 -12.97 12.92
C MET A 1 -0.25 -11.82 13.86
N PRO A 2 0.67 -10.89 14.17
CA PRO A 2 0.35 -9.75 15.04
C PRO A 2 -0.65 -8.79 14.41
N GLN A 3 -0.43 -8.47 13.14
CA GLN A 3 -1.31 -7.57 12.41
C GLN A 3 -2.72 -8.12 12.33
N THR A 4 -3.69 -7.21 12.25
CA THR A 4 -5.10 -7.58 12.17
C THR A 4 -5.94 -6.42 11.65
N GLU A 5 -5.67 -5.21 12.16
CA GLU A 5 -6.41 -4.03 11.75
C GLU A 5 -5.96 -2.81 12.54
N ARG A 6 -5.62 -3.01 13.80
CA ARG A 6 -5.20 -1.92 14.68
C ARG A 6 -3.78 -1.47 14.38
N GLN A 7 -2.84 -2.43 14.40
CA GLN A 7 -1.44 -2.14 14.14
C GLN A 7 -1.24 -1.63 12.71
N LEU A 8 -2.09 -2.08 11.80
CA LEU A 8 -2.00 -1.68 10.40
C LEU A 8 -1.97 -0.17 10.25
N ARG A 9 -2.83 0.52 11.01
CA ARG A 9 -2.91 1.97 10.95
C ARG A 9 -1.61 2.63 11.41
N VAL A 10 -1.20 2.33 12.64
CA VAL A 10 0.01 2.89 13.21
C VAL A 10 1.24 2.57 12.36
N TRP A 11 1.24 1.38 11.78
CA TRP A 11 2.37 0.93 10.95
C TRP A 11 2.61 1.85 9.75
N ILE A 12 1.74 1.79 8.76
CA ILE A 12 1.89 2.60 7.55
C ILE A 12 1.78 4.10 7.83
N GLU A 13 0.72 4.50 8.52
CA GLU A 13 0.51 5.91 8.84
C GLU A 13 1.68 6.46 9.66
N GLY A 14 2.11 5.68 10.65
CA GLY A 14 3.22 6.09 11.50
C GLY A 14 4.54 6.12 10.75
N ALA A 15 4.67 5.22 9.76
CA ALA A 15 5.89 5.12 8.97
C ALA A 15 6.33 6.49 8.46
N THR A 16 5.44 7.18 7.76
CA THR A 16 5.74 8.49 7.21
C THR A 16 5.12 9.60 8.06
N GLY A 17 3.83 9.46 8.34
CA GLY A 17 3.13 10.45 9.13
C GLY A 17 1.94 11.00 8.37
N ARG A 18 1.20 10.12 7.72
CA ARG A 18 0.04 10.51 6.94
C ARG A 18 -1.17 9.66 7.28
N ARG A 19 -2.28 10.33 7.57
CA ARG A 19 -3.53 9.63 7.89
C ARG A 19 -4.28 9.24 6.63
N ILE A 20 -4.71 8.00 6.54
CA ILE A 20 -5.43 7.51 5.37
C ILE A 20 -6.77 8.24 5.23
N GLY A 21 -7.59 8.18 6.27
CA GLY A 21 -8.88 8.84 6.24
C GLY A 21 -9.87 8.23 7.21
N ASP A 22 -11.15 8.23 6.84
CA ASP A 22 -12.19 7.66 7.69
C ASP A 22 -12.31 6.16 7.47
N ASN A 23 -12.42 5.76 6.21
CA ASN A 23 -12.54 4.35 5.86
C ASN A 23 -11.21 3.62 6.06
N PHE A 24 -10.80 2.83 5.07
CA PHE A 24 -9.55 2.09 5.15
C PHE A 24 -9.18 1.49 3.80
N MET A 25 -10.13 0.77 3.20
CA MET A 25 -9.92 0.15 1.89
C MET A 25 -9.94 1.20 0.80
N ASP A 26 -10.98 2.04 0.83
CA ASP A 26 -11.15 3.10 -0.16
C ASP A 26 -10.01 4.12 -0.06
N GLY A 27 -9.52 4.33 1.15
CA GLY A 27 -8.43 5.28 1.36
C GLY A 27 -7.18 4.92 0.59
N LEU A 28 -6.84 3.62 0.58
CA LEU A 28 -5.66 3.14 -0.11
C LEU A 28 -5.73 3.41 -1.61
N LYS A 29 -6.94 3.46 -2.15
CA LYS A 29 -7.17 3.68 -3.57
C LYS A 29 -6.38 4.86 -4.12
N ASP A 30 -6.37 5.98 -3.39
CA ASP A 30 -5.67 7.18 -3.84
C ASP A 30 -4.20 6.91 -4.14
N GLY A 31 -3.58 6.01 -3.38
CA GLY A 31 -2.19 5.69 -3.59
C GLY A 31 -1.29 6.89 -3.38
N VAL A 32 -1.00 7.19 -2.11
CA VAL A 32 -0.15 8.32 -1.77
C VAL A 32 0.68 8.00 -0.53
N ILE A 33 -0.01 7.66 0.55
CA ILE A 33 0.65 7.33 1.80
C ILE A 33 1.39 5.99 1.67
N LEU A 34 0.74 5.03 1.01
CA LEU A 34 1.35 3.72 0.80
C LEU A 34 2.63 3.89 0.00
N CYS A 35 2.56 4.71 -1.04
CA CYS A 35 3.72 4.98 -1.88
C CYS A 35 4.84 5.52 -1.00
N GLU A 36 4.46 6.38 -0.06
CA GLU A 36 5.40 6.97 0.88
C GLU A 36 6.03 5.92 1.78
N LEU A 37 5.23 4.92 2.17
CA LEU A 37 5.71 3.84 3.03
C LEU A 37 6.87 3.10 2.39
N ILE A 38 6.62 2.45 1.26
CA ILE A 38 7.64 1.71 0.56
C ILE A 38 8.79 2.62 0.15
N ASN A 39 8.45 3.87 -0.15
CA ASN A 39 9.44 4.86 -0.53
C ASN A 39 10.53 4.97 0.53
N LYS A 40 10.14 4.72 1.77
CA LYS A 40 11.06 4.77 2.89
C LYS A 40 11.86 3.48 3.00
N LEU A 41 11.16 2.35 3.00
CA LEU A 41 11.80 1.05 3.11
C LEU A 41 12.69 0.78 1.91
N GLN A 42 12.09 0.77 0.72
CA GLN A 42 12.83 0.52 -0.51
C GLN A 42 13.17 1.84 -1.21
N PRO A 43 14.47 2.17 -1.30
CA PRO A 43 14.94 3.41 -1.93
C PRO A 43 14.39 3.62 -3.34
N GLY A 44 13.82 4.81 -3.56
CA GLY A 44 13.29 5.16 -4.87
C GLY A 44 12.35 4.11 -5.45
N SER A 45 11.37 3.68 -4.66
CA SER A 45 10.41 2.68 -5.13
C SER A 45 9.48 3.27 -6.17
N VAL A 46 8.78 4.34 -5.78
CA VAL A 46 7.85 5.02 -6.68
C VAL A 46 8.52 6.18 -7.39
N GLN A 47 8.21 6.34 -8.67
CA GLN A 47 8.79 7.41 -9.48
C GLN A 47 8.48 8.78 -8.88
N LYS A 48 7.22 9.01 -8.54
CA LYS A 48 6.80 10.29 -7.96
C LYS A 48 5.34 10.24 -7.52
N VAL A 49 5.07 10.76 -6.33
CA VAL A 49 3.72 10.79 -5.79
C VAL A 49 2.82 11.75 -6.58
N ASN A 50 1.65 11.27 -6.98
CA ASN A 50 0.72 12.09 -7.74
C ASN A 50 -0.48 12.49 -6.88
N ASP A 51 -0.83 13.77 -6.93
CA ASP A 51 -1.96 14.28 -6.17
C ASP A 51 -3.25 13.62 -6.67
N PRO A 52 -4.05 13.00 -5.76
CA PRO A 52 -5.29 12.31 -6.14
C PRO A 52 -6.41 13.27 -6.57
N VAL A 53 -6.08 14.26 -7.40
CA VAL A 53 -7.07 15.21 -7.89
C VAL A 53 -7.95 14.57 -8.96
N GLN A 54 -7.31 14.10 -10.03
CA GLN A 54 -8.02 13.46 -11.12
C GLN A 54 -8.41 12.02 -10.77
N ASN A 55 -7.99 11.06 -11.58
CA ASN A 55 -8.31 9.66 -11.33
C ASN A 55 -7.17 8.74 -11.74
N TRP A 56 -6.62 8.96 -12.94
CA TRP A 56 -5.53 8.13 -13.43
C TRP A 56 -4.26 8.34 -12.60
N HIS A 57 -4.22 9.44 -11.85
CA HIS A 57 -3.07 9.74 -11.00
C HIS A 57 -2.84 8.61 -9.99
N LYS A 58 -3.92 8.16 -9.37
CA LYS A 58 -3.86 7.07 -8.40
C LYS A 58 -3.30 5.81 -9.03
N LEU A 59 -3.76 5.52 -10.24
CA LEU A 59 -3.33 4.33 -10.98
C LEU A 59 -1.81 4.24 -11.08
N GLU A 60 -1.16 5.38 -11.24
CA GLU A 60 0.30 5.42 -11.38
C GLU A 60 0.98 5.07 -10.05
N ASN A 61 0.56 5.73 -8.98
CA ASN A 61 1.12 5.48 -7.67
C ASN A 61 0.88 4.04 -7.24
N ILE A 62 -0.30 3.51 -7.55
CA ILE A 62 -0.65 2.14 -7.19
C ILE A 62 0.23 1.15 -7.95
N GLY A 63 0.45 1.43 -9.24
CA GLY A 63 1.28 0.56 -10.05
C GLY A 63 2.69 0.44 -9.53
N ASN A 64 3.29 1.59 -9.19
CA ASN A 64 4.65 1.61 -8.67
C ASN A 64 4.74 0.97 -7.30
N PHE A 65 3.74 1.23 -6.46
CA PHE A 65 3.71 0.68 -5.11
C PHE A 65 3.71 -0.84 -5.14
N LEU A 66 2.80 -1.43 -5.90
CA LEU A 66 2.70 -2.88 -6.01
C LEU A 66 3.89 -3.46 -6.76
N ARG A 67 4.28 -2.80 -7.84
CA ARG A 67 5.43 -3.26 -8.62
C ARG A 67 6.68 -3.30 -7.75
N ALA A 68 6.81 -2.31 -6.88
CA ALA A 68 7.96 -2.22 -6.00
C ALA A 68 7.94 -3.32 -4.94
N ILE A 69 6.78 -3.55 -4.32
CA ILE A 69 6.66 -4.57 -3.28
C ILE A 69 6.74 -5.99 -3.87
N LYS A 70 6.10 -6.19 -5.02
CA LYS A 70 6.12 -7.48 -5.69
C LYS A 70 7.54 -7.89 -6.04
N HIS A 71 8.30 -6.93 -6.53
CA HIS A 71 9.70 -7.17 -6.91
C HIS A 71 10.58 -7.18 -5.67
N TYR A 72 10.23 -6.32 -4.71
CA TYR A 72 10.98 -6.21 -3.46
C TYR A 72 11.17 -7.57 -2.81
N GLY A 73 10.10 -8.38 -2.80
CA GLY A 73 10.18 -9.69 -2.21
C GLY A 73 8.82 -10.32 -2.00
N VAL A 74 7.86 -9.52 -1.54
CA VAL A 74 6.51 -10.03 -1.28
C VAL A 74 5.93 -10.68 -2.53
N LYS A 75 5.44 -11.91 -2.38
CA LYS A 75 4.85 -12.64 -3.49
C LYS A 75 3.53 -12.02 -3.93
N PRO A 76 3.26 -12.01 -5.25
CA PRO A 76 2.02 -11.44 -5.81
C PRO A 76 0.78 -12.06 -5.16
N HIS A 77 0.85 -13.36 -4.89
CA HIS A 77 -0.27 -14.07 -4.28
C HIS A 77 -0.70 -13.42 -2.97
N ASP A 78 0.24 -12.74 -2.32
CA ASP A 78 -0.02 -12.05 -1.07
C ASP A 78 0.02 -10.55 -1.28
N ILE A 79 -0.47 -10.13 -2.44
CA ILE A 79 -0.48 -8.72 -2.81
C ILE A 79 -1.69 -8.39 -3.68
N PHE A 80 -2.40 -7.34 -3.31
CA PHE A 80 -3.58 -6.91 -4.05
C PHE A 80 -3.17 -6.26 -5.37
N GLU A 81 -3.95 -6.49 -6.40
CA GLU A 81 -3.67 -5.92 -7.71
C GLU A 81 -4.21 -4.51 -7.83
N ALA A 82 -3.53 -3.68 -8.62
CA ALA A 82 -3.93 -2.30 -8.83
C ALA A 82 -5.42 -2.20 -9.18
N ASN A 83 -5.89 -3.15 -9.97
CA ASN A 83 -7.29 -3.18 -10.38
C ASN A 83 -8.20 -3.50 -9.20
N ASP A 84 -7.76 -4.40 -8.34
CA ASP A 84 -8.54 -4.81 -7.17
C ASP A 84 -8.78 -3.62 -6.24
N LEU A 85 -7.72 -2.88 -5.92
CA LEU A 85 -7.82 -1.74 -5.03
C LEU A 85 -8.55 -0.57 -5.71
N PHE A 86 -8.17 -0.28 -6.95
CA PHE A 86 -8.80 0.81 -7.70
C PHE A 86 -10.30 0.59 -7.86
N GLU A 87 -10.67 -0.57 -8.40
CA GLU A 87 -12.08 -0.90 -8.59
C GLU A 87 -12.74 -1.23 -7.26
N ASN A 88 -11.91 -1.46 -6.25
CA ASN A 88 -12.39 -1.79 -4.91
C ASN A 88 -13.15 -3.11 -4.95
N THR A 89 -12.74 -3.99 -5.87
CA THR A 89 -13.39 -5.28 -6.01
C THR A 89 -12.98 -6.23 -4.89
N ASN A 90 -11.67 -6.43 -4.75
CA ASN A 90 -11.14 -7.31 -3.71
C ASN A 90 -10.95 -6.55 -2.40
N HIS A 91 -11.61 -7.02 -1.35
CA HIS A 91 -11.49 -6.39 -0.03
C HIS A 91 -10.56 -7.19 0.86
N THR A 92 -10.77 -8.50 0.91
CA THR A 92 -9.95 -9.39 1.73
C THR A 92 -8.51 -9.41 1.23
N GLN A 93 -8.35 -9.39 -0.10
CA GLN A 93 -7.03 -9.42 -0.72
C GLN A 93 -6.21 -8.19 -0.31
N VAL A 94 -6.83 -7.02 -0.37
CA VAL A 94 -6.15 -5.78 -0.01
C VAL A 94 -5.71 -5.79 1.44
N GLN A 95 -6.62 -6.16 2.34
CA GLN A 95 -6.35 -6.21 3.75
C GLN A 95 -5.26 -7.24 4.08
N SER A 96 -5.39 -8.42 3.48
CA SER A 96 -4.43 -9.49 3.69
C SER A 96 -3.02 -9.08 3.27
N THR A 97 -2.92 -8.34 2.17
CA THR A 97 -1.63 -7.88 1.67
C THR A 97 -0.84 -7.17 2.75
N LEU A 98 -1.50 -6.29 3.49
CA LEU A 98 -0.84 -5.55 4.57
C LEU A 98 -0.29 -6.50 5.62
N ILE A 99 -1.06 -7.54 5.92
CA ILE A 99 -0.65 -8.54 6.91
C ILE A 99 0.65 -9.22 6.50
N ALA A 100 0.73 -9.64 5.24
CA ALA A 100 1.92 -10.31 4.73
C ALA A 100 3.13 -9.38 4.73
N LEU A 101 2.94 -8.17 4.24
CA LEU A 101 4.01 -7.19 4.17
C LEU A 101 4.61 -6.93 5.54
N ALA A 102 3.79 -7.03 6.58
CA ALA A 102 4.24 -6.81 7.96
C ALA A 102 5.46 -7.69 8.26
N SER A 103 5.39 -8.96 7.89
CA SER A 103 6.47 -9.89 8.12
C SER A 103 7.74 -9.44 7.39
N GLN A 104 7.54 -8.82 6.22
CA GLN A 104 8.64 -8.34 5.42
C GLN A 104 9.41 -7.22 6.11
N ALA A 105 8.68 -6.20 6.56
CA ALA A 105 9.30 -5.06 7.23
C ALA A 105 9.54 -5.33 8.72
N LYS A 106 9.97 -6.54 9.05
CA LYS A 106 10.24 -6.88 10.44
C LYS A 106 11.67 -6.55 10.83
N THR A 107 12.63 -7.09 10.08
CA THR A 107 14.05 -6.84 10.35
C THR A 107 14.93 -7.59 9.35
N LYS A 108 14.58 -7.49 8.07
CA LYS A 108 15.35 -8.16 7.02
C LYS A 108 16.79 -7.67 6.99
N MET A 1 2.31 -9.38 15.18
CA MET A 1 1.75 -9.72 13.84
C MET A 1 0.31 -9.25 13.71
N PRO A 2 -0.04 -8.61 12.58
CA PRO A 2 -1.41 -8.11 12.35
C PRO A 2 -2.45 -9.23 12.41
N GLN A 3 -3.52 -8.98 13.16
CA GLN A 3 -4.58 -9.98 13.31
C GLN A 3 -5.32 -10.18 12.00
N THR A 4 -5.69 -9.08 11.35
CA THR A 4 -6.40 -9.14 10.08
C THR A 4 -6.58 -7.74 9.48
N GLU A 5 -6.80 -6.75 10.33
CA GLU A 5 -6.99 -5.38 9.90
C GLU A 5 -6.34 -4.40 10.87
N ARG A 6 -6.48 -4.69 12.16
CA ARG A 6 -5.90 -3.84 13.19
C ARG A 6 -4.39 -3.76 13.04
N GLN A 7 -3.81 -2.69 13.57
CA GLN A 7 -2.36 -2.45 13.50
C GLN A 7 -1.94 -1.97 12.13
N LEU A 8 -2.63 -2.43 11.08
CA LEU A 8 -2.31 -2.01 9.72
C LEU A 8 -2.36 -0.49 9.59
N ARG A 9 -3.43 0.10 10.11
CA ARG A 9 -3.61 1.55 10.04
C ARG A 9 -2.57 2.27 10.90
N VAL A 10 -2.43 1.85 12.16
CA VAL A 10 -1.48 2.46 13.08
C VAL A 10 -0.07 2.41 12.50
N TRP A 11 0.25 1.32 11.82
CA TRP A 11 1.57 1.12 11.23
C TRP A 11 1.86 2.16 10.14
N ILE A 12 1.12 2.08 9.04
CA ILE A 12 1.33 2.98 7.91
C ILE A 12 1.06 4.44 8.27
N GLU A 13 -0.07 4.71 8.91
CA GLU A 13 -0.42 6.08 9.30
C GLU A 13 0.70 6.71 10.12
N GLY A 14 1.20 5.95 11.09
CA GLY A 14 2.28 6.45 11.94
C GLY A 14 3.59 6.58 11.18
N ALA A 15 3.80 5.69 10.22
CA ALA A 15 5.03 5.70 9.42
C ALA A 15 5.31 7.06 8.81
N THR A 16 4.45 7.47 7.88
CA THR A 16 4.61 8.76 7.21
C THR A 16 4.02 9.89 8.05
N GLY A 17 2.78 9.70 8.48
CA GLY A 17 2.11 10.71 9.28
C GLY A 17 0.82 11.15 8.65
N ARG A 18 0.08 10.20 8.10
CA ARG A 18 -1.19 10.48 7.43
C ARG A 18 -2.28 9.54 7.93
N ARG A 19 -3.42 10.10 8.32
CA ARG A 19 -4.53 9.31 8.80
C ARG A 19 -5.33 8.72 7.65
N ILE A 20 -4.63 8.43 6.55
CA ILE A 20 -5.25 7.86 5.36
C ILE A 20 -6.36 8.75 4.82
N GLY A 21 -7.51 8.71 5.48
CA GLY A 21 -8.65 9.51 5.06
C GLY A 21 -9.97 8.93 5.52
N ASP A 22 -10.93 8.87 4.62
CA ASP A 22 -12.26 8.33 4.93
C ASP A 22 -12.15 6.83 5.20
N ASN A 23 -12.92 6.03 4.46
CA ASN A 23 -12.90 4.58 4.62
C ASN A 23 -11.48 4.05 4.52
N PHE A 24 -11.16 3.04 5.32
CA PHE A 24 -9.83 2.44 5.31
C PHE A 24 -9.41 1.99 3.92
N MET A 25 -10.31 1.26 3.25
CA MET A 25 -10.03 0.76 1.91
C MET A 25 -10.02 1.90 0.89
N ASP A 26 -11.06 2.73 0.94
CA ASP A 26 -11.19 3.87 0.03
C ASP A 26 -9.94 4.75 0.07
N GLY A 27 -9.42 4.96 1.27
CA GLY A 27 -8.23 5.79 1.43
C GLY A 27 -7.01 5.20 0.75
N LEU A 28 -6.75 3.92 1.00
CA LEU A 28 -5.60 3.23 0.41
C LEU A 28 -5.60 3.38 -1.11
N LYS A 29 -6.78 3.51 -1.68
CA LYS A 29 -6.94 3.64 -3.14
C LYS A 29 -6.02 4.71 -3.72
N ASP A 30 -5.79 5.79 -2.99
CA ASP A 30 -4.94 6.87 -3.48
C ASP A 30 -3.56 6.34 -3.88
N GLY A 31 -3.03 5.42 -3.08
CA GLY A 31 -1.73 4.85 -3.37
C GLY A 31 -0.58 5.73 -2.94
N VAL A 32 -0.79 7.04 -2.95
CA VAL A 32 0.23 8.01 -2.59
C VAL A 32 0.84 7.70 -1.23
N ILE A 33 0.02 7.71 -0.19
CA ILE A 33 0.49 7.44 1.17
C ILE A 33 1.21 6.10 1.23
N LEU A 34 0.60 5.06 0.67
CA LEU A 34 1.21 3.75 0.67
C LEU A 34 2.53 3.81 -0.10
N CYS A 35 2.52 4.62 -1.15
CA CYS A 35 3.69 4.83 -1.98
C CYS A 35 4.77 5.52 -1.15
N GLU A 36 4.33 6.37 -0.24
CA GLU A 36 5.22 7.09 0.65
C GLU A 36 5.84 6.13 1.67
N LEU A 37 5.03 5.18 2.12
CA LEU A 37 5.47 4.19 3.10
C LEU A 37 6.49 3.22 2.49
N ILE A 38 6.20 2.70 1.31
CA ILE A 38 7.10 1.76 0.65
C ILE A 38 8.49 2.35 0.48
N ASN A 39 8.56 3.65 0.20
CA ASN A 39 9.85 4.31 0.03
C ASN A 39 10.68 4.20 1.30
N LYS A 40 10.01 4.27 2.45
CA LYS A 40 10.68 4.18 3.73
C LYS A 40 11.33 2.81 3.91
N LEU A 41 10.54 1.76 3.66
CA LEU A 41 11.01 0.40 3.79
C LEU A 41 12.10 0.09 2.76
N GLN A 42 11.86 0.51 1.52
CA GLN A 42 12.80 0.31 0.43
C GLN A 42 13.21 1.64 -0.19
N PRO A 43 14.51 1.98 -0.13
CA PRO A 43 15.03 3.22 -0.68
C PRO A 43 14.58 3.48 -2.11
N GLY A 44 13.98 4.65 -2.34
CA GLY A 44 13.52 5.01 -3.68
C GLY A 44 12.64 3.96 -4.31
N SER A 45 11.61 3.51 -3.60
CA SER A 45 10.70 2.51 -4.12
C SER A 45 9.95 3.04 -5.35
N VAL A 46 9.13 4.07 -5.14
CA VAL A 46 8.37 4.68 -6.22
C VAL A 46 9.19 5.75 -6.93
N GLN A 47 9.18 5.72 -8.26
CA GLN A 47 9.92 6.70 -9.06
C GLN A 47 9.40 8.11 -8.79
N LYS A 48 8.08 8.25 -8.72
CA LYS A 48 7.45 9.54 -8.46
C LYS A 48 5.96 9.36 -8.25
N VAL A 49 5.47 9.79 -7.08
CA VAL A 49 4.06 9.67 -6.76
C VAL A 49 3.28 10.93 -7.13
N ASN A 50 2.16 10.73 -7.83
CA ASN A 50 1.31 11.84 -8.25
C ASN A 50 0.21 12.10 -7.22
N ASP A 51 -0.12 13.37 -7.01
CA ASP A 51 -1.16 13.75 -6.06
C ASP A 51 -2.49 13.10 -6.45
N PRO A 52 -3.26 12.60 -5.46
CA PRO A 52 -4.55 11.96 -5.73
C PRO A 52 -5.67 12.96 -6.02
N VAL A 53 -5.34 14.01 -6.77
CA VAL A 53 -6.32 15.03 -7.13
C VAL A 53 -7.29 14.50 -8.17
N GLN A 54 -6.74 14.04 -9.29
CA GLN A 54 -7.56 13.50 -10.37
C GLN A 54 -8.07 12.10 -10.04
N ASN A 55 -7.90 11.17 -10.96
CA ASN A 55 -8.35 9.79 -10.75
C ASN A 55 -7.30 8.81 -11.27
N TRP A 56 -6.80 9.05 -12.47
CA TRP A 56 -5.80 8.18 -13.07
C TRP A 56 -4.49 8.23 -12.29
N HIS A 57 -4.27 9.33 -11.57
CA HIS A 57 -3.07 9.49 -10.75
C HIS A 57 -2.93 8.32 -9.77
N LYS A 58 -4.01 7.99 -9.09
CA LYS A 58 -4.01 6.90 -8.14
C LYS A 58 -3.62 5.58 -8.81
N LEU A 59 -4.19 5.33 -9.98
CA LEU A 59 -3.91 4.12 -10.73
C LEU A 59 -2.41 3.98 -11.00
N GLU A 60 -1.74 5.11 -11.20
CA GLU A 60 -0.31 5.12 -11.46
C GLU A 60 0.47 4.86 -10.17
N ASN A 61 0.08 5.54 -9.10
CA ASN A 61 0.73 5.39 -7.82
C ASN A 61 0.67 3.94 -7.35
N ILE A 62 -0.50 3.33 -7.51
CA ILE A 62 -0.68 1.94 -7.11
C ILE A 62 0.21 1.02 -7.92
N GLY A 63 0.34 1.32 -9.21
CA GLY A 63 1.18 0.52 -10.08
C GLY A 63 2.61 0.44 -9.60
N ASN A 64 3.19 1.58 -9.27
CA ASN A 64 4.56 1.62 -8.78
C ASN A 64 4.69 0.86 -7.46
N PHE A 65 3.71 1.05 -6.58
CA PHE A 65 3.70 0.38 -5.28
C PHE A 65 3.70 -1.14 -5.43
N LEU A 66 2.83 -1.64 -6.31
CA LEU A 66 2.72 -3.06 -6.55
C LEU A 66 3.99 -3.63 -7.18
N ARG A 67 4.46 -3.00 -8.25
CA ARG A 67 5.67 -3.46 -8.92
C ARG A 67 6.84 -3.48 -7.96
N ALA A 68 6.86 -2.49 -7.08
CA ALA A 68 7.92 -2.37 -6.08
C ALA A 68 7.84 -3.47 -5.03
N ILE A 69 6.63 -3.72 -4.51
CA ILE A 69 6.43 -4.74 -3.48
C ILE A 69 6.55 -6.15 -4.06
N LYS A 70 6.03 -6.36 -5.25
CA LYS A 70 6.08 -7.66 -5.91
C LYS A 70 7.52 -8.11 -6.09
N HIS A 71 8.37 -7.16 -6.44
CA HIS A 71 9.79 -7.44 -6.65
C HIS A 71 10.53 -7.38 -5.32
N TYR A 72 10.08 -6.49 -4.43
CA TYR A 72 10.70 -6.32 -3.12
C TYR A 72 10.79 -7.65 -2.38
N GLY A 73 9.71 -8.42 -2.41
CA GLY A 73 9.70 -9.70 -1.74
C GLY A 73 8.33 -10.36 -1.70
N VAL A 74 7.30 -9.57 -1.41
CA VAL A 74 5.95 -10.09 -1.33
C VAL A 74 5.55 -10.77 -2.64
N LYS A 75 5.05 -11.99 -2.53
CA LYS A 75 4.64 -12.76 -3.69
C LYS A 75 3.38 -12.16 -4.33
N PRO A 76 3.33 -12.12 -5.67
CA PRO A 76 2.19 -11.56 -6.41
C PRO A 76 0.88 -12.26 -6.03
N HIS A 77 0.94 -13.57 -5.84
CA HIS A 77 -0.22 -14.37 -5.48
C HIS A 77 -0.89 -13.81 -4.22
N ASP A 78 -0.06 -13.24 -3.34
CA ASP A 78 -0.56 -12.65 -2.10
C ASP A 78 -0.92 -11.20 -2.33
N ILE A 79 -0.14 -10.56 -3.19
CA ILE A 79 -0.32 -9.17 -3.53
C ILE A 79 -1.56 -8.96 -4.40
N PHE A 80 -2.38 -7.99 -4.02
CA PHE A 80 -3.59 -7.67 -4.77
C PHE A 80 -3.24 -6.95 -6.08
N GLU A 81 -4.13 -6.10 -6.55
CA GLU A 81 -3.89 -5.36 -7.79
C GLU A 81 -4.55 -3.99 -7.74
N ALA A 82 -4.00 -3.06 -8.51
CA ALA A 82 -4.54 -1.71 -8.58
C ALA A 82 -6.03 -1.74 -8.84
N ASN A 83 -6.50 -2.80 -9.47
CA ASN A 83 -7.92 -2.94 -9.79
C ASN A 83 -8.71 -3.34 -8.55
N ASP A 84 -8.16 -4.27 -7.77
CA ASP A 84 -8.83 -4.74 -6.57
C ASP A 84 -9.08 -3.60 -5.58
N LEU A 85 -8.06 -2.79 -5.35
CA LEU A 85 -8.17 -1.67 -4.43
C LEU A 85 -8.98 -0.52 -5.02
N PHE A 86 -8.68 -0.16 -6.27
CA PHE A 86 -9.39 0.93 -6.93
C PHE A 86 -10.88 0.63 -7.07
N GLU A 87 -11.20 -0.55 -7.62
CA GLU A 87 -12.58 -0.95 -7.80
C GLU A 87 -13.19 -1.37 -6.47
N ASN A 88 -12.33 -1.54 -5.47
CA ASN A 88 -12.77 -1.95 -4.14
C ASN A 88 -13.38 -3.34 -4.19
N THR A 89 -12.90 -4.17 -5.11
CA THR A 89 -13.40 -5.53 -5.24
C THR A 89 -12.90 -6.40 -4.09
N ASN A 90 -11.60 -6.39 -3.88
CA ASN A 90 -10.99 -7.17 -2.81
C ASN A 90 -10.79 -6.32 -1.56
N HIS A 91 -11.42 -6.73 -0.46
CA HIS A 91 -11.30 -6.00 0.80
C HIS A 91 -10.29 -6.68 1.72
N THR A 92 -10.49 -7.98 1.94
CA THR A 92 -9.61 -8.76 2.81
C THR A 92 -8.22 -8.88 2.19
N GLN A 93 -8.20 -9.11 0.88
CA GLN A 93 -6.95 -9.25 0.15
C GLN A 93 -6.04 -8.05 0.37
N VAL A 94 -6.63 -6.86 0.38
CA VAL A 94 -5.88 -5.62 0.58
C VAL A 94 -5.18 -5.61 1.94
N GLN A 95 -5.91 -5.98 2.98
CA GLN A 95 -5.35 -6.00 4.33
C GLN A 95 -4.27 -7.06 4.46
N SER A 96 -4.53 -8.24 3.93
CA SER A 96 -3.57 -9.35 3.99
C SER A 96 -2.26 -8.97 3.34
N THR A 97 -2.34 -8.29 2.19
CA THR A 97 -1.16 -7.87 1.45
C THR A 97 -0.28 -6.96 2.31
N LEU A 98 -0.91 -6.03 3.02
CA LEU A 98 -0.20 -5.11 3.89
C LEU A 98 0.65 -5.85 4.91
N ILE A 99 0.08 -6.91 5.48
CA ILE A 99 0.78 -7.71 6.47
C ILE A 99 2.05 -8.33 5.91
N ALA A 100 1.96 -8.85 4.69
CA ALA A 100 3.11 -9.47 4.03
C ALA A 100 4.24 -8.47 3.83
N LEU A 101 3.89 -7.26 3.39
CA LEU A 101 4.87 -6.21 3.16
C LEU A 101 5.71 -5.94 4.40
N ALA A 102 5.06 -6.00 5.56
CA ALA A 102 5.73 -5.77 6.84
C ALA A 102 6.80 -6.82 7.10
N SER A 103 6.47 -8.08 6.81
CA SER A 103 7.39 -9.18 7.02
C SER A 103 8.68 -8.99 6.22
N GLN A 104 8.55 -8.53 4.99
CA GLN A 104 9.69 -8.29 4.12
C GLN A 104 10.56 -7.15 4.62
N ALA A 105 9.92 -6.02 4.90
CA ALA A 105 10.63 -4.84 5.38
C ALA A 105 11.36 -5.14 6.68
N LYS A 106 10.72 -5.91 7.56
CA LYS A 106 11.30 -6.26 8.84
C LYS A 106 12.58 -7.07 8.66
N THR A 107 12.53 -8.08 7.80
CA THR A 107 13.69 -8.94 7.54
C THR A 107 14.85 -8.14 6.96
N LYS A 108 14.54 -7.28 6.00
CA LYS A 108 15.56 -6.45 5.36
C LYS A 108 16.26 -5.55 6.38
N MET A 1 0.90 -13.15 14.65
CA MET A 1 -0.50 -12.66 14.60
C MET A 1 -0.56 -11.13 14.69
N PRO A 2 0.10 -10.44 13.74
CA PRO A 2 0.13 -8.96 13.72
C PRO A 2 -1.26 -8.37 13.49
N GLN A 3 -2.03 -8.99 12.60
CA GLN A 3 -3.38 -8.52 12.30
C GLN A 3 -4.24 -8.47 13.56
N THR A 4 -4.75 -7.29 13.87
CA THR A 4 -5.61 -7.10 15.04
C THR A 4 -6.52 -5.88 14.85
N GLU A 5 -6.77 -5.53 13.60
CA GLU A 5 -7.63 -4.39 13.28
C GLU A 5 -7.23 -3.15 14.08
N ARG A 6 -5.93 -2.86 14.09
CA ARG A 6 -5.41 -1.71 14.82
C ARG A 6 -3.96 -1.44 14.45
N GLN A 7 -3.16 -2.51 14.37
CA GLN A 7 -1.76 -2.39 14.03
C GLN A 7 -1.59 -1.76 12.65
N LEU A 8 -2.44 -2.18 11.70
CA LEU A 8 -2.39 -1.66 10.34
C LEU A 8 -2.70 -0.17 10.31
N ARG A 9 -3.76 0.23 11.00
CA ARG A 9 -4.16 1.64 11.04
C ARG A 9 -3.27 2.44 11.99
N VAL A 10 -1.99 2.10 12.03
CA VAL A 10 -1.02 2.78 12.88
C VAL A 10 0.38 2.65 12.29
N TRP A 11 0.65 1.48 11.71
CA TRP A 11 1.94 1.20 11.09
C TRP A 11 2.19 2.12 9.91
N ILE A 12 1.38 1.99 8.87
CA ILE A 12 1.53 2.80 7.67
C ILE A 12 1.32 4.28 7.94
N GLU A 13 0.23 4.60 8.65
CA GLU A 13 -0.07 5.99 8.99
C GLU A 13 1.05 6.61 9.80
N GLY A 14 1.55 5.85 10.77
CA GLY A 14 2.63 6.33 11.61
C GLY A 14 3.92 6.54 10.84
N ALA A 15 4.17 5.67 9.87
CA ALA A 15 5.39 5.74 9.06
C ALA A 15 5.55 7.13 8.45
N THR A 16 4.57 7.56 7.67
CA THR A 16 4.62 8.86 7.03
C THR A 16 4.09 9.95 7.97
N GLY A 17 2.79 9.88 8.26
CA GLY A 17 2.17 10.85 9.13
C GLY A 17 0.71 11.07 8.79
N ARG A 18 0.40 10.98 7.50
CA ARG A 18 -0.96 11.17 7.02
C ARG A 18 -1.88 10.06 7.48
N ARG A 19 -3.05 10.43 7.97
CA ARG A 19 -4.04 9.45 8.42
C ARG A 19 -4.83 8.94 7.21
N ILE A 20 -4.98 7.62 7.11
CA ILE A 20 -5.72 7.03 5.99
C ILE A 20 -7.11 7.66 5.86
N GLY A 21 -7.84 7.69 6.98
CA GLY A 21 -9.16 8.28 6.98
C GLY A 21 -10.13 7.52 7.88
N ASP A 22 -11.40 7.54 7.52
CA ASP A 22 -12.43 6.84 8.29
C ASP A 22 -12.49 5.37 7.89
N ASN A 23 -12.45 5.12 6.58
CA ASN A 23 -12.49 3.77 6.06
C ASN A 23 -11.15 3.06 6.29
N PHE A 24 -10.57 2.53 5.21
CA PHE A 24 -9.28 1.84 5.28
C PHE A 24 -8.76 1.59 3.87
N MET A 25 -9.65 1.12 3.00
CA MET A 25 -9.29 0.84 1.62
C MET A 25 -9.31 2.12 0.81
N ASP A 26 -10.30 2.97 1.08
CA ASP A 26 -10.44 4.24 0.37
C ASP A 26 -9.13 5.02 0.37
N GLY A 27 -8.53 5.14 1.56
CA GLY A 27 -7.27 5.86 1.67
C GLY A 27 -6.17 5.23 0.82
N LEU A 28 -6.25 3.91 0.67
CA LEU A 28 -5.27 3.18 -0.12
C LEU A 28 -5.51 3.38 -1.62
N LYS A 29 -6.78 3.52 -1.98
CA LYS A 29 -7.17 3.69 -3.39
C LYS A 29 -6.44 4.84 -4.06
N ASP A 30 -6.53 6.04 -3.47
CA ASP A 30 -5.86 7.21 -4.03
C ASP A 30 -4.36 6.99 -4.13
N GLY A 31 -3.79 6.31 -3.14
CA GLY A 31 -2.36 6.05 -3.14
C GLY A 31 -1.54 7.30 -2.93
N VAL A 32 -0.90 7.38 -1.77
CA VAL A 32 -0.06 8.53 -1.42
C VAL A 32 0.92 8.14 -0.32
N ILE A 33 0.36 7.70 0.80
CA ILE A 33 1.17 7.29 1.93
C ILE A 33 1.85 5.96 1.66
N LEU A 34 1.12 5.03 1.05
CA LEU A 34 1.67 3.72 0.73
C LEU A 34 2.91 3.86 -0.13
N CYS A 35 2.83 4.74 -1.13
CA CYS A 35 3.95 4.98 -2.03
C CYS A 35 5.12 5.56 -1.24
N GLU A 36 4.80 6.44 -0.29
CA GLU A 36 5.80 7.09 0.55
C GLU A 36 6.42 6.08 1.52
N LEU A 37 5.63 5.13 1.98
CA LEU A 37 6.09 4.12 2.92
C LEU A 37 7.11 3.17 2.31
N ILE A 38 6.81 2.65 1.12
CA ILE A 38 7.73 1.73 0.46
C ILE A 38 9.09 2.37 0.22
N ASN A 39 9.11 3.64 -0.12
CA ASN A 39 10.37 4.33 -0.37
C ASN A 39 11.28 4.24 0.86
N LYS A 40 10.66 4.12 2.02
CA LYS A 40 11.38 4.01 3.28
C LYS A 40 12.08 2.65 3.36
N LEU A 41 11.31 1.58 3.19
CA LEU A 41 11.84 0.23 3.25
C LEU A 41 12.69 -0.04 2.02
N GLN A 42 12.08 0.08 0.84
CA GLN A 42 12.79 -0.14 -0.42
C GLN A 42 13.27 1.19 -1.00
N PRO A 43 14.59 1.41 -1.02
CA PRO A 43 15.19 2.63 -1.54
C PRO A 43 14.72 2.98 -2.95
N GLY A 44 14.30 4.23 -3.14
CA GLY A 44 13.86 4.71 -4.44
C GLY A 44 12.82 3.82 -5.10
N SER A 45 11.75 3.51 -4.37
CA SER A 45 10.69 2.67 -4.91
C SER A 45 9.82 3.45 -5.89
N VAL A 46 8.89 4.23 -5.35
CA VAL A 46 7.99 5.03 -6.17
C VAL A 46 8.61 6.37 -6.55
N GLN A 47 8.45 6.76 -7.81
CA GLN A 47 8.99 8.03 -8.29
C GLN A 47 8.25 9.22 -7.68
N LYS A 48 8.00 10.25 -8.47
CA LYS A 48 7.29 11.44 -7.99
C LYS A 48 5.86 11.10 -7.62
N VAL A 49 5.45 11.51 -6.42
CA VAL A 49 4.09 11.25 -5.95
C VAL A 49 3.08 12.11 -6.71
N ASN A 50 2.05 11.45 -7.25
CA ASN A 50 1.02 12.16 -8.00
C ASN A 50 -0.17 12.49 -7.10
N ASP A 51 -0.61 13.74 -7.14
CA ASP A 51 -1.76 14.16 -6.34
C ASP A 51 -3.05 13.59 -6.93
N PRO A 52 -3.85 12.90 -6.11
CA PRO A 52 -5.11 12.31 -6.59
C PRO A 52 -6.14 13.36 -7.00
N VAL A 53 -6.51 13.33 -8.28
CA VAL A 53 -7.49 14.27 -8.83
C VAL A 53 -8.19 13.66 -10.04
N GLN A 54 -7.41 13.28 -11.03
CA GLN A 54 -7.94 12.68 -12.25
C GLN A 54 -8.28 11.20 -12.03
N ASN A 55 -7.73 10.33 -12.87
CA ASN A 55 -7.99 8.90 -12.74
C ASN A 55 -6.69 8.09 -12.81
N TRP A 56 -5.85 8.41 -13.79
CA TRP A 56 -4.58 7.70 -13.95
C TRP A 56 -3.60 8.03 -12.83
N HIS A 57 -3.85 9.14 -12.13
CA HIS A 57 -2.98 9.54 -11.02
C HIS A 57 -2.94 8.45 -9.96
N LYS A 58 -4.10 8.06 -9.46
CA LYS A 58 -4.20 7.04 -8.42
C LYS A 58 -3.68 5.69 -8.93
N LEU A 59 -4.10 5.32 -10.14
CA LEU A 59 -3.69 4.07 -10.75
C LEU A 59 -2.17 3.98 -10.87
N GLU A 60 -1.54 5.11 -11.12
CA GLU A 60 -0.09 5.17 -11.26
C GLU A 60 0.59 5.00 -9.91
N ASN A 61 0.07 5.70 -8.89
CA ASN A 61 0.62 5.62 -7.56
C ASN A 61 0.54 4.19 -7.03
N ILE A 62 -0.59 3.53 -7.30
CA ILE A 62 -0.80 2.16 -6.85
C ILE A 62 0.11 1.20 -7.63
N GLY A 63 0.20 1.42 -8.94
CA GLY A 63 1.03 0.56 -9.77
C GLY A 63 2.46 0.47 -9.29
N ASN A 64 3.05 1.62 -8.96
CA ASN A 64 4.43 1.66 -8.49
C ASN A 64 4.57 0.94 -7.14
N PHE A 65 3.59 1.13 -6.26
CA PHE A 65 3.60 0.52 -4.95
C PHE A 65 3.62 -1.01 -5.05
N LEU A 66 2.68 -1.55 -5.82
CA LEU A 66 2.60 -3.00 -6.01
C LEU A 66 3.80 -3.52 -6.79
N ARG A 67 4.18 -2.81 -7.84
CA ARG A 67 5.31 -3.21 -8.65
C ARG A 67 6.58 -3.31 -7.80
N ALA A 68 6.71 -2.36 -6.88
CA ALA A 68 7.87 -2.32 -5.99
C ALA A 68 7.86 -3.48 -5.00
N ILE A 69 6.71 -3.73 -4.38
CA ILE A 69 6.60 -4.82 -3.40
C ILE A 69 6.67 -6.19 -4.06
N LYS A 70 6.02 -6.33 -5.21
CA LYS A 70 6.03 -7.59 -5.94
C LYS A 70 7.44 -8.00 -6.32
N HIS A 71 8.23 -7.02 -6.74
CA HIS A 71 9.61 -7.25 -7.12
C HIS A 71 10.50 -7.33 -5.89
N TYR A 72 10.15 -6.52 -4.89
CA TYR A 72 10.90 -6.48 -3.65
C TYR A 72 11.07 -7.87 -3.06
N GLY A 73 9.99 -8.66 -3.07
CA GLY A 73 10.05 -10.00 -2.53
C GLY A 73 8.69 -10.66 -2.42
N VAL A 74 7.71 -9.93 -1.92
CA VAL A 74 6.36 -10.48 -1.76
C VAL A 74 5.83 -11.04 -3.07
N LYS A 75 5.38 -12.29 -3.02
CA LYS A 75 4.84 -12.95 -4.21
C LYS A 75 3.46 -12.41 -4.56
N PRO A 76 3.14 -12.34 -5.86
CA PRO A 76 1.84 -11.86 -6.34
C PRO A 76 0.67 -12.61 -5.70
N HIS A 77 0.87 -13.90 -5.44
CA HIS A 77 -0.16 -14.73 -4.83
C HIS A 77 -0.67 -14.11 -3.54
N ASP A 78 0.20 -13.36 -2.86
CA ASP A 78 -0.16 -12.70 -1.62
C ASP A 78 -0.16 -11.19 -1.82
N ILE A 79 -0.64 -10.78 -2.97
CA ILE A 79 -0.70 -9.37 -3.33
C ILE A 79 -1.92 -9.05 -4.17
N PHE A 80 -2.63 -7.99 -3.79
CA PHE A 80 -3.83 -7.57 -4.52
C PHE A 80 -3.43 -6.92 -5.85
N GLU A 81 -4.28 -6.07 -6.38
CA GLU A 81 -4.00 -5.39 -7.63
C GLU A 81 -4.61 -3.99 -7.65
N ALA A 82 -3.94 -3.09 -8.35
CA ALA A 82 -4.40 -1.72 -8.46
C ALA A 82 -5.86 -1.70 -8.89
N ASN A 83 -6.29 -2.76 -9.57
CA ASN A 83 -7.66 -2.86 -10.05
C ASN A 83 -8.61 -3.22 -8.91
N ASP A 84 -8.20 -4.16 -8.08
CA ASP A 84 -9.03 -4.60 -6.96
C ASP A 84 -9.30 -3.45 -6.00
N LEU A 85 -8.26 -2.71 -5.65
CA LEU A 85 -8.36 -1.58 -4.74
C LEU A 85 -9.13 -0.42 -5.37
N PHE A 86 -8.80 -0.11 -6.62
CA PHE A 86 -9.44 1.00 -7.33
C PHE A 86 -10.90 0.71 -7.64
N GLU A 87 -11.16 -0.40 -8.32
CA GLU A 87 -12.52 -0.78 -8.69
C GLU A 87 -13.33 -1.18 -7.46
N ASN A 88 -12.67 -1.27 -6.32
CA ASN A 88 -13.34 -1.65 -5.08
C ASN A 88 -13.92 -3.05 -5.23
N THR A 89 -13.24 -3.89 -6.02
CA THR A 89 -13.68 -5.26 -6.25
C THR A 89 -13.20 -6.20 -5.15
N ASN A 90 -12.07 -5.85 -4.52
CA ASN A 90 -11.51 -6.68 -3.46
C ASN A 90 -11.00 -5.80 -2.32
N HIS A 91 -11.17 -6.28 -1.09
CA HIS A 91 -10.73 -5.54 0.08
C HIS A 91 -9.94 -6.44 1.03
N THR A 92 -10.46 -7.64 1.26
CA THR A 92 -9.80 -8.59 2.14
C THR A 92 -8.37 -8.85 1.70
N GLN A 93 -8.19 -9.04 0.40
CA GLN A 93 -6.87 -9.29 -0.17
C GLN A 93 -5.94 -8.12 0.12
N VAL A 94 -6.47 -6.91 0.02
CA VAL A 94 -5.70 -5.70 0.27
C VAL A 94 -5.18 -5.67 1.71
N GLN A 95 -6.05 -6.00 2.66
CA GLN A 95 -5.70 -6.01 4.06
C GLN A 95 -4.62 -7.05 4.35
N SER A 96 -4.81 -8.26 3.82
CA SER A 96 -3.86 -9.34 4.03
C SER A 96 -2.49 -8.98 3.46
N THR A 97 -2.48 -8.33 2.31
CA THR A 97 -1.23 -7.93 1.66
C THR A 97 -0.37 -7.11 2.62
N LEU A 98 -1.00 -6.20 3.34
CA LEU A 98 -0.29 -5.35 4.29
C LEU A 98 0.39 -6.19 5.37
N ILE A 99 -0.29 -7.25 5.80
CA ILE A 99 0.25 -8.14 6.83
C ILE A 99 1.57 -8.75 6.38
N ALA A 100 1.61 -9.25 5.16
CA ALA A 100 2.81 -9.88 4.62
C ALA A 100 3.95 -8.87 4.52
N LEU A 101 3.64 -7.67 4.03
CA LEU A 101 4.64 -6.62 3.89
C LEU A 101 5.19 -6.18 5.24
N ALA A 102 4.30 -6.11 6.23
CA ALA A 102 4.70 -5.69 7.57
C ALA A 102 5.79 -6.58 8.13
N SER A 103 5.57 -7.89 8.06
CA SER A 103 6.55 -8.87 8.55
C SER A 103 7.82 -8.81 7.72
N GLN A 104 7.66 -8.66 6.41
CA GLN A 104 8.77 -8.61 5.48
C GLN A 104 9.82 -7.57 5.90
N ALA A 105 9.35 -6.36 6.20
CA ALA A 105 10.24 -5.28 6.61
C ALA A 105 11.15 -5.72 7.76
N LYS A 106 10.59 -6.44 8.73
CA LYS A 106 11.33 -6.91 9.87
C LYS A 106 12.28 -8.05 9.50
N THR A 107 11.78 -9.00 8.70
CA THR A 107 12.58 -10.15 8.28
C THR A 107 13.80 -9.73 7.48
N LYS A 108 13.59 -8.87 6.48
CA LYS A 108 14.68 -8.41 5.64
C LYS A 108 15.75 -7.70 6.45
N MET A 1 1.21 -15.31 13.44
CA MET A 1 0.76 -14.18 12.59
C MET A 1 1.04 -12.83 13.27
N PRO A 2 1.58 -11.86 12.52
CA PRO A 2 1.91 -10.54 13.05
C PRO A 2 0.70 -9.83 13.66
N GLN A 3 -0.42 -9.85 12.94
CA GLN A 3 -1.65 -9.21 13.40
C GLN A 3 -2.82 -9.53 12.49
N THR A 4 -3.60 -8.51 12.12
CA THR A 4 -4.75 -8.71 11.25
C THR A 4 -5.13 -7.43 10.52
N GLU A 5 -5.21 -6.32 11.26
CA GLU A 5 -5.57 -5.04 10.67
C GLU A 5 -5.38 -3.89 11.67
N ARG A 6 -5.55 -4.18 12.95
CA ARG A 6 -5.40 -3.16 13.99
C ARG A 6 -4.02 -2.51 13.92
N GLN A 7 -2.98 -3.33 13.78
CA GLN A 7 -1.62 -2.84 13.70
C GLN A 7 -1.37 -2.10 12.39
N LEU A 8 -2.03 -2.54 11.32
CA LEU A 8 -1.87 -1.92 10.01
C LEU A 8 -2.05 -0.40 10.08
N ARG A 9 -3.09 0.04 10.79
CA ARG A 9 -3.38 1.46 10.93
C ARG A 9 -2.23 2.21 11.60
N VAL A 10 -1.77 1.71 12.73
CA VAL A 10 -0.68 2.35 13.47
C VAL A 10 0.62 2.33 12.68
N TRP A 11 0.89 1.22 12.00
CA TRP A 11 2.10 1.06 11.21
C TRP A 11 2.19 2.08 10.06
N ILE A 12 1.36 1.89 9.05
CA ILE A 12 1.37 2.76 7.87
C ILE A 12 1.15 4.23 8.23
N GLU A 13 0.08 4.52 8.96
CA GLU A 13 -0.21 5.90 9.35
C GLU A 13 0.90 6.48 10.21
N GLY A 14 1.37 5.67 11.18
CA GLY A 14 2.43 6.11 12.06
C GLY A 14 3.73 6.36 11.32
N ALA A 15 3.99 5.57 10.29
CA ALA A 15 5.22 5.68 9.51
C ALA A 15 5.41 7.11 8.98
N THR A 16 4.52 7.51 8.07
CA THR A 16 4.60 8.84 7.49
C THR A 16 3.91 9.88 8.38
N GLY A 17 2.61 9.70 8.58
CA GLY A 17 1.85 10.61 9.41
C GLY A 17 0.39 10.67 9.00
N ARG A 18 0.17 10.45 7.70
CA ARG A 18 -1.18 10.47 7.14
C ARG A 18 -2.08 9.45 7.82
N ARG A 19 -3.28 9.88 8.22
CA ARG A 19 -4.23 9.00 8.87
C ARG A 19 -5.14 8.35 7.84
N ILE A 20 -4.57 8.02 6.68
CA ILE A 20 -5.32 7.38 5.59
C ILE A 20 -6.49 8.25 5.13
N GLY A 21 -7.56 8.25 5.93
CA GLY A 21 -8.73 9.03 5.59
C GLY A 21 -9.99 8.52 6.25
N ASP A 22 -11.12 8.61 5.55
CA ASP A 22 -12.39 8.14 6.07
C ASP A 22 -12.45 6.61 6.03
N ASN A 23 -12.17 6.05 4.86
CA ASN A 23 -12.19 4.60 4.67
C ASN A 23 -10.77 4.08 4.47
N PHE A 24 -10.49 2.92 5.06
CA PHE A 24 -9.17 2.31 4.96
C PHE A 24 -8.82 1.98 3.51
N MET A 25 -9.72 1.29 2.83
CA MET A 25 -9.50 0.91 1.42
C MET A 25 -9.56 2.12 0.52
N ASP A 26 -10.67 2.85 0.62
CA ASP A 26 -10.88 4.05 -0.19
C ASP A 26 -9.70 5.01 -0.08
N GLY A 27 -9.13 5.09 1.12
CA GLY A 27 -7.99 5.97 1.34
C GLY A 27 -6.76 5.53 0.57
N LEU A 28 -6.46 4.23 0.60
CA LEU A 28 -5.30 3.68 -0.10
C LEU A 28 -5.39 3.92 -1.60
N LYS A 29 -6.60 4.03 -2.12
CA LYS A 29 -6.84 4.22 -3.55
C LYS A 29 -5.98 5.34 -4.15
N ASP A 30 -5.89 6.47 -3.46
CA ASP A 30 -5.12 7.61 -3.95
C ASP A 30 -3.71 7.21 -4.39
N GLY A 31 -3.10 6.30 -3.63
CA GLY A 31 -1.75 5.87 -3.96
C GLY A 31 -0.73 6.95 -3.70
N VAL A 32 -0.45 7.22 -2.43
CA VAL A 32 0.52 8.23 -2.05
C VAL A 32 1.14 7.87 -0.71
N ILE A 33 0.30 7.62 0.29
CA ILE A 33 0.77 7.27 1.62
C ILE A 33 1.54 5.97 1.58
N LEU A 34 0.98 4.96 0.91
CA LEU A 34 1.64 3.66 0.80
C LEU A 34 2.94 3.81 0.02
N CYS A 35 2.89 4.54 -1.09
CA CYS A 35 4.07 4.78 -1.90
C CYS A 35 5.13 5.46 -1.07
N GLU A 36 4.70 6.39 -0.22
CA GLU A 36 5.59 7.12 0.67
C GLU A 36 6.20 6.18 1.72
N LEU A 37 5.40 5.24 2.19
CA LEU A 37 5.84 4.28 3.20
C LEU A 37 6.89 3.32 2.66
N ILE A 38 6.61 2.73 1.50
CA ILE A 38 7.54 1.79 0.89
C ILE A 38 8.91 2.43 0.64
N ASN A 39 8.91 3.69 0.25
CA ASN A 39 10.16 4.41 -0.01
C ASN A 39 11.08 4.32 1.21
N LYS A 40 10.48 4.19 2.39
CA LYS A 40 11.21 4.09 3.63
C LYS A 40 11.98 2.78 3.70
N LEU A 41 11.25 1.68 3.50
CA LEU A 41 11.84 0.35 3.55
C LEU A 41 12.63 0.07 2.27
N GLN A 42 11.95 0.16 1.13
CA GLN A 42 12.58 -0.09 -0.16
C GLN A 42 13.03 1.22 -0.81
N PRO A 43 14.36 1.42 -0.91
CA PRO A 43 14.94 2.63 -1.50
C PRO A 43 14.44 2.91 -2.91
N GLY A 44 14.02 4.15 -3.16
CA GLY A 44 13.55 4.54 -4.48
C GLY A 44 12.43 3.68 -5.00
N SER A 45 11.41 3.45 -4.18
CA SER A 45 10.26 2.64 -4.60
C SER A 45 9.36 3.41 -5.56
N VAL A 46 9.10 4.68 -5.24
CA VAL A 46 8.26 5.54 -6.06
C VAL A 46 8.79 6.97 -6.07
N GLN A 47 8.91 7.54 -7.25
CA GLN A 47 9.40 8.91 -7.39
C GLN A 47 8.35 9.90 -6.88
N LYS A 48 8.08 10.95 -7.64
CA LYS A 48 7.08 11.94 -7.24
C LYS A 48 5.68 11.37 -7.40
N VAL A 49 4.93 11.35 -6.31
CA VAL A 49 3.57 10.83 -6.34
C VAL A 49 2.59 11.87 -6.90
N ASN A 50 1.77 11.44 -7.86
CA ASN A 50 0.79 12.32 -8.48
C ASN A 50 -0.35 12.62 -7.52
N ASP A 51 -0.71 13.88 -7.39
CA ASP A 51 -1.80 14.28 -6.50
C ASP A 51 -3.12 13.67 -6.97
N PRO A 52 -3.85 12.98 -6.07
CA PRO A 52 -5.13 12.34 -6.41
C PRO A 52 -6.21 13.36 -6.70
N VAL A 53 -6.71 13.34 -7.95
CA VAL A 53 -7.77 14.24 -8.39
C VAL A 53 -8.55 13.62 -9.53
N GLN A 54 -7.84 13.24 -10.58
CA GLN A 54 -8.44 12.62 -11.75
C GLN A 54 -8.82 11.16 -11.45
N ASN A 55 -8.32 10.24 -12.26
CA ASN A 55 -8.62 8.82 -12.07
C ASN A 55 -7.36 7.97 -12.28
N TRP A 56 -6.63 8.26 -13.35
CA TRP A 56 -5.42 7.52 -13.67
C TRP A 56 -4.27 7.91 -12.73
N HIS A 57 -4.37 9.09 -12.12
CA HIS A 57 -3.34 9.55 -11.20
C HIS A 57 -3.11 8.54 -10.08
N LYS A 58 -4.21 8.11 -9.46
CA LYS A 58 -4.14 7.14 -8.38
C LYS A 58 -3.56 5.82 -8.85
N LEU A 59 -4.06 5.32 -9.97
CA LEU A 59 -3.61 4.07 -10.55
C LEU A 59 -2.12 4.10 -10.86
N GLU A 60 -1.60 5.28 -11.20
CA GLU A 60 -0.19 5.43 -11.52
C GLU A 60 0.69 5.01 -10.35
N ASN A 61 0.44 5.62 -9.19
CA ASN A 61 1.21 5.31 -7.99
C ASN A 61 0.93 3.89 -7.51
N ILE A 62 -0.33 3.46 -7.65
CA ILE A 62 -0.71 2.11 -7.24
C ILE A 62 0.11 1.07 -7.97
N GLY A 63 0.29 1.26 -9.28
CA GLY A 63 1.06 0.33 -10.07
C GLY A 63 2.50 0.24 -9.62
N ASN A 64 3.11 1.40 -9.37
CA ASN A 64 4.50 1.46 -8.92
C ASN A 64 4.66 0.81 -7.56
N PHE A 65 3.73 1.08 -6.65
CA PHE A 65 3.77 0.53 -5.31
C PHE A 65 3.70 -0.99 -5.33
N LEU A 66 2.70 -1.52 -6.04
CA LEU A 66 2.52 -2.96 -6.14
C LEU A 66 3.69 -3.62 -6.86
N ARG A 67 4.12 -3.03 -7.96
CA ARG A 67 5.24 -3.56 -8.72
C ARG A 67 6.49 -3.62 -7.85
N ALA A 68 6.63 -2.62 -6.99
CA ALA A 68 7.77 -2.53 -6.08
C ALA A 68 7.70 -3.61 -5.00
N ILE A 69 6.52 -3.80 -4.41
CA ILE A 69 6.35 -4.79 -3.35
C ILE A 69 6.42 -6.21 -3.90
N LYS A 70 5.83 -6.43 -5.07
CA LYS A 70 5.84 -7.73 -5.72
C LYS A 70 7.27 -8.16 -5.99
N HIS A 71 8.09 -7.20 -6.42
CA HIS A 71 9.49 -7.45 -6.71
C HIS A 71 10.31 -7.47 -5.43
N TYR A 72 9.91 -6.64 -4.49
CA TYR A 72 10.58 -6.53 -3.20
C TYR A 72 10.74 -7.90 -2.56
N GLY A 73 9.68 -8.70 -2.61
CA GLY A 73 9.73 -10.02 -2.03
C GLY A 73 8.36 -10.66 -1.90
N VAL A 74 7.38 -9.87 -1.48
CA VAL A 74 6.02 -10.36 -1.30
C VAL A 74 5.50 -10.98 -2.60
N LYS A 75 4.97 -12.20 -2.49
CA LYS A 75 4.44 -12.90 -3.64
C LYS A 75 3.10 -12.30 -4.09
N PRO A 76 2.85 -12.29 -5.41
CA PRO A 76 1.61 -11.75 -5.98
C PRO A 76 0.36 -12.38 -5.35
N HIS A 77 0.45 -13.66 -5.04
CA HIS A 77 -0.66 -14.39 -4.43
C HIS A 77 -1.15 -13.68 -3.18
N ASP A 78 -0.26 -12.95 -2.52
CA ASP A 78 -0.60 -12.21 -1.32
C ASP A 78 -0.46 -10.72 -1.58
N ILE A 79 -0.90 -10.31 -2.76
CA ILE A 79 -0.81 -8.91 -3.16
C ILE A 79 -2.01 -8.52 -4.03
N PHE A 80 -2.65 -7.41 -3.66
CA PHE A 80 -3.81 -6.92 -4.41
C PHE A 80 -3.36 -6.20 -5.67
N GLU A 81 -4.13 -6.37 -6.74
CA GLU A 81 -3.81 -5.72 -8.00
C GLU A 81 -4.33 -4.29 -8.00
N ALA A 82 -3.74 -3.46 -8.85
CA ALA A 82 -4.15 -2.07 -8.95
C ALA A 82 -5.65 -1.96 -9.16
N ASN A 83 -6.25 -3.04 -9.68
CA ASN A 83 -7.68 -3.07 -9.93
C ASN A 83 -8.46 -3.42 -8.66
N ASP A 84 -7.90 -4.33 -7.86
CA ASP A 84 -8.56 -4.77 -6.63
C ASP A 84 -8.81 -3.59 -5.70
N LEU A 85 -7.78 -2.78 -5.45
CA LEU A 85 -7.90 -1.63 -4.57
C LEU A 85 -8.74 -0.53 -5.18
N PHE A 86 -8.46 -0.20 -6.45
CA PHE A 86 -9.18 0.85 -7.15
C PHE A 86 -10.67 0.53 -7.25
N GLU A 87 -10.99 -0.71 -7.61
CA GLU A 87 -12.39 -1.12 -7.74
C GLU A 87 -12.99 -1.40 -6.37
N ASN A 88 -12.11 -1.61 -5.39
CA ASN A 88 -12.54 -1.89 -4.02
C ASN A 88 -13.29 -3.22 -3.96
N THR A 89 -12.87 -4.15 -4.82
CA THR A 89 -13.51 -5.47 -4.86
C THR A 89 -12.84 -6.43 -3.90
N ASN A 90 -11.51 -6.51 -3.96
CA ASN A 90 -10.76 -7.41 -3.09
C ASN A 90 -10.31 -6.71 -1.80
N HIS A 91 -11.29 -6.24 -1.02
CA HIS A 91 -10.99 -5.56 0.25
C HIS A 91 -10.10 -6.42 1.13
N THR A 92 -10.49 -7.68 1.32
CA THR A 92 -9.73 -8.60 2.15
C THR A 92 -8.31 -8.78 1.63
N GLN A 93 -8.18 -8.92 0.31
CA GLN A 93 -6.88 -9.10 -0.32
C GLN A 93 -5.95 -7.95 0.06
N VAL A 94 -6.48 -6.74 0.04
CA VAL A 94 -5.69 -5.55 0.38
C VAL A 94 -5.18 -5.64 1.82
N GLN A 95 -6.05 -6.05 2.73
CA GLN A 95 -5.71 -6.18 4.12
C GLN A 95 -4.56 -7.18 4.32
N SER A 96 -4.68 -8.33 3.68
CA SER A 96 -3.66 -9.37 3.80
C SER A 96 -2.34 -8.92 3.19
N THR A 97 -2.42 -8.20 2.07
CA THR A 97 -1.23 -7.73 1.38
C THR A 97 -0.32 -6.93 2.32
N LEU A 98 -0.91 -6.01 3.07
CA LEU A 98 -0.15 -5.18 4.00
C LEU A 98 0.57 -6.04 5.03
N ILE A 99 -0.12 -7.05 5.55
CA ILE A 99 0.47 -7.95 6.54
C ILE A 99 1.71 -8.65 5.98
N ALA A 100 1.60 -9.12 4.74
CA ALA A 100 2.71 -9.81 4.08
C ALA A 100 3.92 -8.89 3.94
N LEU A 101 3.67 -7.65 3.51
CA LEU A 101 4.73 -6.67 3.33
C LEU A 101 5.45 -6.40 4.65
N ALA A 102 4.68 -6.34 5.73
CA ALA A 102 5.21 -6.09 7.06
C ALA A 102 6.22 -7.16 7.44
N SER A 103 5.89 -8.41 7.14
CA SER A 103 6.76 -9.54 7.44
C SER A 103 8.12 -9.36 6.77
N GLN A 104 8.11 -8.87 5.54
CA GLN A 104 9.33 -8.67 4.79
C GLN A 104 10.22 -7.64 5.47
N ALA A 105 9.65 -6.49 5.81
CA ALA A 105 10.40 -5.43 6.46
C ALA A 105 11.21 -5.94 7.65
N LYS A 106 10.61 -6.84 8.41
CA LYS A 106 11.28 -7.40 9.59
C LYS A 106 12.41 -8.34 9.20
N THR A 107 12.13 -9.22 8.24
CA THR A 107 13.12 -10.19 7.77
C THR A 107 14.31 -9.53 7.09
N LYS A 108 14.03 -8.59 6.18
CA LYS A 108 15.09 -7.89 5.46
C LYS A 108 16.05 -7.21 6.43
N MET A 1 0.58 -13.56 12.80
CA MET A 1 0.47 -13.13 14.21
C MET A 1 -0.19 -11.75 14.34
N PRO A 2 0.26 -10.75 13.55
CA PRO A 2 -0.30 -9.39 13.59
C PRO A 2 -1.79 -9.38 13.26
N GLN A 3 -2.56 -8.66 14.06
CA GLN A 3 -4.01 -8.56 13.85
C GLN A 3 -4.31 -7.93 12.50
N THR A 4 -5.32 -8.47 11.82
CA THR A 4 -5.71 -7.97 10.51
C THR A 4 -6.14 -6.50 10.58
N GLU A 5 -7.06 -6.19 11.49
CA GLU A 5 -7.56 -4.84 11.64
C GLU A 5 -6.51 -3.92 12.26
N ARG A 6 -5.96 -4.32 13.40
CA ARG A 6 -4.95 -3.53 14.09
C ARG A 6 -3.61 -3.66 13.36
N GLN A 7 -2.59 -2.95 13.86
CA GLN A 7 -1.25 -2.98 13.27
C GLN A 7 -1.21 -2.19 11.96
N LEU A 8 -2.20 -2.41 11.09
CA LEU A 8 -2.26 -1.72 9.81
C LEU A 8 -2.61 -0.24 10.01
N ARG A 9 -3.62 0.02 10.84
CA ARG A 9 -4.05 1.39 11.11
C ARG A 9 -3.10 2.10 12.08
N VAL A 10 -1.82 1.75 11.99
CA VAL A 10 -0.79 2.34 12.85
C VAL A 10 0.57 2.28 12.16
N TRP A 11 0.81 1.18 11.48
CA TRP A 11 2.07 0.97 10.77
C TRP A 11 2.26 1.98 9.62
N ILE A 12 1.47 1.82 8.57
CA ILE A 12 1.58 2.69 7.40
C ILE A 12 1.42 4.16 7.79
N GLU A 13 0.42 4.44 8.62
CA GLU A 13 0.16 5.81 9.06
C GLU A 13 1.36 6.37 9.80
N GLY A 14 1.98 5.54 10.63
CA GLY A 14 3.14 5.96 11.39
C GLY A 14 4.32 6.34 10.51
N ALA A 15 4.54 5.57 9.45
CA ALA A 15 5.65 5.83 8.54
C ALA A 15 5.61 7.24 7.97
N THR A 16 4.53 7.55 7.25
CA THR A 16 4.37 8.87 6.65
C THR A 16 3.91 9.90 7.67
N GLY A 17 2.80 9.59 8.35
CA GLY A 17 2.26 10.49 9.34
C GLY A 17 0.93 11.07 8.90
N ARG A 18 0.11 10.22 8.28
CA ARG A 18 -1.21 10.65 7.80
C ARG A 18 -2.27 9.63 8.17
N ARG A 19 -3.43 10.12 8.60
CA ARG A 19 -4.53 9.24 8.97
C ARG A 19 -5.27 8.77 7.72
N ILE A 20 -4.54 8.71 6.60
CA ILE A 20 -5.08 8.28 5.32
C ILE A 20 -6.24 9.17 4.88
N GLY A 21 -7.40 8.96 5.49
CA GLY A 21 -8.58 9.74 5.16
C GLY A 21 -9.87 9.10 5.63
N ASP A 22 -10.89 9.18 4.80
CA ASP A 22 -12.19 8.59 5.12
C ASP A 22 -12.12 7.07 5.07
N ASN A 23 -12.77 6.41 6.04
CA ASN A 23 -12.77 4.95 6.11
C ASN A 23 -11.35 4.41 6.23
N PHE A 24 -10.99 3.49 5.33
CA PHE A 24 -9.65 2.90 5.33
C PHE A 24 -9.31 2.31 3.97
N MET A 25 -10.22 1.50 3.44
CA MET A 25 -10.01 0.89 2.13
C MET A 25 -10.11 1.93 1.02
N ASP A 26 -11.17 2.72 1.08
CA ASP A 26 -11.42 3.78 0.10
C ASP A 26 -10.27 4.79 0.12
N GLY A 27 -9.70 5.01 1.30
CA GLY A 27 -8.61 5.96 1.42
C GLY A 27 -7.37 5.52 0.65
N LEU A 28 -7.06 4.23 0.74
CA LEU A 28 -5.90 3.67 0.06
C LEU A 28 -5.99 3.84 -1.46
N LYS A 29 -7.21 3.92 -1.96
CA LYS A 29 -7.46 4.07 -3.40
C LYS A 29 -6.61 5.18 -4.03
N ASP A 30 -6.56 6.33 -3.36
CA ASP A 30 -5.80 7.46 -3.87
C ASP A 30 -4.34 7.10 -4.15
N GLY A 31 -3.80 6.17 -3.36
CA GLY A 31 -2.43 5.76 -3.54
C GLY A 31 -1.45 6.91 -3.34
N VAL A 32 -1.02 7.09 -2.09
CA VAL A 32 -0.08 8.16 -1.75
C VAL A 32 0.71 7.78 -0.51
N ILE A 33 0.00 7.49 0.58
CA ILE A 33 0.64 7.12 1.83
C ILE A 33 1.34 5.78 1.69
N LEU A 34 0.66 4.81 1.07
CA LEU A 34 1.25 3.49 0.87
C LEU A 34 2.50 3.60 0.01
N CYS A 35 2.37 4.38 -1.07
CA CYS A 35 3.49 4.60 -1.98
C CYS A 35 4.65 5.22 -1.23
N GLU A 36 4.34 6.19 -0.38
CA GLU A 36 5.33 6.87 0.43
C GLU A 36 5.95 5.91 1.45
N LEU A 37 5.14 4.97 1.94
CA LEU A 37 5.58 3.99 2.92
C LEU A 37 6.71 3.13 2.38
N ILE A 38 6.49 2.48 1.25
CA ILE A 38 7.49 1.63 0.64
C ILE A 38 8.74 2.42 0.31
N ASN A 39 8.56 3.64 -0.16
CA ASN A 39 9.68 4.51 -0.51
C ASN A 39 10.58 4.72 0.69
N LYS A 40 10.00 4.60 1.89
CA LYS A 40 10.74 4.77 3.12
C LYS A 40 11.61 3.55 3.38
N LEU A 41 11.00 2.37 3.32
CA LEU A 41 11.70 1.12 3.55
C LEU A 41 12.62 0.80 2.38
N GLN A 42 12.03 0.65 1.20
CA GLN A 42 12.79 0.35 0.00
C GLN A 42 13.25 1.64 -0.68
N PRO A 43 14.57 1.88 -0.72
CA PRO A 43 15.14 3.07 -1.33
C PRO A 43 14.63 3.31 -2.75
N GLY A 44 14.13 4.53 -3.00
CA GLY A 44 13.64 4.88 -4.32
C GLY A 44 12.61 3.91 -4.85
N SER A 45 11.54 3.68 -4.10
CA SER A 45 10.49 2.77 -4.52
C SER A 45 9.67 3.37 -5.66
N VAL A 46 8.68 4.19 -5.30
CA VAL A 46 7.81 4.83 -6.29
C VAL A 46 8.39 6.17 -6.76
N GLN A 47 8.83 7.00 -5.81
CA GLN A 47 9.41 8.30 -6.11
C GLN A 47 8.42 9.23 -6.82
N LYS A 48 8.54 10.53 -6.54
CA LYS A 48 7.69 11.56 -7.13
C LYS A 48 6.26 11.51 -6.60
N VAL A 49 5.54 10.45 -6.94
CA VAL A 49 4.15 10.28 -6.52
C VAL A 49 3.25 11.35 -7.13
N ASN A 50 2.23 10.91 -7.86
CA ASN A 50 1.29 11.82 -8.50
C ASN A 50 0.14 12.18 -7.55
N ASP A 51 -0.23 13.45 -7.51
CA ASP A 51 -1.32 13.91 -6.66
C ASP A 51 -2.63 13.32 -7.16
N PRO A 52 -3.49 12.82 -6.25
CA PRO A 52 -4.78 12.23 -6.60
C PRO A 52 -5.82 13.26 -7.03
N VAL A 53 -5.41 14.21 -7.86
CA VAL A 53 -6.32 15.25 -8.33
C VAL A 53 -7.38 14.66 -9.25
N GLN A 54 -6.94 14.07 -10.36
CA GLN A 54 -7.85 13.46 -11.32
C GLN A 54 -8.28 12.07 -10.86
N ASN A 55 -7.91 11.04 -11.62
CA ASN A 55 -8.27 9.67 -11.29
C ASN A 55 -7.17 8.70 -11.70
N TRP A 56 -6.59 8.91 -12.87
CA TRP A 56 -5.53 8.04 -13.37
C TRP A 56 -4.31 8.09 -12.45
N HIS A 57 -4.10 9.24 -11.80
CA HIS A 57 -2.97 9.40 -10.89
C HIS A 57 -2.95 8.27 -9.87
N LYS A 58 -4.12 7.98 -9.29
CA LYS A 58 -4.24 6.92 -8.30
C LYS A 58 -3.77 5.59 -8.88
N LEU A 59 -4.26 5.27 -10.07
CA LEU A 59 -3.91 4.03 -10.75
C LEU A 59 -2.39 3.93 -10.95
N GLU A 60 -1.74 5.08 -11.10
CA GLU A 60 -0.30 5.12 -11.30
C GLU A 60 0.44 4.85 -9.99
N ASN A 61 0.04 5.55 -8.94
CA ASN A 61 0.67 5.38 -7.64
C ASN A 61 0.50 3.96 -7.14
N ILE A 62 -0.71 3.42 -7.28
CA ILE A 62 -0.98 2.06 -6.84
C ILE A 62 -0.06 1.07 -7.56
N GLY A 63 0.14 1.32 -8.85
CA GLY A 63 1.00 0.45 -9.64
C GLY A 63 2.43 0.44 -9.13
N ASN A 64 2.94 1.62 -8.77
CA ASN A 64 4.30 1.75 -8.27
C ASN A 64 4.49 0.97 -6.97
N PHE A 65 3.51 1.10 -6.08
CA PHE A 65 3.57 0.42 -4.78
C PHE A 65 3.56 -1.10 -4.94
N LEU A 66 2.61 -1.60 -5.74
CA LEU A 66 2.49 -3.04 -5.96
C LEU A 66 3.65 -3.62 -6.74
N ARG A 67 4.07 -2.93 -7.79
CA ARG A 67 5.19 -3.42 -8.61
C ARG A 67 6.45 -3.53 -7.75
N ALA A 68 6.63 -2.55 -6.87
CA ALA A 68 7.78 -2.52 -5.99
C ALA A 68 7.75 -3.63 -4.95
N ILE A 69 6.60 -3.81 -4.30
CA ILE A 69 6.46 -4.84 -3.27
C ILE A 69 6.43 -6.25 -3.86
N LYS A 70 5.72 -6.40 -4.98
CA LYS A 70 5.60 -7.68 -5.65
C LYS A 70 6.97 -8.23 -6.04
N HIS A 71 7.86 -7.31 -6.41
CA HIS A 71 9.22 -7.68 -6.80
C HIS A 71 10.14 -7.65 -5.59
N TYR A 72 9.85 -6.74 -4.66
CA TYR A 72 10.64 -6.58 -3.45
C TYR A 72 10.83 -7.90 -2.73
N GLY A 73 9.75 -8.68 -2.62
CA GLY A 73 9.84 -9.96 -1.93
C GLY A 73 8.53 -10.73 -1.93
N VAL A 74 7.43 -10.04 -1.68
CA VAL A 74 6.13 -10.69 -1.64
C VAL A 74 5.86 -11.46 -2.93
N LYS A 75 5.64 -12.77 -2.80
CA LYS A 75 5.39 -13.63 -3.95
C LYS A 75 4.05 -13.32 -4.62
N PRO A 76 3.99 -13.41 -5.96
CA PRO A 76 2.76 -13.13 -6.73
C PRO A 76 1.65 -14.11 -6.38
N HIS A 77 1.02 -13.89 -5.23
CA HIS A 77 -0.07 -14.74 -4.76
C HIS A 77 -0.77 -14.08 -3.58
N ASP A 78 0.00 -13.32 -2.81
CA ASP A 78 -0.53 -12.61 -1.66
C ASP A 78 -0.49 -11.12 -1.94
N ILE A 79 -0.79 -10.77 -3.17
CA ILE A 79 -0.76 -9.38 -3.61
C ILE A 79 -1.93 -9.08 -4.55
N PHE A 80 -2.64 -8.00 -4.26
CA PHE A 80 -3.75 -7.59 -5.10
C PHE A 80 -3.23 -6.85 -6.33
N GLU A 81 -4.04 -5.96 -6.89
CA GLU A 81 -3.64 -5.18 -8.06
C GLU A 81 -4.34 -3.84 -8.06
N ALA A 82 -3.83 -2.93 -8.87
CA ALA A 82 -4.40 -1.60 -8.98
C ALA A 82 -5.91 -1.67 -9.19
N ASN A 83 -6.38 -2.78 -9.75
CA ASN A 83 -7.80 -2.97 -10.01
C ASN A 83 -8.55 -3.38 -8.74
N ASP A 84 -7.94 -4.26 -7.96
CA ASP A 84 -8.57 -4.75 -6.74
C ASP A 84 -8.91 -3.61 -5.77
N LEU A 85 -7.92 -2.77 -5.48
CA LEU A 85 -8.11 -1.64 -4.57
C LEU A 85 -9.01 -0.57 -5.18
N PHE A 86 -8.72 -0.22 -6.45
CA PHE A 86 -9.49 0.81 -7.14
C PHE A 86 -10.96 0.42 -7.28
N GLU A 87 -11.21 -0.82 -7.71
CA GLU A 87 -12.57 -1.30 -7.88
C GLU A 87 -13.19 -1.66 -6.53
N ASN A 88 -12.33 -1.80 -5.53
CA ASN A 88 -12.78 -2.14 -4.18
C ASN A 88 -13.38 -3.54 -4.17
N THR A 89 -12.80 -4.43 -4.98
CA THR A 89 -13.27 -5.80 -5.06
C THR A 89 -12.60 -6.70 -4.03
N ASN A 90 -11.27 -6.66 -3.98
CA ASN A 90 -10.50 -7.47 -3.05
C ASN A 90 -10.22 -6.74 -1.74
N HIS A 91 -11.28 -6.41 -1.00
CA HIS A 91 -11.13 -5.71 0.28
C HIS A 91 -10.20 -6.48 1.22
N THR A 92 -10.45 -7.79 1.36
CA THR A 92 -9.65 -8.64 2.22
C THR A 92 -8.20 -8.72 1.75
N GLN A 93 -8.02 -8.89 0.44
CA GLN A 93 -6.68 -8.98 -0.15
C GLN A 93 -5.86 -7.74 0.14
N VAL A 94 -6.51 -6.58 0.14
CA VAL A 94 -5.82 -5.31 0.38
C VAL A 94 -5.06 -5.34 1.71
N GLN A 95 -5.73 -5.78 2.78
CA GLN A 95 -5.11 -5.86 4.09
C GLN A 95 -4.11 -7.00 4.15
N SER A 96 -4.47 -8.13 3.55
CA SER A 96 -3.61 -9.31 3.54
C SER A 96 -2.24 -8.99 2.95
N THR A 97 -2.24 -8.23 1.86
CA THR A 97 -0.99 -7.86 1.19
C THR A 97 -0.08 -7.08 2.14
N LEU A 98 -0.66 -6.11 2.85
CA LEU A 98 0.11 -5.30 3.79
C LEU A 98 0.71 -6.17 4.89
N ILE A 99 -0.10 -7.05 5.46
CA ILE A 99 0.37 -7.95 6.53
C ILE A 99 1.57 -8.76 6.08
N ALA A 100 1.51 -9.31 4.86
CA ALA A 100 2.59 -10.11 4.33
C ALA A 100 3.87 -9.28 4.17
N LEU A 101 3.72 -8.07 3.64
CA LEU A 101 4.86 -7.18 3.43
C LEU A 101 5.52 -6.83 4.76
N ALA A 102 4.71 -6.75 5.82
CA ALA A 102 5.22 -6.42 7.15
C ALA A 102 6.35 -7.36 7.55
N SER A 103 6.19 -8.64 7.22
CA SER A 103 7.20 -9.64 7.54
C SER A 103 8.54 -9.27 6.91
N GLN A 104 8.49 -8.68 5.71
CA GLN A 104 9.69 -8.28 5.01
C GLN A 104 10.47 -7.21 5.78
N ALA A 105 9.78 -6.14 6.14
CA ALA A 105 10.40 -5.05 6.88
C ALA A 105 10.56 -5.39 8.36
N LYS A 106 10.94 -6.63 8.64
CA LYS A 106 11.12 -7.09 10.01
C LYS A 106 12.39 -6.47 10.62
N THR A 107 13.50 -6.55 9.89
CA THR A 107 14.77 -6.00 10.34
C THR A 107 15.66 -5.63 9.16
N LYS A 108 15.05 -5.15 8.09
CA LYS A 108 15.79 -4.74 6.90
C LYS A 108 16.60 -3.47 7.15
N MET A 1 2.92 -11.05 12.10
CA MET A 1 1.82 -10.44 11.31
C MET A 1 0.72 -9.88 12.21
N PRO A 2 0.26 -8.65 11.94
CA PRO A 2 -0.79 -8.00 12.74
C PRO A 2 -2.09 -8.79 12.73
N GLN A 3 -2.61 -9.09 13.92
CA GLN A 3 -3.85 -9.84 14.05
C GLN A 3 -5.06 -8.95 13.74
N THR A 4 -5.08 -7.76 14.34
CA THR A 4 -6.17 -6.82 14.15
C THR A 4 -5.78 -5.73 13.16
N GLU A 5 -6.75 -5.30 12.35
CA GLU A 5 -6.52 -4.25 11.36
C GLU A 5 -5.97 -2.99 12.02
N ARG A 6 -6.18 -2.88 13.33
CA ARG A 6 -5.71 -1.72 14.09
C ARG A 6 -4.21 -1.53 13.92
N GLN A 7 -3.45 -2.60 14.09
CA GLN A 7 -2.01 -2.56 13.96
C GLN A 7 -1.61 -2.11 12.55
N LEU A 8 -2.49 -2.34 11.59
CA LEU A 8 -2.24 -1.97 10.21
C LEU A 8 -2.29 -0.46 10.02
N ARG A 9 -3.38 0.15 10.49
CA ARG A 9 -3.55 1.60 10.38
C ARG A 9 -2.50 2.35 11.19
N VAL A 10 -2.30 1.93 12.44
CA VAL A 10 -1.31 2.57 13.30
C VAL A 10 0.06 2.55 12.65
N TRP A 11 0.40 1.41 12.08
CA TRP A 11 1.68 1.22 11.41
C TRP A 11 1.84 2.17 10.22
N ILE A 12 1.07 1.90 9.18
CA ILE A 12 1.13 2.69 7.94
C ILE A 12 0.97 4.19 8.21
N GLU A 13 -0.09 4.55 8.91
CA GLU A 13 -0.35 5.97 9.22
C GLU A 13 0.80 6.57 10.01
N GLY A 14 1.28 5.83 11.00
CA GLY A 14 2.37 6.30 11.83
C GLY A 14 3.66 6.50 11.05
N ALA A 15 3.91 5.62 10.09
CA ALA A 15 5.11 5.70 9.27
C ALA A 15 5.25 7.07 8.60
N THR A 16 4.25 7.43 7.81
CA THR A 16 4.25 8.72 7.12
C THR A 16 3.76 9.84 8.02
N GLY A 17 2.48 9.77 8.37
CA GLY A 17 1.89 10.78 9.23
C GLY A 17 0.40 10.95 8.95
N ARG A 18 0.04 10.83 7.68
CA ARG A 18 -1.33 10.96 7.25
C ARG A 18 -2.20 9.86 7.85
N ARG A 19 -3.36 10.24 8.38
CA ARG A 19 -4.29 9.28 8.98
C ARG A 19 -5.15 8.63 7.91
N ILE A 20 -4.59 8.48 6.71
CA ILE A 20 -5.30 7.86 5.58
C ILE A 20 -6.42 8.75 5.04
N GLY A 21 -7.18 9.37 5.94
CA GLY A 21 -8.26 10.24 5.53
C GLY A 21 -9.43 9.48 4.91
N ASP A 22 -10.64 9.88 5.28
CA ASP A 22 -11.85 9.24 4.76
C ASP A 22 -11.89 7.74 5.11
N ASN A 23 -12.42 6.93 4.21
CA ASN A 23 -12.52 5.50 4.42
C ASN A 23 -11.14 4.85 4.46
N PHE A 24 -11.04 3.80 5.27
CA PHE A 24 -9.77 3.07 5.43
C PHE A 24 -9.27 2.53 4.09
N MET A 25 -10.18 1.90 3.34
CA MET A 25 -9.83 1.32 2.04
C MET A 25 -9.71 2.41 0.98
N ASP A 26 -10.69 3.29 0.93
CA ASP A 26 -10.74 4.38 -0.04
C ASP A 26 -9.43 5.17 -0.04
N GLY A 27 -8.96 5.53 1.15
CA GLY A 27 -7.74 6.29 1.27
C GLY A 27 -6.56 5.61 0.59
N LEU A 28 -6.57 4.29 0.59
CA LEU A 28 -5.50 3.51 -0.02
C LEU A 28 -5.52 3.63 -1.54
N LYS A 29 -6.71 3.70 -2.13
CA LYS A 29 -6.86 3.80 -3.58
C LYS A 29 -6.06 4.97 -4.16
N ASP A 30 -6.26 6.17 -3.61
CA ASP A 30 -5.55 7.35 -4.11
C ASP A 30 -4.05 7.11 -4.14
N GLY A 31 -3.56 6.31 -3.19
CA GLY A 31 -2.15 6.00 -3.13
C GLY A 31 -1.29 7.21 -2.85
N VAL A 32 -0.76 7.29 -1.64
CA VAL A 32 0.10 8.40 -1.22
C VAL A 32 0.99 7.95 -0.08
N ILE A 33 0.36 7.50 1.00
CA ILE A 33 1.06 7.03 2.17
C ILE A 33 1.69 5.66 1.94
N LEU A 34 0.94 4.77 1.29
CA LEU A 34 1.45 3.44 1.01
C LEU A 34 2.75 3.51 0.23
N CYS A 35 2.78 4.36 -0.80
CA CYS A 35 3.99 4.54 -1.58
C CYS A 35 5.11 5.07 -0.71
N GLU A 36 4.79 6.09 0.08
CA GLU A 36 5.74 6.70 0.98
C GLU A 36 6.24 5.68 2.01
N LEU A 37 5.36 4.76 2.38
CA LEU A 37 5.68 3.73 3.35
C LEU A 37 6.73 2.76 2.80
N ILE A 38 6.50 2.25 1.59
CA ILE A 38 7.44 1.32 0.97
C ILE A 38 8.78 2.00 0.72
N ASN A 39 8.74 3.27 0.31
CA ASN A 39 9.95 4.03 0.06
C ASN A 39 10.82 4.09 1.32
N LYS A 40 10.18 3.94 2.47
CA LYS A 40 10.87 3.96 3.75
C LYS A 40 11.66 2.68 3.94
N LEU A 41 10.99 1.55 3.73
CA LEU A 41 11.60 0.24 3.88
C LEU A 41 12.59 -0.01 2.74
N GLN A 42 12.07 0.03 1.51
CA GLN A 42 12.90 -0.19 0.33
C GLN A 42 13.63 1.10 -0.04
N PRO A 43 14.92 0.97 -0.42
CA PRO A 43 15.77 2.11 -0.80
C PRO A 43 15.04 3.18 -1.59
N GLY A 44 14.20 2.76 -2.52
CA GLY A 44 13.46 3.72 -3.32
C GLY A 44 12.58 3.06 -4.36
N SER A 45 11.33 2.80 -3.99
CA SER A 45 10.37 2.16 -4.89
C SER A 45 9.75 3.18 -5.84
N VAL A 46 8.72 3.87 -5.35
CA VAL A 46 8.02 4.86 -6.16
C VAL A 46 8.79 6.18 -6.20
N GLN A 47 8.84 6.80 -7.38
CA GLN A 47 9.55 8.06 -7.55
C GLN A 47 8.86 9.20 -6.79
N LYS A 48 7.56 9.32 -6.98
CA LYS A 48 6.78 10.36 -6.30
C LYS A 48 5.28 10.19 -6.59
N VAL A 49 4.48 10.29 -5.54
CA VAL A 49 3.04 10.14 -5.67
C VAL A 49 2.39 11.38 -6.28
N ASN A 50 1.52 11.15 -7.27
CA ASN A 50 0.82 12.24 -7.93
C ASN A 50 -0.46 12.58 -7.18
N ASP A 51 -0.75 13.86 -7.03
CA ASP A 51 -1.95 14.31 -6.34
C ASP A 51 -3.20 13.73 -7.00
N PRO A 52 -4.00 12.95 -6.26
CA PRO A 52 -5.22 12.33 -6.79
C PRO A 52 -6.30 13.37 -7.12
N VAL A 53 -6.86 13.27 -8.32
CA VAL A 53 -7.90 14.20 -8.76
C VAL A 53 -8.85 13.52 -9.75
N GLN A 54 -8.29 13.03 -10.86
CA GLN A 54 -9.10 12.36 -11.88
C GLN A 54 -9.28 10.88 -11.57
N ASN A 55 -8.22 10.10 -11.80
CA ASN A 55 -8.25 8.67 -11.54
C ASN A 55 -6.91 8.02 -11.89
N TRP A 56 -6.38 8.38 -13.07
CA TRP A 56 -5.11 7.85 -13.53
C TRP A 56 -4.00 8.08 -12.51
N HIS A 57 -4.04 9.22 -11.84
CA HIS A 57 -3.04 9.56 -10.83
C HIS A 57 -3.02 8.51 -9.73
N LYS A 58 -4.20 8.10 -9.29
CA LYS A 58 -4.32 7.10 -8.23
C LYS A 58 -3.77 5.75 -8.71
N LEU A 59 -4.26 5.30 -9.85
CA LEU A 59 -3.84 4.03 -10.43
C LEU A 59 -2.33 3.99 -10.66
N GLU A 60 -1.75 5.15 -10.93
CA GLU A 60 -0.32 5.25 -11.18
C GLU A 60 0.48 4.92 -9.93
N ASN A 61 0.16 5.60 -8.82
CA ASN A 61 0.85 5.36 -7.57
C ASN A 61 0.64 3.92 -7.11
N ILE A 62 -0.56 3.40 -7.33
CA ILE A 62 -0.86 2.03 -6.94
C ILE A 62 0.01 1.04 -7.70
N GLY A 63 0.06 1.21 -9.02
CA GLY A 63 0.86 0.33 -9.85
C GLY A 63 2.32 0.30 -9.42
N ASN A 64 2.88 1.48 -9.19
CA ASN A 64 4.27 1.59 -8.77
C ASN A 64 4.51 0.84 -7.46
N PHE A 65 3.55 0.93 -6.55
CA PHE A 65 3.65 0.27 -5.26
C PHE A 65 3.68 -1.26 -5.40
N LEU A 66 2.65 -1.81 -6.03
CA LEU A 66 2.55 -3.25 -6.23
C LEU A 66 3.71 -3.81 -7.05
N ARG A 67 4.01 -3.18 -8.18
CA ARG A 67 5.09 -3.63 -9.04
C ARG A 67 6.42 -3.60 -8.30
N ALA A 68 6.62 -2.57 -7.51
CA ALA A 68 7.86 -2.41 -6.75
C ALA A 68 8.02 -3.53 -5.72
N ILE A 69 6.97 -3.82 -4.98
CA ILE A 69 7.02 -4.87 -3.96
C ILE A 69 7.04 -6.26 -4.59
N LYS A 70 6.29 -6.44 -5.67
CA LYS A 70 6.24 -7.73 -6.37
C LYS A 70 7.64 -8.16 -6.75
N HIS A 71 8.44 -7.21 -7.21
CA HIS A 71 9.82 -7.46 -7.61
C HIS A 71 10.73 -7.40 -6.40
N TYR A 72 10.39 -6.51 -5.48
CA TYR A 72 11.17 -6.32 -4.26
C TYR A 72 11.43 -7.66 -3.56
N GLY A 73 10.39 -8.47 -3.46
CA GLY A 73 10.54 -9.77 -2.81
C GLY A 73 9.22 -10.49 -2.60
N VAL A 74 8.20 -9.74 -2.16
CA VAL A 74 6.89 -10.34 -1.91
C VAL A 74 6.37 -11.07 -3.15
N LYS A 75 6.01 -12.33 -2.96
CA LYS A 75 5.49 -13.14 -4.05
C LYS A 75 4.14 -12.64 -4.52
N PRO A 76 3.91 -12.58 -5.85
CA PRO A 76 2.65 -12.11 -6.42
C PRO A 76 1.44 -12.83 -5.82
N HIS A 77 1.68 -14.05 -5.32
CA HIS A 77 0.61 -14.85 -4.73
C HIS A 77 0.26 -14.33 -3.33
N ASP A 78 0.21 -13.01 -3.20
CA ASP A 78 -0.11 -12.37 -1.93
C ASP A 78 -0.57 -10.94 -2.17
N ILE A 79 0.13 -10.27 -3.08
CA ILE A 79 -0.16 -8.89 -3.44
C ILE A 79 -1.40 -8.81 -4.32
N PHE A 80 -2.29 -7.87 -4.02
CA PHE A 80 -3.51 -7.70 -4.81
C PHE A 80 -3.18 -7.03 -6.15
N GLU A 81 -4.10 -6.24 -6.66
CA GLU A 81 -3.89 -5.55 -7.93
C GLU A 81 -4.51 -4.16 -7.90
N ALA A 82 -3.93 -3.26 -8.68
CA ALA A 82 -4.41 -1.89 -8.74
C ALA A 82 -5.92 -1.86 -8.98
N ASN A 83 -6.45 -2.95 -9.53
CA ASN A 83 -7.88 -3.04 -9.81
C ASN A 83 -8.66 -3.44 -8.56
N ASP A 84 -8.10 -4.36 -7.78
CA ASP A 84 -8.75 -4.84 -6.57
C ASP A 84 -9.05 -3.69 -5.61
N LEU A 85 -8.04 -2.86 -5.36
CA LEU A 85 -8.20 -1.72 -4.44
C LEU A 85 -9.05 -0.62 -5.05
N PHE A 86 -8.76 -0.27 -6.30
CA PHE A 86 -9.50 0.79 -6.98
C PHE A 86 -10.98 0.44 -7.13
N GLU A 87 -11.28 -0.81 -7.50
CA GLU A 87 -12.65 -1.25 -7.66
C GLU A 87 -13.31 -1.50 -6.31
N ASN A 88 -12.47 -1.62 -5.28
CA ASN A 88 -12.94 -1.87 -3.93
C ASN A 88 -13.63 -3.23 -3.85
N THR A 89 -13.13 -4.18 -4.64
CA THR A 89 -13.69 -5.53 -4.66
C THR A 89 -12.97 -6.45 -3.68
N ASN A 90 -11.64 -6.40 -3.68
CA ASN A 90 -10.84 -7.26 -2.79
C ASN A 90 -10.48 -6.53 -1.49
N HIS A 91 -11.48 -6.06 -0.75
CA HIS A 91 -11.25 -5.36 0.51
C HIS A 91 -10.38 -6.20 1.44
N THR A 92 -10.74 -7.46 1.61
CA THR A 92 -10.00 -8.36 2.48
C THR A 92 -8.57 -8.56 1.99
N GLN A 93 -8.42 -8.75 0.69
CA GLN A 93 -7.11 -8.95 0.09
C GLN A 93 -6.21 -7.73 0.31
N VAL A 94 -6.81 -6.54 0.28
CA VAL A 94 -6.07 -5.31 0.48
C VAL A 94 -5.26 -5.34 1.77
N GLN A 95 -5.91 -5.73 2.86
CA GLN A 95 -5.24 -5.80 4.16
C GLN A 95 -4.19 -6.90 4.18
N SER A 96 -4.52 -8.05 3.59
CA SER A 96 -3.62 -9.18 3.54
C SER A 96 -2.30 -8.82 2.88
N THR A 97 -2.37 -8.10 1.76
CA THR A 97 -1.18 -7.68 1.03
C THR A 97 -0.27 -6.82 1.91
N LEU A 98 -0.86 -5.85 2.61
CA LEU A 98 -0.10 -4.97 3.48
C LEU A 98 0.66 -5.77 4.53
N ILE A 99 -0.01 -6.78 5.10
CA ILE A 99 0.61 -7.62 6.12
C ILE A 99 1.89 -8.27 5.59
N ALA A 100 1.83 -8.75 4.35
CA ALA A 100 2.99 -9.39 3.73
C ALA A 100 4.18 -8.44 3.67
N LEU A 101 3.91 -7.19 3.32
CA LEU A 101 4.95 -6.18 3.23
C LEU A 101 5.66 -5.98 4.57
N ALA A 102 4.87 -5.93 5.64
CA ALA A 102 5.42 -5.74 6.98
C ALA A 102 6.38 -6.86 7.33
N SER A 103 5.98 -8.10 7.05
CA SER A 103 6.81 -9.26 7.33
C SER A 103 8.15 -9.17 6.58
N GLN A 104 8.09 -8.65 5.36
CA GLN A 104 9.28 -8.51 4.55
C GLN A 104 10.26 -7.53 5.18
N ALA A 105 9.76 -6.38 5.61
CA ALA A 105 10.59 -5.36 6.23
C ALA A 105 11.28 -5.86 7.50
N LYS A 106 10.55 -6.59 8.32
CA LYS A 106 11.10 -7.12 9.57
C LYS A 106 12.01 -8.31 9.33
N THR A 107 12.87 -8.22 8.32
CA THR A 107 13.81 -9.29 7.99
C THR A 107 14.68 -8.90 6.80
N LYS A 108 15.23 -7.68 6.86
CA LYS A 108 16.09 -7.18 5.78
C LYS A 108 17.27 -6.42 6.35
N MET A 1 1.44 -8.71 16.42
CA MET A 1 0.55 -9.04 15.28
C MET A 1 -0.66 -8.11 15.25
N PRO A 2 -1.03 -7.60 14.06
CA PRO A 2 -2.18 -6.70 13.90
C PRO A 2 -3.51 -7.39 14.21
N GLN A 3 -4.54 -7.04 13.44
CA GLN A 3 -5.86 -7.63 13.61
C GLN A 3 -6.82 -7.12 12.54
N THR A 4 -7.99 -6.60 12.95
CA THR A 4 -8.96 -6.08 12.00
C THR A 4 -8.42 -4.87 11.27
N GLU A 5 -7.84 -3.94 12.03
CA GLU A 5 -7.26 -2.73 11.46
C GLU A 5 -6.61 -1.88 12.54
N ARG A 6 -6.09 -2.54 13.57
CA ARG A 6 -5.43 -1.86 14.67
C ARG A 6 -3.98 -1.54 14.33
N GLN A 7 -3.07 -2.42 14.75
CA GLN A 7 -1.64 -2.24 14.48
C GLN A 7 -1.38 -2.09 12.99
N LEU A 8 -2.17 -2.80 12.18
CA LEU A 8 -2.01 -2.75 10.73
C LEU A 8 -2.10 -1.31 10.23
N ARG A 9 -3.17 -0.62 10.61
CA ARG A 9 -3.37 0.77 10.20
C ARG A 9 -2.37 1.70 10.88
N VAL A 10 -2.18 1.51 12.18
CA VAL A 10 -1.25 2.33 12.95
C VAL A 10 0.14 2.32 12.31
N TRP A 11 0.50 1.20 11.71
CA TRP A 11 1.80 1.04 11.07
C TRP A 11 2.05 2.12 10.01
N ILE A 12 1.22 2.14 8.97
CA ILE A 12 1.38 3.11 7.89
C ILE A 12 1.24 4.54 8.41
N GLU A 13 0.25 4.77 9.26
CA GLU A 13 0.02 6.10 9.82
C GLU A 13 1.28 6.63 10.52
N GLY A 14 1.91 5.76 11.31
CA GLY A 14 3.11 6.15 12.03
C GLY A 14 4.29 6.38 11.11
N ALA A 15 4.36 5.59 10.04
CA ALA A 15 5.45 5.70 9.07
C ALA A 15 5.60 7.12 8.55
N THR A 16 4.56 7.62 7.88
CA THR A 16 4.58 8.96 7.33
C THR A 16 3.84 9.95 8.23
N GLY A 17 2.55 9.72 8.40
CA GLY A 17 1.74 10.59 9.23
C GLY A 17 0.28 10.52 8.84
N ARG A 18 0.05 10.26 7.56
CA ARG A 18 -1.31 10.15 7.02
C ARG A 18 -2.12 9.12 7.78
N ARG A 19 -3.34 9.50 8.17
CA ARG A 19 -4.22 8.60 8.90
C ARG A 19 -4.93 7.64 7.94
N ILE A 20 -4.38 7.50 6.74
CA ILE A 20 -4.95 6.62 5.71
C ILE A 20 -6.40 6.97 5.41
N GLY A 21 -7.29 6.55 6.29
CA GLY A 21 -8.71 6.82 6.11
C GLY A 21 -9.57 5.85 6.91
N ASP A 22 -10.69 6.35 7.42
CA ASP A 22 -11.60 5.51 8.19
C ASP A 22 -12.01 4.28 7.39
N ASN A 23 -12.18 4.46 6.08
CA ASN A 23 -12.55 3.36 5.20
C ASN A 23 -11.45 2.30 5.17
N PHE A 24 -10.21 2.77 5.35
CA PHE A 24 -9.03 1.89 5.35
C PHE A 24 -8.63 1.51 3.92
N MET A 25 -9.61 1.10 3.12
CA MET A 25 -9.35 0.72 1.73
C MET A 25 -9.40 1.95 0.83
N ASP A 26 -10.50 2.70 0.96
CA ASP A 26 -10.70 3.89 0.15
C ASP A 26 -9.52 4.84 0.26
N GLY A 27 -8.93 4.94 1.46
CA GLY A 27 -7.80 5.81 1.66
C GLY A 27 -6.58 5.37 0.86
N LEU A 28 -6.34 4.06 0.83
CA LEU A 28 -5.21 3.50 0.10
C LEU A 28 -5.33 3.74 -1.40
N LYS A 29 -6.56 3.94 -1.86
CA LYS A 29 -6.82 4.16 -3.29
C LYS A 29 -5.90 5.22 -3.88
N ASP A 30 -5.69 6.31 -3.15
CA ASP A 30 -4.84 7.40 -3.63
C ASP A 30 -3.45 6.87 -4.02
N GLY A 31 -2.98 5.85 -3.31
CA GLY A 31 -1.68 5.26 -3.60
C GLY A 31 -0.52 6.08 -3.08
N VAL A 32 -0.67 7.39 -3.06
CA VAL A 32 0.39 8.29 -2.61
C VAL A 32 0.92 7.90 -1.23
N ILE A 33 0.03 7.76 -0.26
CA ILE A 33 0.44 7.41 1.10
C ILE A 33 1.25 6.12 1.10
N LEU A 34 0.71 5.06 0.50
CA LEU A 34 1.42 3.79 0.42
C LEU A 34 2.71 3.99 -0.34
N CYS A 35 2.67 4.88 -1.32
CA CYS A 35 3.84 5.21 -2.12
C CYS A 35 4.88 5.88 -1.24
N GLU A 36 4.39 6.69 -0.31
CA GLU A 36 5.25 7.41 0.63
C GLU A 36 5.92 6.44 1.60
N LEU A 37 5.17 5.45 2.04
CA LEU A 37 5.67 4.45 2.98
C LEU A 37 6.64 3.48 2.32
N ILE A 38 6.29 2.98 1.14
CA ILE A 38 7.14 2.03 0.44
C ILE A 38 8.54 2.59 0.20
N ASN A 39 8.63 3.89 -0.11
CA ASN A 39 9.92 4.52 -0.34
C ASN A 39 10.77 4.46 0.93
N LYS A 40 10.12 4.60 2.07
CA LYS A 40 10.80 4.54 3.35
C LYS A 40 11.39 3.16 3.57
N LEU A 41 10.55 2.15 3.41
CA LEU A 41 10.94 0.76 3.57
C LEU A 41 11.96 0.35 2.50
N GLN A 42 11.80 0.93 1.32
CA GLN A 42 12.70 0.64 0.20
C GLN A 42 13.00 1.92 -0.58
N PRO A 43 14.28 2.34 -0.59
CA PRO A 43 14.72 3.55 -1.28
C PRO A 43 14.34 3.57 -2.76
N GLY A 44 13.77 4.69 -3.20
CA GLY A 44 13.38 4.84 -4.59
C GLY A 44 12.48 3.73 -5.11
N SER A 45 11.44 3.41 -4.36
CA SER A 45 10.51 2.36 -4.76
C SER A 45 9.61 2.83 -5.90
N VAL A 46 8.85 3.89 -5.63
CA VAL A 46 7.95 4.46 -6.64
C VAL A 46 8.68 5.40 -7.58
N GLN A 47 8.31 5.36 -8.86
CA GLN A 47 8.92 6.20 -9.87
C GLN A 47 8.77 7.68 -9.53
N LYS A 48 7.56 8.08 -9.16
CA LYS A 48 7.28 9.47 -8.81
C LYS A 48 5.90 9.64 -8.21
N VAL A 49 5.82 10.39 -7.12
CA VAL A 49 4.56 10.63 -6.43
C VAL A 49 3.67 11.59 -7.22
N ASN A 50 2.37 11.29 -7.29
CA ASN A 50 1.42 12.13 -8.00
C ASN A 50 0.24 12.50 -7.11
N ASP A 51 -0.09 13.78 -7.06
CA ASP A 51 -1.20 14.25 -6.24
C ASP A 51 -2.53 13.67 -6.76
N PRO A 52 -3.29 12.98 -5.90
CA PRO A 52 -4.57 12.37 -6.29
C PRO A 52 -5.65 13.44 -6.49
N VAL A 53 -6.21 13.49 -7.69
CA VAL A 53 -7.25 14.46 -8.02
C VAL A 53 -8.16 13.92 -9.12
N GLN A 54 -7.58 13.68 -10.29
CA GLN A 54 -8.33 13.17 -11.43
C GLN A 54 -8.60 11.68 -11.29
N ASN A 55 -8.32 10.92 -12.35
CA ASN A 55 -8.55 9.47 -12.32
C ASN A 55 -7.43 8.72 -13.03
N TRP A 56 -6.19 8.99 -12.64
CA TRP A 56 -5.05 8.32 -13.24
C TRP A 56 -3.83 8.42 -12.33
N HIS A 57 -3.73 9.53 -11.60
CA HIS A 57 -2.60 9.73 -10.69
C HIS A 57 -2.50 8.56 -9.72
N LYS A 58 -3.65 8.18 -9.15
CA LYS A 58 -3.70 7.07 -8.20
C LYS A 58 -3.29 5.77 -8.87
N LEU A 59 -3.80 5.54 -10.08
CA LEU A 59 -3.50 4.32 -10.82
C LEU A 59 -2.00 4.13 -10.99
N GLU A 60 -1.28 5.24 -11.16
CA GLU A 60 0.17 5.19 -11.35
C GLU A 60 0.88 4.95 -10.02
N ASN A 61 0.46 5.66 -8.98
CA ASN A 61 1.05 5.50 -7.66
C ASN A 61 0.88 4.07 -7.16
N ILE A 62 -0.31 3.51 -7.40
CA ILE A 62 -0.60 2.14 -6.98
C ILE A 62 0.24 1.13 -7.76
N GLY A 63 0.37 1.37 -9.06
CA GLY A 63 1.15 0.48 -9.90
C GLY A 63 2.58 0.31 -9.43
N ASN A 64 3.25 1.43 -9.18
CA ASN A 64 4.63 1.40 -8.72
C ASN A 64 4.74 0.71 -7.37
N PHE A 65 3.77 0.98 -6.49
CA PHE A 65 3.76 0.38 -5.16
C PHE A 65 3.70 -1.14 -5.22
N LEU A 66 2.77 -1.67 -6.01
CA LEU A 66 2.59 -3.10 -6.14
C LEU A 66 3.77 -3.76 -6.85
N ARG A 67 4.22 -3.18 -7.95
CA ARG A 67 5.35 -3.72 -8.69
C ARG A 67 6.58 -3.79 -7.79
N ALA A 68 6.78 -2.72 -7.03
CA ALA A 68 7.92 -2.63 -6.12
C ALA A 68 7.84 -3.66 -5.01
N ILE A 69 6.66 -3.82 -4.41
CA ILE A 69 6.47 -4.76 -3.31
C ILE A 69 6.51 -6.21 -3.80
N LYS A 70 5.96 -6.46 -4.98
CA LYS A 70 5.95 -7.80 -5.55
C LYS A 70 7.36 -8.33 -5.72
N HIS A 71 8.26 -7.46 -6.15
CA HIS A 71 9.66 -7.81 -6.35
C HIS A 71 10.43 -7.68 -5.04
N TYR A 72 10.06 -6.68 -4.25
CA TYR A 72 10.71 -6.41 -2.98
C TYR A 72 10.79 -7.67 -2.12
N GLY A 73 9.70 -8.42 -2.07
CA GLY A 73 9.67 -9.64 -1.28
C GLY A 73 8.32 -10.31 -1.27
N VAL A 74 7.27 -9.52 -1.08
CA VAL A 74 5.91 -10.05 -1.04
C VAL A 74 5.58 -10.79 -2.32
N LYS A 75 5.12 -12.03 -2.18
CA LYS A 75 4.77 -12.86 -3.34
C LYS A 75 3.50 -12.34 -4.02
N PRO A 76 3.47 -12.36 -5.36
CA PRO A 76 2.33 -11.87 -6.15
C PRO A 76 0.99 -12.49 -5.74
N HIS A 77 0.97 -13.80 -5.48
CA HIS A 77 -0.28 -14.46 -5.11
C HIS A 77 -0.73 -14.08 -3.70
N ASP A 78 -0.23 -12.94 -3.22
CA ASP A 78 -0.58 -12.43 -1.89
C ASP A 78 -0.51 -10.91 -1.90
N ILE A 79 -0.97 -10.30 -2.98
CA ILE A 79 -0.95 -8.85 -3.13
C ILE A 79 -2.13 -8.36 -3.95
N PHE A 80 -2.79 -7.31 -3.46
CA PHE A 80 -3.94 -6.75 -4.16
C PHE A 80 -3.48 -6.01 -5.41
N GLU A 81 -4.28 -6.10 -6.46
CA GLU A 81 -3.95 -5.44 -7.71
C GLU A 81 -4.52 -4.03 -7.75
N ALA A 82 -3.87 -3.16 -8.51
CA ALA A 82 -4.29 -1.77 -8.62
C ALA A 82 -5.78 -1.67 -8.90
N ASN A 83 -6.29 -2.59 -9.72
CA ASN A 83 -7.71 -2.61 -10.06
C ASN A 83 -8.55 -3.00 -8.85
N ASP A 84 -8.03 -3.92 -8.04
CA ASP A 84 -8.75 -4.38 -6.85
C ASP A 84 -8.96 -3.26 -5.85
N LEU A 85 -7.89 -2.55 -5.52
CA LEU A 85 -7.95 -1.44 -4.57
C LEU A 85 -8.72 -0.25 -5.16
N PHE A 86 -8.49 0.03 -6.43
CA PHE A 86 -9.15 1.14 -7.10
C PHE A 86 -10.65 0.90 -7.28
N GLU A 87 -11.00 -0.28 -7.79
CA GLU A 87 -12.39 -0.63 -8.03
C GLU A 87 -13.08 -1.08 -6.75
N ASN A 88 -12.28 -1.35 -5.71
CA ASN A 88 -12.82 -1.82 -4.44
C ASN A 88 -13.49 -3.17 -4.61
N THR A 89 -12.90 -4.01 -5.45
CA THR A 89 -13.46 -5.34 -5.71
C THR A 89 -13.07 -6.35 -4.63
N ASN A 90 -11.78 -6.50 -4.38
CA ASN A 90 -11.30 -7.45 -3.38
C ASN A 90 -11.55 -6.98 -1.94
N HIS A 91 -11.15 -5.75 -1.64
CA HIS A 91 -11.31 -5.19 -0.30
C HIS A 91 -10.43 -5.92 0.72
N THR A 92 -10.85 -7.13 1.10
CA THR A 92 -10.10 -7.93 2.07
C THR A 92 -8.69 -8.22 1.59
N GLN A 93 -8.54 -8.55 0.31
CA GLN A 93 -7.24 -8.86 -0.25
C GLN A 93 -6.25 -7.73 0.05
N VAL A 94 -6.75 -6.50 0.02
CA VAL A 94 -5.92 -5.34 0.29
C VAL A 94 -5.37 -5.38 1.72
N GLN A 95 -6.23 -5.75 2.67
CA GLN A 95 -5.83 -5.82 4.06
C GLN A 95 -4.76 -6.89 4.28
N SER A 96 -4.97 -8.07 3.73
CA SER A 96 -4.03 -9.18 3.87
C SER A 96 -2.67 -8.82 3.29
N THR A 97 -2.67 -8.16 2.13
CA THR A 97 -1.43 -7.78 1.47
C THR A 97 -0.56 -6.92 2.39
N LEU A 98 -1.16 -5.97 3.08
CA LEU A 98 -0.44 -5.08 3.98
C LEU A 98 0.35 -5.89 5.01
N ILE A 99 -0.28 -6.92 5.56
CA ILE A 99 0.37 -7.78 6.55
C ILE A 99 1.62 -8.44 5.99
N ALA A 100 1.52 -8.96 4.76
CA ALA A 100 2.63 -9.62 4.11
C ALA A 100 3.80 -8.66 3.90
N LEU A 101 3.49 -7.43 3.49
CA LEU A 101 4.52 -6.42 3.25
C LEU A 101 5.21 -6.04 4.56
N ALA A 102 4.43 -5.88 5.62
CA ALA A 102 4.96 -5.51 6.93
C ALA A 102 6.06 -6.44 7.37
N SER A 103 5.85 -7.74 7.22
CA SER A 103 6.83 -8.75 7.62
C SER A 103 8.15 -8.54 6.88
N GLN A 104 8.05 -8.13 5.61
CA GLN A 104 9.24 -7.90 4.79
C GLN A 104 10.06 -6.72 5.32
N ALA A 105 9.40 -5.59 5.49
CA ALA A 105 10.04 -4.37 5.96
C ALA A 105 10.69 -4.57 7.33
N LYS A 106 9.98 -5.23 8.24
CA LYS A 106 10.51 -5.47 9.59
C LYS A 106 11.51 -6.63 9.59
N THR A 107 12.35 -6.69 8.57
CA THR A 107 13.34 -7.76 8.47
C THR A 107 14.47 -7.38 7.52
N LYS A 108 14.12 -6.81 6.37
CA LYS A 108 15.10 -6.40 5.38
C LYS A 108 16.05 -5.35 5.95
N MET A 1 1.65 -13.09 17.30
CA MET A 1 1.36 -12.86 15.86
C MET A 1 0.67 -11.51 15.64
N PRO A 2 1.12 -10.75 14.63
CA PRO A 2 0.54 -9.44 14.31
C PRO A 2 -0.92 -9.55 13.88
N GLN A 3 -1.75 -8.64 14.40
CA GLN A 3 -3.17 -8.62 14.07
C GLN A 3 -3.39 -8.26 12.60
N THR A 4 -4.38 -7.41 12.34
CA THR A 4 -4.68 -6.99 10.97
C THR A 4 -5.75 -5.90 10.93
N GLU A 5 -5.56 -4.87 11.75
CA GLU A 5 -6.51 -3.76 11.80
C GLU A 5 -5.99 -2.62 12.66
N ARG A 6 -5.61 -2.93 13.89
CA ARG A 6 -5.10 -1.91 14.81
C ARG A 6 -3.65 -1.56 14.49
N GLN A 7 -2.81 -2.58 14.36
CA GLN A 7 -1.40 -2.38 14.06
C GLN A 7 -1.20 -1.81 12.66
N LEU A 8 -2.02 -2.26 11.72
CA LEU A 8 -1.92 -1.79 10.33
C LEU A 8 -2.01 -0.27 10.25
N ARG A 9 -2.98 0.30 10.96
CA ARG A 9 -3.18 1.74 10.94
C ARG A 9 -1.99 2.49 11.54
N VAL A 10 -1.58 2.08 12.73
CA VAL A 10 -0.45 2.72 13.41
C VAL A 10 0.83 2.60 12.58
N TRP A 11 1.02 1.45 11.95
CA TRP A 11 2.19 1.19 11.13
C TRP A 11 2.32 2.18 9.97
N ILE A 12 1.39 2.10 9.03
CA ILE A 12 1.41 2.96 7.85
C ILE A 12 1.28 4.44 8.23
N GLU A 13 0.30 4.77 9.04
CA GLU A 13 0.09 6.15 9.46
C GLU A 13 1.31 6.68 10.22
N GLY A 14 1.95 5.80 10.98
CA GLY A 14 3.12 6.20 11.74
C GLY A 14 4.27 6.64 10.86
N ALA A 15 4.49 5.91 9.76
CA ALA A 15 5.59 6.22 8.84
C ALA A 15 5.39 7.57 8.15
N THR A 16 4.42 7.63 7.25
CA THR A 16 4.13 8.85 6.51
C THR A 16 3.52 9.92 7.39
N GLY A 17 2.64 9.52 8.30
CA GLY A 17 1.97 10.47 9.16
C GLY A 17 0.65 10.89 8.55
N ARG A 18 0.55 10.70 7.24
CA ARG A 18 -0.66 11.04 6.50
C ARG A 18 -1.81 10.13 6.89
N ARG A 19 -2.94 10.73 7.25
CA ARG A 19 -4.10 9.94 7.63
C ARG A 19 -4.81 9.42 6.39
N ILE A 20 -5.10 8.12 6.38
CA ILE A 20 -5.77 7.50 5.24
C ILE A 20 -7.07 8.23 4.93
N GLY A 21 -7.82 8.59 5.97
CA GLY A 21 -9.07 9.29 5.78
C GLY A 21 -10.17 8.43 5.18
N ASP A 22 -11.39 8.62 5.66
CA ASP A 22 -12.54 7.88 5.18
C ASP A 22 -12.37 6.38 5.38
N ASN A 23 -12.90 5.59 4.44
CA ASN A 23 -12.81 4.14 4.51
C ASN A 23 -11.36 3.67 4.52
N PHE A 24 -11.07 2.64 5.31
CA PHE A 24 -9.73 2.09 5.41
C PHE A 24 -9.29 1.48 4.08
N MET A 25 -10.16 0.67 3.48
CA MET A 25 -9.87 0.02 2.21
C MET A 25 -9.85 1.02 1.07
N ASP A 26 -10.93 1.80 0.96
CA ASP A 26 -11.06 2.79 -0.09
C ASP A 26 -9.92 3.82 -0.04
N GLY A 27 -9.55 4.23 1.16
CA GLY A 27 -8.49 5.20 1.31
C GLY A 27 -7.19 4.75 0.67
N LEU A 28 -6.87 3.47 0.82
CA LEU A 28 -5.65 2.92 0.26
C LEU A 28 -5.53 3.15 -1.25
N LYS A 29 -6.68 3.28 -1.91
CA LYS A 29 -6.70 3.49 -3.37
C LYS A 29 -5.76 4.60 -3.80
N ASP A 30 -5.68 5.69 -3.02
CA ASP A 30 -4.82 6.81 -3.37
C ASP A 30 -3.38 6.33 -3.58
N GLY A 31 -2.96 5.38 -2.76
CA GLY A 31 -1.62 4.84 -2.87
C GLY A 31 -0.54 5.76 -2.32
N VAL A 32 -0.62 7.04 -2.67
CA VAL A 32 0.35 8.05 -2.23
C VAL A 32 1.00 7.71 -0.90
N ILE A 33 0.18 7.48 0.12
CA ILE A 33 0.71 7.16 1.45
C ILE A 33 1.55 5.88 1.41
N LEU A 34 0.98 4.83 0.83
CA LEU A 34 1.69 3.55 0.72
C LEU A 34 2.96 3.73 -0.10
N CYS A 35 2.84 4.46 -1.21
CA CYS A 35 3.97 4.74 -2.07
C CYS A 35 5.07 5.44 -1.26
N GLU A 36 4.63 6.35 -0.40
CA GLU A 36 5.52 7.09 0.48
C GLU A 36 6.16 6.17 1.52
N LEU A 37 5.38 5.19 1.96
CA LEU A 37 5.83 4.23 2.96
C LEU A 37 6.90 3.29 2.42
N ILE A 38 6.66 2.73 1.23
CA ILE A 38 7.61 1.81 0.62
C ILE A 38 8.95 2.48 0.36
N ASN A 39 8.91 3.73 -0.09
CA ASN A 39 10.15 4.47 -0.37
C ASN A 39 11.07 4.43 0.84
N LYS A 40 10.48 4.27 2.02
CA LYS A 40 11.24 4.20 3.27
C LYS A 40 12.03 2.90 3.33
N LEU A 41 11.33 1.79 3.11
CA LEU A 41 11.96 0.47 3.15
C LEU A 41 12.73 0.21 1.85
N GLN A 42 12.01 0.25 0.73
CA GLN A 42 12.62 0.02 -0.57
C GLN A 42 13.10 1.34 -1.19
N PRO A 43 14.35 1.34 -1.69
CA PRO A 43 14.95 2.52 -2.31
C PRO A 43 14.37 2.84 -3.69
N GLY A 44 14.05 4.11 -3.91
CA GLY A 44 13.49 4.52 -5.19
C GLY A 44 12.28 3.70 -5.61
N SER A 45 11.41 3.41 -4.65
CA SER A 45 10.22 2.62 -4.92
C SER A 45 9.29 3.33 -5.90
N VAL A 46 9.07 4.62 -5.68
CA VAL A 46 8.20 5.41 -6.55
C VAL A 46 8.82 6.77 -6.84
N GLN A 47 8.78 7.18 -8.11
CA GLN A 47 9.34 8.46 -8.52
C GLN A 47 8.50 9.62 -7.96
N LYS A 48 8.22 10.61 -8.78
CA LYS A 48 7.42 11.76 -8.34
C LYS A 48 6.03 11.31 -7.89
N VAL A 49 5.69 11.64 -6.66
CA VAL A 49 4.39 11.27 -6.10
C VAL A 49 3.27 12.13 -6.68
N ASN A 50 2.22 11.48 -7.17
CA ASN A 50 1.08 12.18 -7.75
C ASN A 50 -0.01 12.39 -6.70
N ASP A 51 -0.51 13.62 -6.61
CA ASP A 51 -1.57 13.94 -5.66
C ASP A 51 -2.87 13.25 -6.05
N PRO A 52 -3.61 12.69 -5.08
CA PRO A 52 -4.88 12.00 -5.34
C PRO A 52 -6.02 12.97 -5.67
N VAL A 53 -5.71 14.04 -6.39
CA VAL A 53 -6.71 15.03 -6.76
C VAL A 53 -7.55 14.54 -7.94
N GLN A 54 -6.86 14.20 -9.04
CA GLN A 54 -7.54 13.72 -10.24
C GLN A 54 -8.07 12.30 -10.04
N ASN A 55 -7.71 11.39 -10.94
CA ASN A 55 -8.16 10.00 -10.84
C ASN A 55 -7.10 9.04 -11.32
N TRP A 56 -6.52 9.31 -12.49
CA TRP A 56 -5.49 8.44 -13.04
C TRP A 56 -4.21 8.52 -12.22
N HIS A 57 -4.08 9.57 -11.42
CA HIS A 57 -2.90 9.75 -10.56
C HIS A 57 -2.73 8.55 -9.64
N LYS A 58 -3.84 8.12 -9.04
CA LYS A 58 -3.82 6.98 -8.13
C LYS A 58 -3.37 5.71 -8.85
N LEU A 59 -3.86 5.55 -10.08
CA LEU A 59 -3.52 4.40 -10.89
C LEU A 59 -2.00 4.23 -11.03
N GLU A 60 -1.29 5.35 -11.10
CA GLU A 60 0.15 5.32 -11.23
C GLU A 60 0.80 4.93 -9.90
N ASN A 61 0.35 5.55 -8.83
CA ASN A 61 0.88 5.26 -7.50
C ASN A 61 0.70 3.79 -7.17
N ILE A 62 -0.48 3.26 -7.49
CA ILE A 62 -0.80 1.86 -7.22
C ILE A 62 0.05 0.94 -8.08
N GLY A 63 0.19 1.27 -9.36
CA GLY A 63 0.96 0.45 -10.27
C GLY A 63 2.40 0.29 -9.83
N ASN A 64 3.05 1.40 -9.50
CA ASN A 64 4.44 1.38 -9.06
C ASN A 64 4.59 0.73 -7.69
N PHE A 65 3.67 1.02 -6.79
CA PHE A 65 3.70 0.47 -5.44
C PHE A 65 3.63 -1.06 -5.48
N LEU A 66 2.63 -1.59 -6.17
CA LEU A 66 2.46 -3.03 -6.28
C LEU A 66 3.62 -3.66 -7.03
N ARG A 67 4.02 -3.04 -8.12
CA ARG A 67 5.14 -3.54 -8.92
C ARG A 67 6.40 -3.61 -8.09
N ALA A 68 6.59 -2.61 -7.23
CA ALA A 68 7.76 -2.54 -6.36
C ALA A 68 7.72 -3.59 -5.26
N ILE A 69 6.56 -3.74 -4.62
CA ILE A 69 6.41 -4.71 -3.54
C ILE A 69 6.43 -6.14 -4.05
N LYS A 70 5.80 -6.38 -5.19
CA LYS A 70 5.75 -7.71 -5.79
C LYS A 70 7.15 -8.23 -6.06
N HIS A 71 8.03 -7.34 -6.52
CA HIS A 71 9.41 -7.70 -6.81
C HIS A 71 10.27 -7.59 -5.56
N TYR A 72 9.94 -6.63 -4.72
CA TYR A 72 10.68 -6.38 -3.48
C TYR A 72 10.82 -7.66 -2.67
N GLY A 73 9.73 -8.41 -2.56
CA GLY A 73 9.76 -9.65 -1.80
C GLY A 73 8.40 -10.27 -1.64
N VAL A 74 7.40 -9.46 -1.32
CA VAL A 74 6.05 -9.94 -1.13
C VAL A 74 5.54 -10.67 -2.37
N LYS A 75 5.06 -11.89 -2.19
CA LYS A 75 4.55 -12.70 -3.30
C LYS A 75 3.31 -12.07 -3.92
N PRO A 76 3.20 -12.09 -5.26
CA PRO A 76 2.04 -11.53 -5.97
C PRO A 76 0.72 -12.10 -5.46
N HIS A 77 0.71 -13.42 -5.22
CA HIS A 77 -0.48 -14.10 -4.74
C HIS A 77 -0.95 -13.49 -3.42
N ASP A 78 -0.02 -12.86 -2.71
CA ASP A 78 -0.33 -12.23 -1.43
C ASP A 78 -0.28 -10.73 -1.59
N ILE A 79 -0.74 -10.27 -2.75
CA ILE A 79 -0.75 -8.84 -3.06
C ILE A 79 -1.95 -8.48 -3.93
N PHE A 80 -2.66 -7.44 -3.53
CA PHE A 80 -3.83 -6.98 -4.27
C PHE A 80 -3.41 -6.31 -5.57
N GLU A 81 -4.21 -6.49 -6.60
CA GLU A 81 -3.91 -5.89 -7.90
C GLU A 81 -4.39 -4.46 -7.96
N ALA A 82 -3.84 -3.71 -8.92
CA ALA A 82 -4.21 -2.31 -9.09
C ALA A 82 -5.72 -2.16 -9.19
N ASN A 83 -6.41 -3.21 -9.63
CA ASN A 83 -7.85 -3.17 -9.77
C ASN A 83 -8.54 -3.59 -8.47
N ASP A 84 -7.96 -4.57 -7.78
CA ASP A 84 -8.53 -5.06 -6.53
C ASP A 84 -8.76 -3.90 -5.56
N LEU A 85 -7.80 -2.98 -5.50
CA LEU A 85 -7.90 -1.83 -4.60
C LEU A 85 -8.68 -0.68 -5.26
N PHE A 86 -8.30 -0.33 -6.49
CA PHE A 86 -8.95 0.76 -7.20
C PHE A 86 -10.43 0.48 -7.44
N GLU A 87 -10.73 -0.62 -8.13
CA GLU A 87 -12.11 -0.99 -8.41
C GLU A 87 -12.81 -1.46 -7.13
N ASN A 88 -12.09 -1.41 -6.02
CA ASN A 88 -12.61 -1.83 -4.72
C ASN A 88 -13.37 -3.14 -4.84
N THR A 89 -12.99 -3.96 -5.81
CA THR A 89 -13.64 -5.25 -6.02
C THR A 89 -13.20 -6.25 -4.96
N ASN A 90 -11.89 -6.31 -4.72
CA ASN A 90 -11.34 -7.22 -3.72
C ASN A 90 -11.06 -6.48 -2.42
N HIS A 91 -11.43 -7.09 -1.30
CA HIS A 91 -11.22 -6.48 0.02
C HIS A 91 -10.29 -7.32 0.88
N THR A 92 -10.54 -8.63 0.92
CA THR A 92 -9.72 -9.54 1.71
C THR A 92 -8.25 -9.50 1.32
N GLN A 93 -7.99 -9.58 0.02
CA GLN A 93 -6.62 -9.54 -0.48
C GLN A 93 -5.90 -8.27 -0.04
N VAL A 94 -6.60 -7.14 -0.12
CA VAL A 94 -6.02 -5.86 0.27
C VAL A 94 -5.57 -5.87 1.72
N GLN A 95 -6.43 -6.38 2.61
CA GLN A 95 -6.14 -6.45 4.01
C GLN A 95 -4.95 -7.39 4.29
N SER A 96 -4.98 -8.55 3.65
CA SER A 96 -3.92 -9.54 3.83
C SER A 96 -2.57 -9.00 3.37
N THR A 97 -2.58 -8.25 2.27
CA THR A 97 -1.35 -7.68 1.72
C THR A 97 -0.58 -6.89 2.77
N LEU A 98 -1.30 -6.05 3.52
CA LEU A 98 -0.66 -5.24 4.55
C LEU A 98 0.15 -6.10 5.50
N ILE A 99 -0.40 -7.24 5.89
CA ILE A 99 0.27 -8.16 6.80
C ILE A 99 1.57 -8.70 6.17
N ALA A 100 1.52 -8.99 4.88
CA ALA A 100 2.68 -9.51 4.16
C ALA A 100 3.85 -8.54 4.22
N LEU A 101 3.57 -7.27 3.93
CA LEU A 101 4.60 -6.23 3.94
C LEU A 101 5.23 -6.13 5.33
N ALA A 102 4.39 -6.21 6.36
CA ALA A 102 4.86 -6.13 7.74
C ALA A 102 5.92 -7.19 8.01
N SER A 103 5.70 -8.39 7.49
CA SER A 103 6.64 -9.49 7.68
C SER A 103 8.00 -9.15 7.08
N GLN A 104 7.98 -8.51 5.91
CA GLN A 104 9.20 -8.12 5.23
C GLN A 104 9.94 -7.02 5.99
N ALA A 105 9.22 -5.95 6.28
CA ALA A 105 9.78 -4.82 7.00
C ALA A 105 10.35 -5.23 8.35
N LYS A 106 9.67 -6.17 9.01
CA LYS A 106 10.09 -6.66 10.30
C LYS A 106 11.50 -7.25 10.24
N THR A 107 11.74 -8.12 9.27
CA THR A 107 13.04 -8.76 9.10
C THR A 107 14.09 -7.76 8.65
N LYS A 108 13.73 -6.91 7.69
CA LYS A 108 14.65 -5.91 7.16
C LYS A 108 15.13 -4.97 8.26
N MET A 1 2.57 -7.06 15.18
CA MET A 1 1.76 -7.84 14.21
C MET A 1 0.63 -6.98 13.62
N PRO A 2 0.41 -7.07 12.30
CA PRO A 2 -0.63 -6.29 11.62
C PRO A 2 -2.02 -6.58 12.19
N GLN A 3 -2.32 -7.87 12.37
CA GLN A 3 -3.61 -8.30 12.92
C GLN A 3 -4.77 -7.47 12.37
N THR A 4 -5.70 -7.09 13.25
CA THR A 4 -6.84 -6.29 12.84
C THR A 4 -6.41 -4.99 12.18
N GLU A 5 -7.26 -4.47 11.30
CA GLU A 5 -6.97 -3.23 10.58
C GLU A 5 -6.57 -2.11 11.54
N ARG A 6 -6.98 -2.22 12.80
CA ARG A 6 -6.66 -1.22 13.81
C ARG A 6 -5.17 -0.89 13.80
N GLN A 7 -4.35 -1.94 13.75
CA GLN A 7 -2.90 -1.77 13.74
C GLN A 7 -2.41 -1.30 12.37
N LEU A 8 -3.09 -1.75 11.32
CA LEU A 8 -2.72 -1.39 9.95
C LEU A 8 -2.71 0.12 9.76
N ARG A 9 -3.79 0.78 10.17
CA ARG A 9 -3.91 2.22 10.02
C ARG A 9 -2.86 2.96 10.86
N VAL A 10 -2.74 2.59 12.12
CA VAL A 10 -1.77 3.22 13.02
C VAL A 10 -0.35 3.07 12.48
N TRP A 11 -0.07 1.91 11.92
CA TRP A 11 1.25 1.62 11.36
C TRP A 11 1.60 2.55 10.20
N ILE A 12 0.87 2.41 9.10
CA ILE A 12 1.13 3.22 7.91
C ILE A 12 1.08 4.71 8.20
N GLU A 13 0.03 5.15 8.91
CA GLU A 13 -0.10 6.56 9.26
C GLU A 13 1.12 7.04 10.03
N GLY A 14 1.58 6.23 10.98
CA GLY A 14 2.74 6.58 11.77
C GLY A 14 4.00 6.67 10.94
N ALA A 15 4.07 5.85 9.90
CA ALA A 15 5.22 5.82 9.00
C ALA A 15 5.61 7.22 8.53
N THR A 16 4.60 8.04 8.27
CA THR A 16 4.84 9.40 7.79
C THR A 16 4.13 10.43 8.66
N GLY A 17 2.81 10.34 8.73
CA GLY A 17 2.03 11.27 9.54
C GLY A 17 0.64 11.49 8.98
N ARG A 18 0.54 11.59 7.66
CA ARG A 18 -0.73 11.81 6.99
C ARG A 18 -1.76 10.74 7.36
N ARG A 19 -3.00 11.17 7.55
CA ARG A 19 -4.09 10.27 7.91
C ARG A 19 -4.71 9.66 6.66
N ILE A 20 -5.01 8.36 6.71
CA ILE A 20 -5.62 7.66 5.58
C ILE A 20 -6.93 8.32 5.19
N GLY A 21 -7.82 8.49 6.16
CA GLY A 21 -9.11 9.11 5.90
C GLY A 21 -10.23 8.46 6.69
N ASP A 22 -11.43 8.45 6.10
CA ASP A 22 -12.59 7.84 6.76
C ASP A 22 -12.60 6.34 6.54
N ASN A 23 -12.60 5.93 5.27
CA ASN A 23 -12.61 4.52 4.92
C ASN A 23 -11.18 3.99 4.80
N PHE A 24 -10.93 2.82 5.37
CA PHE A 24 -9.61 2.21 5.33
C PHE A 24 -9.25 1.78 3.92
N MET A 25 -10.16 1.07 3.27
CA MET A 25 -9.93 0.60 1.90
C MET A 25 -9.90 1.75 0.91
N ASP A 26 -10.92 2.60 0.99
CA ASP A 26 -11.03 3.76 0.10
C ASP A 26 -9.79 4.64 0.20
N GLY A 27 -9.32 4.84 1.43
CA GLY A 27 -8.14 5.66 1.64
C GLY A 27 -6.91 5.12 0.94
N LEU A 28 -6.70 3.81 1.06
CA LEU A 28 -5.55 3.16 0.44
C LEU A 28 -5.59 3.30 -1.08
N LYS A 29 -6.80 3.43 -1.62
CA LYS A 29 -6.99 3.56 -3.06
C LYS A 29 -6.10 4.64 -3.66
N ASP A 30 -5.84 5.71 -2.90
CA ASP A 30 -5.01 6.81 -3.39
C ASP A 30 -3.64 6.29 -3.83
N GLY A 31 -3.16 5.24 -3.16
CA GLY A 31 -1.87 4.66 -3.50
C GLY A 31 -0.70 5.48 -2.97
N VAL A 32 -0.82 6.79 -3.02
CA VAL A 32 0.23 7.69 -2.56
C VAL A 32 0.70 7.34 -1.15
N ILE A 33 -0.24 7.19 -0.23
CA ILE A 33 0.10 6.85 1.15
C ILE A 33 0.95 5.60 1.22
N LEU A 34 0.46 4.52 0.61
CA LEU A 34 1.21 3.27 0.60
C LEU A 34 2.54 3.48 -0.11
N CYS A 35 2.51 4.34 -1.12
CA CYS A 35 3.71 4.70 -1.87
C CYS A 35 4.68 5.43 -0.96
N GLU A 36 4.12 6.22 -0.05
CA GLU A 36 4.91 6.98 0.91
C GLU A 36 5.55 6.06 1.94
N LEU A 37 4.79 5.07 2.39
CA LEU A 37 5.28 4.10 3.37
C LEU A 37 6.37 3.22 2.78
N ILE A 38 6.05 2.58 1.66
CA ILE A 38 6.98 1.69 0.99
C ILE A 38 8.34 2.36 0.78
N ASN A 39 8.32 3.69 0.61
CA ASN A 39 9.55 4.44 0.42
C ASN A 39 10.56 4.09 1.51
N LYS A 40 10.08 3.95 2.74
CA LYS A 40 10.92 3.61 3.87
C LYS A 40 11.45 2.18 3.73
N LEU A 41 10.55 1.27 3.42
CA LEU A 41 10.89 -0.15 3.26
C LEU A 41 11.92 -0.33 2.15
N GLN A 42 11.89 0.56 1.15
CA GLN A 42 12.80 0.49 0.03
C GLN A 42 13.00 1.87 -0.60
N PRO A 43 14.27 2.27 -0.81
CA PRO A 43 14.62 3.56 -1.40
C PRO A 43 14.50 3.58 -2.92
N GLY A 44 13.41 3.02 -3.44
CA GLY A 44 13.21 3.00 -4.88
C GLY A 44 11.98 2.22 -5.28
N SER A 45 10.91 2.34 -4.50
CA SER A 45 9.68 1.63 -4.79
C SER A 45 8.76 2.46 -5.69
N VAL A 46 8.60 3.73 -5.37
CA VAL A 46 7.76 4.62 -6.16
C VAL A 46 8.37 6.02 -6.26
N GLN A 47 8.54 6.50 -7.48
CA GLN A 47 9.10 7.83 -7.71
C GLN A 47 8.01 8.82 -8.09
N LYS A 48 7.12 8.40 -8.97
CA LYS A 48 6.02 9.24 -9.43
C LYS A 48 4.89 9.29 -8.40
N VAL A 49 5.25 9.62 -7.16
CA VAL A 49 4.27 9.71 -6.07
C VAL A 49 3.38 10.95 -6.23
N ASN A 50 2.59 10.97 -7.30
CA ASN A 50 1.69 12.09 -7.58
C ASN A 50 0.61 12.21 -6.52
N ASP A 51 0.35 13.44 -6.07
CA ASP A 51 -0.67 13.68 -5.06
C ASP A 51 -2.04 13.26 -5.58
N PRO A 52 -2.88 12.64 -4.74
CA PRO A 52 -4.21 12.20 -5.14
C PRO A 52 -5.16 13.37 -5.42
N VAL A 53 -5.71 13.38 -6.62
CA VAL A 53 -6.63 14.45 -7.03
C VAL A 53 -7.60 13.95 -8.10
N GLN A 54 -7.05 13.58 -9.25
CA GLN A 54 -7.86 13.08 -10.36
C GLN A 54 -8.10 11.57 -10.22
N ASN A 55 -7.81 10.81 -11.28
CA ASN A 55 -8.01 9.37 -11.25
C ASN A 55 -6.75 8.62 -11.68
N TRP A 56 -6.08 9.12 -12.71
CA TRP A 56 -4.87 8.47 -13.21
C TRP A 56 -3.73 8.61 -12.20
N HIS A 57 -3.83 9.61 -11.32
CA HIS A 57 -2.80 9.82 -10.30
C HIS A 57 -2.62 8.56 -9.46
N LYS A 58 -3.74 8.08 -8.91
CA LYS A 58 -3.73 6.88 -8.07
C LYS A 58 -3.32 5.66 -8.88
N LEU A 59 -3.87 5.53 -10.08
CA LEU A 59 -3.56 4.40 -10.95
C LEU A 59 -2.06 4.26 -11.17
N GLU A 60 -1.35 5.38 -11.18
CA GLU A 60 0.09 5.39 -11.38
C GLU A 60 0.82 4.97 -10.11
N ASN A 61 0.46 5.60 -9.00
CA ASN A 61 1.08 5.31 -7.71
C ASN A 61 0.88 3.84 -7.33
N ILE A 62 -0.33 3.34 -7.55
CA ILE A 62 -0.65 1.96 -7.22
C ILE A 62 0.16 0.99 -8.08
N GLY A 63 0.29 1.30 -9.36
CA GLY A 63 1.05 0.45 -10.26
C GLY A 63 2.50 0.29 -9.83
N ASN A 64 3.13 1.40 -9.48
CA ASN A 64 4.52 1.39 -9.05
C ASN A 64 4.67 0.68 -7.70
N PHE A 65 3.73 0.95 -6.79
CA PHE A 65 3.76 0.36 -5.46
C PHE A 65 3.70 -1.16 -5.53
N LEU A 66 2.71 -1.69 -6.23
CA LEU A 66 2.53 -3.14 -6.36
C LEU A 66 3.69 -3.76 -7.12
N ARG A 67 4.08 -3.13 -8.22
CA ARG A 67 5.18 -3.64 -9.04
C ARG A 67 6.46 -3.69 -8.21
N ALA A 68 6.64 -2.69 -7.36
CA ALA A 68 7.82 -2.60 -6.50
C ALA A 68 7.80 -3.66 -5.40
N ILE A 69 6.64 -3.84 -4.77
CA ILE A 69 6.52 -4.81 -3.69
C ILE A 69 6.59 -6.24 -4.20
N LYS A 70 6.00 -6.48 -5.38
CA LYS A 70 6.01 -7.80 -5.99
C LYS A 70 7.43 -8.28 -6.20
N HIS A 71 8.29 -7.38 -6.64
CA HIS A 71 9.69 -7.69 -6.89
C HIS A 71 10.50 -7.58 -5.60
N TYR A 72 10.12 -6.62 -4.77
CA TYR A 72 10.80 -6.38 -3.49
C TYR A 72 10.92 -7.67 -2.70
N GLY A 73 9.85 -8.45 -2.67
CA GLY A 73 9.87 -9.70 -1.94
C GLY A 73 8.51 -10.37 -1.86
N VAL A 74 7.48 -9.57 -1.54
CA VAL A 74 6.13 -10.09 -1.43
C VAL A 74 5.65 -10.65 -2.76
N LYS A 75 5.17 -11.89 -2.74
CA LYS A 75 4.67 -12.54 -3.95
C LYS A 75 3.34 -11.93 -4.39
N PRO A 76 3.17 -11.67 -5.70
CA PRO A 76 1.93 -11.09 -6.24
C PRO A 76 0.70 -11.85 -5.78
N HIS A 77 0.83 -13.16 -5.64
CA HIS A 77 -0.28 -14.01 -5.21
C HIS A 77 -0.82 -13.50 -3.87
N ASP A 78 0.08 -12.95 -3.05
CA ASP A 78 -0.29 -12.41 -1.76
C ASP A 78 -0.26 -10.88 -1.83
N ILE A 79 -0.69 -10.37 -2.97
CA ILE A 79 -0.71 -8.94 -3.22
C ILE A 79 -1.92 -8.54 -4.04
N PHE A 80 -2.61 -7.50 -3.60
CA PHE A 80 -3.79 -7.01 -4.32
C PHE A 80 -3.37 -6.27 -5.57
N GLU A 81 -4.15 -6.42 -6.62
CA GLU A 81 -3.85 -5.74 -7.88
C GLU A 81 -4.45 -4.34 -7.90
N ALA A 82 -3.87 -3.49 -8.73
CA ALA A 82 -4.33 -2.10 -8.85
C ALA A 82 -5.84 -2.03 -8.99
N ASN A 83 -6.42 -2.98 -9.71
CA ASN A 83 -7.86 -3.01 -9.92
C ASN A 83 -8.61 -3.41 -8.65
N ASP A 84 -8.01 -4.30 -7.87
CA ASP A 84 -8.64 -4.76 -6.63
C ASP A 84 -8.90 -3.59 -5.67
N LEU A 85 -7.87 -2.80 -5.43
CA LEU A 85 -7.97 -1.66 -4.52
C LEU A 85 -8.74 -0.50 -5.18
N PHE A 86 -8.37 -0.17 -6.42
CA PHE A 86 -9.02 0.92 -7.14
C PHE A 86 -10.51 0.67 -7.29
N GLU A 87 -10.87 -0.44 -7.90
CA GLU A 87 -12.28 -0.79 -8.10
C GLU A 87 -12.86 -1.42 -6.84
N ASN A 88 -12.15 -1.27 -5.74
CA ASN A 88 -12.57 -1.80 -4.44
C ASN A 88 -13.24 -3.16 -4.59
N THR A 89 -12.75 -3.98 -5.52
CA THR A 89 -13.30 -5.30 -5.75
C THR A 89 -12.90 -6.26 -4.63
N ASN A 90 -11.60 -6.37 -4.39
CA ASN A 90 -11.09 -7.24 -3.34
C ASN A 90 -10.78 -6.45 -2.07
N HIS A 91 -11.38 -6.86 -0.96
CA HIS A 91 -11.16 -6.19 0.32
C HIS A 91 -10.17 -6.96 1.18
N THR A 92 -10.42 -8.27 1.33
CA THR A 92 -9.55 -9.13 2.13
C THR A 92 -8.15 -9.19 1.54
N GLN A 93 -8.07 -9.30 0.22
CA GLN A 93 -6.80 -9.38 -0.48
C GLN A 93 -5.94 -8.15 -0.17
N VAL A 94 -6.58 -7.00 -0.10
CA VAL A 94 -5.87 -5.75 0.18
C VAL A 94 -5.10 -5.83 1.49
N GLN A 95 -5.79 -6.22 2.56
CA GLN A 95 -5.17 -6.33 3.88
C GLN A 95 -4.03 -7.35 3.87
N SER A 96 -4.26 -8.49 3.22
CA SER A 96 -3.25 -9.54 3.14
C SER A 96 -1.89 -8.99 2.74
N THR A 97 -1.88 -8.04 1.82
CA THR A 97 -0.64 -7.42 1.35
C THR A 97 0.11 -6.74 2.49
N LEU A 98 -0.61 -6.02 3.34
CA LEU A 98 0.00 -5.31 4.47
C LEU A 98 0.76 -6.26 5.39
N ILE A 99 0.16 -7.40 5.72
CA ILE A 99 0.79 -8.37 6.61
C ILE A 99 2.12 -8.86 6.03
N ALA A 100 2.09 -9.26 4.77
CA ALA A 100 3.30 -9.76 4.10
C ALA A 100 4.34 -8.66 3.93
N LEU A 101 3.87 -7.47 3.58
CA LEU A 101 4.75 -6.32 3.37
C LEU A 101 5.53 -6.00 4.64
N ALA A 102 4.86 -6.08 5.78
CA ALA A 102 5.49 -5.79 7.06
C ALA A 102 6.65 -6.75 7.34
N SER A 103 6.44 -8.02 7.03
CA SER A 103 7.46 -9.04 7.24
C SER A 103 8.73 -8.71 6.47
N GLN A 104 8.56 -8.16 5.27
CA GLN A 104 9.69 -7.81 4.44
C GLN A 104 10.51 -6.69 5.06
N ALA A 105 9.83 -5.71 5.64
CA ALA A 105 10.51 -4.57 6.26
C ALA A 105 11.11 -4.94 7.62
N LYS A 106 11.65 -6.14 7.73
CA LYS A 106 12.27 -6.60 8.96
C LYS A 106 13.08 -7.88 8.73
N THR A 107 12.54 -8.77 7.92
CA THR A 107 13.21 -10.03 7.60
C THR A 107 14.49 -9.78 6.81
N LYS A 108 14.45 -8.80 5.91
CA LYS A 108 15.61 -8.47 5.08
C LYS A 108 16.84 -8.23 5.95
N MET A 1 0.70 -13.29 15.58
CA MET A 1 0.24 -12.97 14.22
C MET A 1 -0.29 -11.54 14.13
N PRO A 2 0.10 -10.80 13.07
CA PRO A 2 -0.34 -9.41 12.88
C PRO A 2 -1.86 -9.29 12.81
N GLN A 3 -2.41 -8.30 13.51
CA GLN A 3 -3.85 -8.07 13.52
C GLN A 3 -4.36 -7.78 12.12
N THR A 4 -5.48 -8.41 11.75
CA THR A 4 -6.08 -8.21 10.44
C THR A 4 -6.88 -6.90 10.39
N GLU A 5 -6.40 -5.88 11.11
CA GLU A 5 -7.05 -4.59 11.13
C GLU A 5 -6.29 -3.62 12.05
N ARG A 6 -5.89 -4.10 13.22
CA ARG A 6 -5.16 -3.29 14.17
C ARG A 6 -3.67 -3.28 13.83
N GLN A 7 -2.95 -2.28 14.35
CA GLN A 7 -1.52 -2.14 14.12
C GLN A 7 -1.21 -1.65 12.71
N LEU A 8 -2.00 -2.09 11.74
CA LEU A 8 -1.79 -1.69 10.35
C LEU A 8 -1.88 -0.17 10.21
N ARG A 9 -2.98 0.40 10.71
CA ARG A 9 -3.20 1.84 10.63
C ARG A 9 -2.08 2.60 11.34
N VAL A 10 -1.76 2.16 12.55
CA VAL A 10 -0.72 2.80 13.34
C VAL A 10 0.63 2.71 12.63
N TRP A 11 0.87 1.57 11.99
CA TRP A 11 2.12 1.35 11.26
C TRP A 11 2.22 2.26 10.03
N ILE A 12 1.32 2.07 9.08
CA ILE A 12 1.33 2.84 7.84
C ILE A 12 1.47 4.34 8.12
N GLU A 13 0.63 4.86 9.00
CA GLU A 13 0.66 6.28 9.35
C GLU A 13 1.94 6.64 10.08
N GLY A 14 2.33 5.81 11.04
CA GLY A 14 3.53 6.07 11.81
C GLY A 14 4.79 6.13 10.96
N ALA A 15 4.84 5.31 9.91
CA ALA A 15 6.00 5.27 9.02
C ALA A 15 6.29 6.64 8.42
N THR A 16 5.40 7.10 7.55
CA THR A 16 5.57 8.39 6.89
C THR A 16 4.99 9.53 7.73
N GLY A 17 3.71 9.43 8.05
CA GLY A 17 3.06 10.45 8.83
C GLY A 17 1.85 11.01 8.11
N ARG A 18 1.06 10.12 7.52
CA ARG A 18 -0.12 10.51 6.78
C ARG A 18 -1.33 9.68 7.17
N ARG A 19 -2.43 10.35 7.48
CA ARG A 19 -3.67 9.67 7.86
C ARG A 19 -4.32 9.05 6.64
N ILE A 20 -4.69 7.78 6.76
CA ILE A 20 -5.33 7.07 5.65
C ILE A 20 -6.55 7.83 5.15
N GLY A 21 -7.46 8.15 6.06
CA GLY A 21 -8.66 8.88 5.70
C GLY A 21 -9.88 8.40 6.46
N ASP A 22 -11.03 8.41 5.80
CA ASP A 22 -12.27 7.96 6.43
C ASP A 22 -12.35 6.45 6.45
N ASN A 23 -12.22 5.84 5.26
CA ASN A 23 -12.27 4.39 5.14
C ASN A 23 -10.85 3.81 5.10
N PHE A 24 -10.64 2.71 5.82
CA PHE A 24 -9.34 2.07 5.86
C PHE A 24 -8.96 1.49 4.51
N MET A 25 -9.88 0.73 3.91
CA MET A 25 -9.65 0.10 2.62
C MET A 25 -9.67 1.14 1.50
N ASP A 26 -10.75 1.91 1.44
CA ASP A 26 -10.92 2.93 0.42
C ASP A 26 -9.80 3.98 0.49
N GLY A 27 -9.33 4.27 1.70
CA GLY A 27 -8.28 5.24 1.87
C GLY A 27 -6.91 4.71 1.47
N LEU A 28 -6.90 3.89 0.42
CA LEU A 28 -5.67 3.30 -0.08
C LEU A 28 -5.60 3.43 -1.60
N LYS A 29 -6.77 3.58 -2.22
CA LYS A 29 -6.88 3.72 -3.66
C LYS A 29 -5.94 4.80 -4.17
N ASP A 30 -5.78 5.88 -3.40
CA ASP A 30 -4.92 6.98 -3.80
C ASP A 30 -3.49 6.48 -4.06
N GLY A 31 -3.05 5.53 -3.23
CA GLY A 31 -1.72 4.96 -3.39
C GLY A 31 -0.62 5.99 -3.22
N VAL A 32 -0.82 6.92 -2.29
CA VAL A 32 0.16 7.95 -2.01
C VAL A 32 0.86 7.68 -0.69
N ILE A 33 0.07 7.53 0.37
CA ILE A 33 0.63 7.25 1.68
C ILE A 33 1.37 5.92 1.66
N LEU A 34 0.76 4.93 1.02
CA LEU A 34 1.37 3.61 0.90
C LEU A 34 2.62 3.70 0.06
N CYS A 35 2.54 4.44 -1.04
CA CYS A 35 3.67 4.63 -1.93
C CYS A 35 4.83 5.22 -1.13
N GLU A 36 4.47 6.15 -0.24
CA GLU A 36 5.41 6.81 0.62
C GLU A 36 5.99 5.84 1.65
N LEU A 37 5.16 4.91 2.11
CA LEU A 37 5.57 3.91 3.09
C LEU A 37 6.79 3.12 2.60
N ILE A 38 6.61 2.42 1.49
CA ILE A 38 7.70 1.63 0.92
C ILE A 38 8.83 2.51 0.43
N ASN A 39 8.48 3.72 -0.02
CA ASN A 39 9.46 4.67 -0.51
C ASN A 39 10.59 4.85 0.52
N LYS A 40 10.24 4.70 1.79
CA LYS A 40 11.20 4.85 2.88
C LYS A 40 12.04 3.60 3.03
N LEU A 41 11.38 2.45 3.13
CA LEU A 41 12.05 1.17 3.30
C LEU A 41 12.86 0.81 2.06
N GLN A 42 12.17 0.70 0.93
CA GLN A 42 12.82 0.36 -0.33
C GLN A 42 13.28 1.61 -1.07
N PRO A 43 14.58 1.72 -1.34
CA PRO A 43 15.16 2.87 -2.04
C PRO A 43 14.45 3.15 -3.37
N GLY A 44 14.00 4.39 -3.54
CA GLY A 44 13.33 4.79 -4.77
C GLY A 44 12.18 3.88 -5.14
N SER A 45 11.29 3.61 -4.18
CA SER A 45 10.14 2.75 -4.43
C SER A 45 9.20 3.38 -5.46
N VAL A 46 8.96 4.68 -5.31
CA VAL A 46 8.08 5.40 -6.22
C VAL A 46 8.67 6.76 -6.58
N GLN A 47 8.64 7.08 -7.87
CA GLN A 47 9.18 8.35 -8.35
C GLN A 47 8.31 9.52 -7.87
N LYS A 48 8.07 10.49 -8.75
CA LYS A 48 7.25 11.63 -8.40
C LYS A 48 5.83 11.20 -8.07
N VAL A 49 5.40 11.46 -6.84
CA VAL A 49 4.06 11.08 -6.42
C VAL A 49 3.01 12.05 -6.96
N ASN A 50 2.04 11.51 -7.70
CA ASN A 50 0.98 12.33 -8.27
C ASN A 50 -0.12 12.59 -7.24
N ASP A 51 -0.53 13.84 -7.12
CA ASP A 51 -1.59 14.20 -6.17
C ASP A 51 -2.92 13.58 -6.60
N PRO A 52 -3.54 12.76 -5.75
CA PRO A 52 -4.82 12.12 -6.05
C PRO A 52 -5.97 13.12 -6.12
N VAL A 53 -6.58 13.23 -7.30
CA VAL A 53 -7.69 14.15 -7.52
C VAL A 53 -8.61 13.66 -8.63
N GLN A 54 -8.06 13.55 -9.84
CA GLN A 54 -8.82 13.09 -10.99
C GLN A 54 -9.06 11.59 -10.93
N ASN A 55 -8.82 10.90 -12.05
CA ASN A 55 -9.01 9.45 -12.11
C ASN A 55 -7.89 8.78 -12.88
N TRP A 56 -6.65 9.12 -12.53
CA TRP A 56 -5.48 8.52 -13.18
C TRP A 56 -4.24 8.64 -12.29
N HIS A 57 -4.18 9.72 -11.51
CA HIS A 57 -3.04 9.92 -10.60
C HIS A 57 -2.88 8.71 -9.70
N LYS A 58 -4.00 8.24 -9.16
CA LYS A 58 -4.01 7.08 -8.28
C LYS A 58 -3.56 5.83 -9.02
N LEU A 59 -3.97 5.71 -10.27
CA LEU A 59 -3.62 4.56 -11.09
C LEU A 59 -2.11 4.35 -11.13
N GLU A 60 -1.36 5.45 -11.23
CA GLU A 60 0.09 5.37 -11.27
C GLU A 60 0.65 5.14 -9.87
N ASN A 61 0.09 5.85 -8.90
CA ASN A 61 0.51 5.73 -7.52
C ASN A 61 0.40 4.30 -7.04
N ILE A 62 -0.67 3.62 -7.46
CA ILE A 62 -0.90 2.23 -7.07
C ILE A 62 0.04 1.29 -7.81
N GLY A 63 0.20 1.52 -9.10
CA GLY A 63 1.06 0.66 -9.91
C GLY A 63 2.47 0.58 -9.37
N ASN A 64 3.10 1.73 -9.16
CA ASN A 64 4.48 1.76 -8.65
C ASN A 64 4.59 1.06 -7.30
N PHE A 65 3.60 1.28 -6.44
CA PHE A 65 3.60 0.70 -5.11
C PHE A 65 3.52 -0.83 -5.16
N LEU A 66 2.54 -1.36 -5.89
CA LEU A 66 2.34 -2.79 -6.00
C LEU A 66 3.49 -3.47 -6.74
N ARG A 67 3.93 -2.88 -7.85
CA ARG A 67 5.02 -3.45 -8.63
C ARG A 67 6.27 -3.56 -7.77
N ALA A 68 6.53 -2.50 -7.01
CA ALA A 68 7.70 -2.44 -6.14
C ALA A 68 7.63 -3.50 -5.03
N ILE A 69 6.47 -3.59 -4.37
CA ILE A 69 6.30 -4.56 -3.27
C ILE A 69 6.23 -5.99 -3.78
N LYS A 70 5.55 -6.18 -4.91
CA LYS A 70 5.40 -7.50 -5.50
C LYS A 70 6.77 -8.14 -5.75
N HIS A 71 7.70 -7.33 -6.22
CA HIS A 71 9.05 -7.78 -6.51
C HIS A 71 9.93 -7.64 -5.28
N TYR A 72 9.60 -6.68 -4.42
CA TYR A 72 10.35 -6.43 -3.20
C TYR A 72 10.50 -7.70 -2.37
N GLY A 73 9.41 -8.46 -2.26
CA GLY A 73 9.44 -9.68 -1.49
C GLY A 73 8.09 -10.37 -1.37
N VAL A 74 7.04 -9.58 -1.14
CA VAL A 74 5.70 -10.14 -0.99
C VAL A 74 5.34 -11.02 -2.19
N LYS A 75 4.84 -12.22 -1.89
CA LYS A 75 4.45 -13.17 -2.93
C LYS A 75 3.35 -12.60 -3.82
N PRO A 76 3.46 -12.79 -5.14
CA PRO A 76 2.46 -12.30 -6.10
C PRO A 76 1.06 -12.80 -5.79
N HIS A 77 0.96 -14.09 -5.44
CA HIS A 77 -0.33 -14.69 -5.11
C HIS A 77 -0.84 -14.23 -3.74
N ASP A 78 -0.32 -13.08 -3.29
CA ASP A 78 -0.71 -12.52 -2.00
C ASP A 78 -0.63 -11.00 -2.07
N ILE A 79 -1.04 -10.43 -3.20
CA ILE A 79 -1.02 -8.99 -3.39
C ILE A 79 -2.14 -8.52 -4.29
N PHE A 80 -2.83 -7.47 -3.88
CA PHE A 80 -3.93 -6.92 -4.66
C PHE A 80 -3.38 -6.14 -5.84
N GLU A 81 -4.07 -6.22 -6.97
CA GLU A 81 -3.64 -5.51 -8.17
C GLU A 81 -4.20 -4.10 -8.19
N ALA A 82 -3.70 -3.29 -9.11
CA ALA A 82 -4.14 -1.92 -9.25
C ALA A 82 -5.66 -1.83 -9.36
N ASN A 83 -6.29 -2.93 -9.79
CA ASN A 83 -7.74 -2.95 -9.95
C ASN A 83 -8.44 -3.42 -8.68
N ASP A 84 -7.86 -4.39 -7.98
CA ASP A 84 -8.47 -4.91 -6.76
C ASP A 84 -8.71 -3.78 -5.75
N LEU A 85 -7.74 -2.86 -5.65
CA LEU A 85 -7.86 -1.74 -4.73
C LEU A 85 -8.66 -0.60 -5.35
N PHE A 86 -8.32 -0.22 -6.57
CA PHE A 86 -9.02 0.87 -7.25
C PHE A 86 -10.47 0.51 -7.54
N GLU A 87 -10.67 -0.53 -8.36
CA GLU A 87 -12.01 -0.97 -8.71
C GLU A 87 -12.68 -1.66 -7.52
N ASN A 88 -11.90 -1.88 -6.47
CA ASN A 88 -12.40 -2.54 -5.27
C ASN A 88 -12.93 -3.92 -5.62
N THR A 89 -12.25 -4.59 -6.54
CA THR A 89 -12.65 -5.93 -6.97
C THR A 89 -12.05 -7.02 -6.08
N ASN A 90 -11.55 -6.63 -4.90
CA ASN A 90 -10.95 -7.60 -3.98
C ASN A 90 -10.46 -6.93 -2.70
N HIS A 91 -11.38 -6.42 -1.89
CA HIS A 91 -11.03 -5.74 -0.64
C HIS A 91 -10.25 -6.67 0.29
N THR A 92 -10.69 -7.91 0.39
CA THR A 92 -10.07 -8.90 1.26
C THR A 92 -8.55 -8.94 1.08
N GLN A 93 -8.09 -8.98 -0.17
CA GLN A 93 -6.68 -9.03 -0.47
C GLN A 93 -5.95 -7.78 0.04
N VAL A 94 -6.59 -6.63 -0.09
CA VAL A 94 -6.00 -5.37 0.35
C VAL A 94 -5.59 -5.44 1.81
N GLN A 95 -6.48 -5.98 2.65
CA GLN A 95 -6.22 -6.10 4.07
C GLN A 95 -5.08 -7.07 4.36
N SER A 96 -5.12 -8.23 3.72
CA SER A 96 -4.10 -9.26 3.93
C SER A 96 -2.73 -8.81 3.41
N THR A 97 -2.73 -8.07 2.31
CA THR A 97 -1.48 -7.59 1.70
C THR A 97 -0.60 -6.88 2.71
N LEU A 98 -1.19 -6.00 3.53
CA LEU A 98 -0.42 -5.27 4.54
C LEU A 98 0.28 -6.23 5.50
N ILE A 99 -0.44 -7.26 5.93
CA ILE A 99 0.11 -8.24 6.85
C ILE A 99 1.36 -8.91 6.26
N ALA A 100 1.29 -9.25 4.98
CA ALA A 100 2.41 -9.88 4.29
C ALA A 100 3.62 -8.95 4.22
N LEU A 101 3.37 -7.70 3.83
CA LEU A 101 4.43 -6.71 3.72
C LEU A 101 5.12 -6.48 5.07
N ALA A 102 4.32 -6.47 6.13
CA ALA A 102 4.83 -6.26 7.48
C ALA A 102 5.89 -7.30 7.82
N SER A 103 5.68 -8.53 7.34
CA SER A 103 6.62 -9.61 7.59
C SER A 103 8.03 -9.22 7.14
N GLN A 104 8.10 -8.47 6.04
CA GLN A 104 9.38 -8.03 5.50
C GLN A 104 10.07 -7.06 6.45
N ALA A 105 9.32 -6.08 6.95
CA ALA A 105 9.88 -5.08 7.86
C ALA A 105 10.08 -5.66 9.27
N LYS A 106 10.50 -6.92 9.33
CA LYS A 106 10.74 -7.57 10.61
C LYS A 106 12.07 -7.11 11.22
N THR A 107 13.11 -7.09 10.40
CA THR A 107 14.44 -6.66 10.85
C THR A 107 15.35 -6.38 9.66
N LYS A 108 14.82 -5.67 8.67
CA LYS A 108 15.60 -5.33 7.47
C LYS A 108 16.76 -4.40 7.82
N MET A 1 -0.15 -14.77 12.06
CA MET A 1 0.08 -14.37 13.47
C MET A 1 -0.20 -12.87 13.67
N PRO A 2 0.33 -11.99 12.80
CA PRO A 2 0.12 -10.54 12.92
C PRO A 2 -1.26 -10.11 12.43
N GLN A 3 -2.29 -10.85 12.85
CA GLN A 3 -3.66 -10.55 12.45
C GLN A 3 -4.06 -9.15 12.90
N THR A 4 -3.51 -8.72 14.04
CA THR A 4 -3.82 -7.42 14.60
C THR A 4 -3.84 -6.33 13.53
N GLU A 5 -5.05 -5.95 13.13
CA GLU A 5 -5.22 -4.91 12.13
C GLU A 5 -4.79 -3.56 12.68
N ARG A 6 -4.90 -3.42 13.99
CA ARG A 6 -4.52 -2.18 14.67
C ARG A 6 -3.09 -1.78 14.30
N GLN A 7 -2.19 -2.76 14.29
CA GLN A 7 -0.79 -2.51 13.95
C GLN A 7 -0.66 -1.97 12.54
N LEU A 8 -1.49 -2.47 11.63
CA LEU A 8 -1.46 -2.04 10.24
C LEU A 8 -1.64 -0.53 10.12
N ARG A 9 -2.60 0.01 10.85
CA ARG A 9 -2.87 1.44 10.82
C ARG A 9 -1.70 2.25 11.38
N VAL A 10 -1.27 1.91 12.59
CA VAL A 10 -0.16 2.61 13.23
C VAL A 10 1.10 2.56 12.36
N TRP A 11 1.32 1.43 11.71
CA TRP A 11 2.49 1.25 10.85
C TRP A 11 2.50 2.23 9.69
N ILE A 12 1.55 2.12 8.78
CA ILE A 12 1.48 2.99 7.61
C ILE A 12 1.26 4.44 7.99
N GLU A 13 0.26 4.70 8.83
CA GLU A 13 -0.04 6.07 9.25
C GLU A 13 1.17 6.70 9.93
N GLY A 14 1.81 5.94 10.81
CA GLY A 14 2.97 6.43 11.52
C GLY A 14 4.16 6.69 10.60
N ALA A 15 4.32 5.83 9.59
CA ALA A 15 5.42 5.97 8.65
C ALA A 15 5.46 7.35 8.02
N THR A 16 4.40 7.69 7.28
CA THR A 16 4.32 8.98 6.61
C THR A 16 3.64 10.02 7.50
N GLY A 17 2.34 9.83 7.71
CA GLY A 17 1.57 10.75 8.53
C GLY A 17 0.10 10.65 8.22
N ARG A 18 -0.19 10.18 7.02
CA ARG A 18 -1.56 10.03 6.54
C ARG A 18 -2.40 9.21 7.52
N ARG A 19 -3.58 9.71 7.82
CA ARG A 19 -4.49 9.03 8.73
C ARG A 19 -5.58 8.30 7.95
N ILE A 20 -5.64 6.98 8.09
CA ILE A 20 -6.64 6.17 7.40
C ILE A 20 -7.98 6.25 8.14
N GLY A 21 -8.38 7.47 8.48
CA GLY A 21 -9.62 7.67 9.20
C GLY A 21 -10.84 7.16 8.46
N ASP A 22 -10.93 7.47 7.17
CA ASP A 22 -12.06 7.04 6.35
C ASP A 22 -12.07 5.51 6.20
N ASN A 23 -12.57 5.03 5.06
CA ASN A 23 -12.64 3.60 4.80
C ASN A 23 -11.23 3.02 4.68
N PHE A 24 -11.03 1.85 5.26
CA PHE A 24 -9.73 1.18 5.24
C PHE A 24 -9.27 0.92 3.81
N MET A 25 -10.21 0.63 2.92
CA MET A 25 -9.88 0.35 1.52
C MET A 25 -10.03 1.59 0.66
N ASP A 26 -11.21 2.20 0.72
CA ASP A 26 -11.52 3.39 -0.06
C ASP A 26 -10.46 4.48 0.14
N GLY A 27 -9.92 4.56 1.36
CA GLY A 27 -8.90 5.56 1.64
C GLY A 27 -7.59 5.27 0.96
N LEU A 28 -7.14 4.02 1.06
CA LEU A 28 -5.87 3.59 0.46
C LEU A 28 -5.89 3.69 -1.07
N LYS A 29 -7.08 3.87 -1.63
CA LYS A 29 -7.23 3.97 -3.08
C LYS A 29 -6.27 4.98 -3.70
N ASP A 30 -6.08 6.11 -3.02
CA ASP A 30 -5.18 7.14 -3.52
C ASP A 30 -3.80 6.57 -3.80
N GLY A 31 -3.37 5.65 -2.94
CA GLY A 31 -2.06 5.03 -3.09
C GLY A 31 -0.94 5.90 -2.59
N VAL A 32 -1.03 7.21 -2.85
CA VAL A 32 -0.02 8.17 -2.41
C VAL A 32 0.58 7.79 -1.07
N ILE A 33 -0.27 7.39 -0.13
CA ILE A 33 0.17 7.01 1.19
C ILE A 33 1.09 5.80 1.14
N LEU A 34 0.62 4.74 0.49
CA LEU A 34 1.41 3.52 0.35
C LEU A 34 2.68 3.81 -0.45
N CYS A 35 2.52 4.54 -1.54
CA CYS A 35 3.66 4.92 -2.38
C CYS A 35 4.70 5.63 -1.53
N GLU A 36 4.23 6.57 -0.72
CA GLU A 36 5.07 7.33 0.17
C GLU A 36 5.74 6.42 1.20
N LEU A 37 5.04 5.35 1.59
CA LEU A 37 5.55 4.40 2.57
C LEU A 37 6.70 3.56 2.01
N ILE A 38 6.48 2.93 0.86
CA ILE A 38 7.49 2.08 0.24
C ILE A 38 8.76 2.87 -0.07
N ASN A 39 8.60 4.11 -0.53
CA ASN A 39 9.76 4.95 -0.84
C ASN A 39 10.69 5.04 0.36
N LYS A 40 10.12 4.89 1.55
CA LYS A 40 10.89 4.94 2.79
C LYS A 40 11.63 3.63 3.02
N LEU A 41 10.88 2.53 2.98
CA LEU A 41 11.44 1.21 3.20
C LEU A 41 12.38 0.82 2.04
N GLN A 42 11.82 0.76 0.83
CA GLN A 42 12.60 0.42 -0.34
C GLN A 42 13.02 1.67 -1.11
N PRO A 43 14.32 1.98 -1.13
CA PRO A 43 14.86 3.16 -1.81
C PRO A 43 14.41 3.28 -3.27
N GLY A 44 13.90 4.47 -3.62
CA GLY A 44 13.48 4.73 -4.98
C GLY A 44 12.56 3.67 -5.57
N SER A 45 11.52 3.29 -4.86
CA SER A 45 10.58 2.29 -5.35
C SER A 45 9.66 2.87 -6.41
N VAL A 46 8.88 3.88 -6.03
CA VAL A 46 7.96 4.54 -6.94
C VAL A 46 8.68 5.60 -7.76
N GLN A 47 8.37 5.68 -9.04
CA GLN A 47 8.99 6.65 -9.93
C GLN A 47 8.84 8.07 -9.37
N LYS A 48 7.63 8.40 -8.92
CA LYS A 48 7.36 9.71 -8.36
C LYS A 48 5.92 9.77 -7.85
N VAL A 49 5.77 10.06 -6.56
CA VAL A 49 4.44 10.14 -5.95
C VAL A 49 3.67 11.36 -6.46
N ASN A 50 2.46 11.11 -6.96
CA ASN A 50 1.61 12.17 -7.48
C ASN A 50 0.38 12.39 -6.61
N ASP A 51 -0.03 13.64 -6.48
CA ASP A 51 -1.22 13.97 -5.68
C ASP A 51 -2.43 13.19 -6.18
N PRO A 52 -3.29 12.71 -5.26
CA PRO A 52 -4.49 11.94 -5.62
C PRO A 52 -5.59 12.79 -6.25
N VAL A 53 -5.21 13.77 -7.06
CA VAL A 53 -6.18 14.65 -7.72
C VAL A 53 -6.76 13.97 -8.95
N GLN A 54 -5.89 13.60 -9.89
CA GLN A 54 -6.32 12.95 -11.12
C GLN A 54 -6.47 11.44 -10.91
N ASN A 55 -7.44 10.85 -11.61
CA ASN A 55 -7.69 9.42 -11.49
C ASN A 55 -6.44 8.61 -11.84
N TRP A 56 -5.74 9.02 -12.88
CA TRP A 56 -4.53 8.30 -13.30
C TRP A 56 -3.41 8.46 -12.27
N HIS A 57 -3.44 9.55 -11.50
CA HIS A 57 -2.43 9.78 -10.48
C HIS A 57 -2.39 8.62 -9.49
N LYS A 58 -3.55 8.26 -8.96
CA LYS A 58 -3.65 7.16 -8.01
C LYS A 58 -3.19 5.86 -8.65
N LEU A 59 -3.64 5.63 -9.88
CA LEU A 59 -3.29 4.43 -10.62
C LEU A 59 -1.78 4.28 -10.75
N GLU A 60 -1.10 5.41 -10.88
CA GLU A 60 0.36 5.41 -11.02
C GLU A 60 1.03 5.05 -9.70
N ASN A 61 0.59 5.68 -8.62
CA ASN A 61 1.14 5.44 -7.31
C ASN A 61 0.92 3.98 -6.90
N ILE A 62 -0.26 3.45 -7.22
CA ILE A 62 -0.60 2.08 -6.88
C ILE A 62 0.22 1.10 -7.71
N GLY A 63 0.35 1.40 -9.00
CA GLY A 63 1.10 0.53 -9.90
C GLY A 63 2.55 0.35 -9.47
N ASN A 64 3.22 1.46 -9.15
CA ASN A 64 4.61 1.41 -8.73
C ASN A 64 4.75 0.72 -7.38
N PHE A 65 3.84 1.03 -6.46
CA PHE A 65 3.88 0.44 -5.12
C PHE A 65 3.80 -1.08 -5.18
N LEU A 66 2.78 -1.58 -5.88
CA LEU A 66 2.59 -3.03 -6.01
C LEU A 66 3.73 -3.66 -6.80
N ARG A 67 4.11 -3.01 -7.90
CA ARG A 67 5.19 -3.52 -8.74
C ARG A 67 6.47 -3.63 -7.93
N ALA A 68 6.70 -2.64 -7.07
CA ALA A 68 7.89 -2.60 -6.23
C ALA A 68 7.85 -3.68 -5.14
N ILE A 69 6.71 -3.82 -4.47
CA ILE A 69 6.56 -4.81 -3.41
C ILE A 69 6.55 -6.24 -3.95
N LYS A 70 5.92 -6.43 -5.10
CA LYS A 70 5.84 -7.75 -5.72
C LYS A 70 7.23 -8.31 -5.99
N HIS A 71 8.12 -7.43 -6.46
CA HIS A 71 9.49 -7.82 -6.77
C HIS A 71 10.36 -7.72 -5.51
N TYR A 72 10.05 -6.75 -4.67
CA TYR A 72 10.80 -6.52 -3.43
C TYR A 72 10.91 -7.82 -2.63
N GLY A 73 9.81 -8.56 -2.54
CA GLY A 73 9.83 -9.81 -1.80
C GLY A 73 8.46 -10.42 -1.65
N VAL A 74 7.47 -9.60 -1.32
CA VAL A 74 6.10 -10.08 -1.14
C VAL A 74 5.58 -10.71 -2.43
N LYS A 75 5.06 -11.93 -2.30
CA LYS A 75 4.52 -12.66 -3.45
C LYS A 75 3.21 -12.03 -3.94
N PRO A 76 2.99 -11.99 -5.26
CA PRO A 76 1.78 -11.42 -5.85
C PRO A 76 0.51 -12.03 -5.26
N HIS A 77 0.56 -13.33 -4.99
CA HIS A 77 -0.58 -14.05 -4.43
C HIS A 77 -1.03 -13.39 -3.12
N ASP A 78 -0.09 -12.77 -2.42
CA ASP A 78 -0.38 -12.08 -1.17
C ASP A 78 -0.29 -10.58 -1.37
N ILE A 79 -0.74 -10.14 -2.54
CA ILE A 79 -0.70 -8.73 -2.89
C ILE A 79 -1.92 -8.33 -3.72
N PHE A 80 -2.58 -7.27 -3.31
CA PHE A 80 -3.76 -6.78 -4.01
C PHE A 80 -3.37 -6.08 -5.31
N GLU A 81 -4.19 -6.25 -6.33
CA GLU A 81 -3.93 -5.62 -7.62
C GLU A 81 -4.49 -4.21 -7.64
N ALA A 82 -3.83 -3.33 -8.40
CA ALA A 82 -4.25 -1.95 -8.52
C ALA A 82 -5.75 -1.84 -8.79
N ASN A 83 -6.26 -2.79 -9.58
CA ASN A 83 -7.67 -2.80 -9.93
C ASN A 83 -8.55 -3.16 -8.72
N ASP A 84 -8.08 -4.08 -7.89
CA ASP A 84 -8.84 -4.50 -6.72
C ASP A 84 -9.07 -3.34 -5.77
N LEU A 85 -8.03 -2.56 -5.51
CA LEU A 85 -8.14 -1.41 -4.61
C LEU A 85 -8.87 -0.25 -5.28
N PHE A 86 -8.53 0.03 -6.54
CA PHE A 86 -9.13 1.13 -7.28
C PHE A 86 -10.60 0.87 -7.60
N GLU A 87 -10.86 -0.22 -8.33
CA GLU A 87 -12.22 -0.59 -8.72
C GLU A 87 -13.00 -1.14 -7.53
N ASN A 88 -12.30 -1.37 -6.42
CA ASN A 88 -12.92 -1.91 -5.22
C ASN A 88 -13.49 -3.30 -5.48
N THR A 89 -12.84 -4.02 -6.40
CA THR A 89 -13.28 -5.38 -6.74
C THR A 89 -12.95 -6.35 -5.61
N ASN A 90 -11.82 -6.12 -4.94
CA ASN A 90 -11.40 -6.97 -3.84
C ASN A 90 -10.84 -6.13 -2.70
N HIS A 91 -11.44 -6.27 -1.52
CA HIS A 91 -11.01 -5.51 -0.35
C HIS A 91 -10.17 -6.37 0.59
N THR A 92 -10.67 -7.55 0.91
CA THR A 92 -9.98 -8.47 1.81
C THR A 92 -8.52 -8.65 1.43
N GLN A 93 -8.26 -8.78 0.13
CA GLN A 93 -6.90 -8.95 -0.37
C GLN A 93 -6.01 -7.79 0.06
N VAL A 94 -6.57 -6.59 0.05
CA VAL A 94 -5.83 -5.39 0.43
C VAL A 94 -5.34 -5.49 1.87
N GLN A 95 -6.23 -5.90 2.78
CA GLN A 95 -5.89 -6.03 4.18
C GLN A 95 -4.80 -7.07 4.39
N SER A 96 -4.95 -8.21 3.72
CA SER A 96 -3.98 -9.30 3.84
C SER A 96 -2.61 -8.88 3.33
N THR A 97 -2.60 -8.13 2.22
CA THR A 97 -1.35 -7.67 1.62
C THR A 97 -0.51 -6.89 2.63
N LEU A 98 -1.16 -6.01 3.38
CA LEU A 98 -0.46 -5.21 4.38
C LEU A 98 0.24 -6.11 5.39
N ILE A 99 -0.42 -7.22 5.74
CA ILE A 99 0.13 -8.18 6.69
C ILE A 99 1.46 -8.75 6.20
N ALA A 100 1.49 -9.17 4.95
CA ALA A 100 2.70 -9.73 4.36
C ALA A 100 3.81 -8.70 4.27
N LEU A 101 3.48 -7.51 3.78
CA LEU A 101 4.46 -6.44 3.64
C LEU A 101 5.11 -6.12 4.98
N ALA A 102 4.35 -6.27 6.05
CA ALA A 102 4.84 -6.00 7.39
C ALA A 102 6.04 -6.89 7.74
N SER A 103 5.91 -8.18 7.45
CA SER A 103 6.97 -9.13 7.74
C SER A 103 8.27 -8.76 7.02
N GLN A 104 8.14 -8.26 5.80
CA GLN A 104 9.29 -7.86 5.01
C GLN A 104 10.05 -6.71 5.65
N ALA A 105 9.32 -5.65 5.97
CA ALA A 105 9.91 -4.46 6.56
C ALA A 105 10.53 -4.74 7.93
N LYS A 106 9.80 -5.44 8.79
CA LYS A 106 10.30 -5.75 10.14
C LYS A 106 11.56 -6.62 10.07
N THR A 107 11.50 -7.68 9.27
CA THR A 107 12.63 -8.59 9.12
C THR A 107 13.80 -7.91 8.41
N LYS A 108 13.47 -7.06 7.43
CA LYS A 108 14.48 -6.36 6.66
C LYS A 108 15.41 -5.56 7.57
N MET A 1 2.17 -9.14 17.49
CA MET A 1 2.17 -9.69 16.11
C MET A 1 1.13 -8.99 15.24
N PRO A 2 1.50 -8.62 14.01
CA PRO A 2 0.59 -7.93 13.07
C PRO A 2 -0.66 -8.75 12.79
N GLN A 3 -1.82 -8.09 12.83
CA GLN A 3 -3.09 -8.75 12.57
C GLN A 3 -4.23 -7.74 12.51
N THR A 4 -5.47 -8.25 12.49
CA THR A 4 -6.66 -7.40 12.44
C THR A 4 -6.47 -6.22 11.48
N GLU A 5 -6.59 -5.00 12.01
CA GLU A 5 -6.44 -3.80 11.21
C GLU A 5 -5.84 -2.67 12.03
N ARG A 6 -6.01 -2.75 13.35
CA ARG A 6 -5.49 -1.73 14.26
C ARG A 6 -3.99 -1.55 14.06
N GLN A 7 -3.27 -2.65 13.93
CA GLN A 7 -1.82 -2.61 13.73
C GLN A 7 -1.47 -2.03 12.36
N LEU A 8 -2.26 -2.39 11.36
CA LEU A 8 -2.03 -1.92 9.99
C LEU A 8 -2.09 -0.40 9.90
N ARG A 9 -3.15 0.20 10.42
CA ARG A 9 -3.32 1.65 10.38
C ARG A 9 -2.21 2.36 11.14
N VAL A 10 -1.93 1.90 12.35
CA VAL A 10 -0.88 2.51 13.19
C VAL A 10 0.49 2.38 12.52
N TRP A 11 0.73 1.23 11.90
CA TRP A 11 2.01 0.97 11.22
C TRP A 11 2.27 1.95 10.08
N ILE A 12 1.44 1.87 9.04
CA ILE A 12 1.60 2.73 7.87
C ILE A 12 1.52 4.20 8.22
N GLU A 13 0.44 4.60 8.91
CA GLU A 13 0.26 5.99 9.29
C GLU A 13 1.41 6.46 10.19
N GLY A 14 1.85 5.56 11.08
CA GLY A 14 2.94 5.89 11.98
C GLY A 14 4.26 6.09 11.26
N ALA A 15 4.48 5.32 10.19
CA ALA A 15 5.71 5.42 9.42
C ALA A 15 5.98 6.84 8.94
N THR A 16 5.18 7.30 7.98
CA THR A 16 5.33 8.64 7.42
C THR A 16 4.68 9.69 8.32
N GLY A 17 3.52 9.34 8.89
CA GLY A 17 2.82 10.27 9.75
C GLY A 17 1.73 11.02 9.01
N ARG A 18 0.97 10.29 8.19
CA ARG A 18 -0.10 10.88 7.41
C ARG A 18 -1.38 10.04 7.50
N ARG A 19 -2.51 10.69 7.72
CA ARG A 19 -3.78 9.99 7.79
C ARG A 19 -4.21 9.62 6.38
N ILE A 20 -4.47 8.33 6.15
CA ILE A 20 -4.87 7.86 4.83
C ILE A 20 -6.11 8.60 4.34
N GLY A 21 -7.18 8.58 5.14
CA GLY A 21 -8.39 9.27 4.77
C GLY A 21 -9.64 8.64 5.37
N ASP A 22 -10.73 8.65 4.60
CA ASP A 22 -11.98 8.07 5.06
C ASP A 22 -11.93 6.55 5.02
N ASN A 23 -12.52 5.92 6.02
CA ASN A 23 -12.54 4.46 6.11
C ASN A 23 -11.12 3.91 6.14
N PHE A 24 -10.80 3.01 5.21
CA PHE A 24 -9.47 2.41 5.15
C PHE A 24 -9.20 1.83 3.77
N MET A 25 -10.13 1.01 3.28
CA MET A 25 -9.98 0.40 1.97
C MET A 25 -10.06 1.46 0.88
N ASP A 26 -11.11 2.28 0.97
CA ASP A 26 -11.32 3.37 0.02
C ASP A 26 -10.18 4.38 0.10
N GLY A 27 -9.63 4.55 1.29
CA GLY A 27 -8.54 5.49 1.48
C GLY A 27 -7.30 5.11 0.69
N LEU A 28 -6.95 3.83 0.74
CA LEU A 28 -5.77 3.31 0.03
C LEU A 28 -5.85 3.59 -1.47
N LYS A 29 -7.08 3.68 -1.99
CA LYS A 29 -7.31 3.91 -3.41
C LYS A 29 -6.49 5.07 -3.96
N ASP A 30 -6.46 6.19 -3.23
CA ASP A 30 -5.71 7.37 -3.68
C ASP A 30 -4.23 7.06 -3.90
N GLY A 31 -3.68 6.17 -3.08
CA GLY A 31 -2.28 5.82 -3.21
C GLY A 31 -1.38 7.03 -3.06
N VAL A 32 -0.93 7.28 -1.83
CA VAL A 32 -0.06 8.42 -1.55
C VAL A 32 0.86 8.11 -0.37
N ILE A 33 0.24 7.78 0.76
CA ILE A 33 1.01 7.46 1.96
C ILE A 33 1.73 6.14 1.79
N LEU A 34 1.03 5.16 1.22
CA LEU A 34 1.63 3.85 0.98
C LEU A 34 2.89 4.01 0.15
N CYS A 35 2.78 4.81 -0.91
CA CYS A 35 3.92 5.09 -1.78
C CYS A 35 5.06 5.66 -0.95
N GLU A 36 4.71 6.58 -0.06
CA GLU A 36 5.68 7.21 0.81
C GLU A 36 6.31 6.20 1.76
N LEU A 37 5.52 5.21 2.19
CA LEU A 37 5.99 4.18 3.09
C LEU A 37 7.00 3.24 2.42
N ILE A 38 6.63 2.73 1.25
CA ILE A 38 7.51 1.81 0.52
C ILE A 38 8.84 2.46 0.19
N ASN A 39 8.81 3.76 -0.14
CA ASN A 39 10.04 4.48 -0.46
C ASN A 39 11.02 4.42 0.71
N LYS A 40 10.48 4.34 1.93
CA LYS A 40 11.29 4.27 3.13
C LYS A 40 12.02 2.93 3.20
N LEU A 41 11.25 1.86 3.05
CA LEU A 41 11.81 0.51 3.10
C LEU A 41 12.68 0.23 1.89
N GLN A 42 12.09 0.42 0.70
CA GLN A 42 12.80 0.18 -0.55
C GLN A 42 13.16 1.51 -1.22
N PRO A 43 14.39 1.63 -1.72
CA PRO A 43 14.87 2.84 -2.40
C PRO A 43 14.25 3.03 -3.78
N GLY A 44 13.83 4.27 -4.06
CA GLY A 44 13.23 4.57 -5.36
C GLY A 44 12.06 3.67 -5.68
N SER A 45 11.16 3.49 -4.72
CA SER A 45 9.98 2.64 -4.91
C SER A 45 8.99 3.27 -5.88
N VAL A 46 8.72 4.57 -5.68
CA VAL A 46 7.78 5.29 -6.53
C VAL A 46 8.28 6.69 -6.86
N GLN A 47 8.97 7.30 -5.89
CA GLN A 47 9.50 8.65 -6.04
C GLN A 47 8.38 9.69 -6.07
N LYS A 48 8.36 10.52 -7.10
CA LYS A 48 7.33 11.56 -7.23
C LYS A 48 5.94 10.98 -7.11
N VAL A 49 5.10 11.61 -6.29
CA VAL A 49 3.73 11.16 -6.08
C VAL A 49 2.73 12.07 -6.78
N ASN A 50 1.84 11.48 -7.57
CA ASN A 50 0.83 12.23 -8.28
C ASN A 50 -0.37 12.54 -7.37
N ASP A 51 -0.80 13.79 -7.37
CA ASP A 51 -1.92 14.21 -6.54
C ASP A 51 -3.20 13.49 -6.99
N PRO A 52 -3.99 12.95 -6.04
CA PRO A 52 -5.23 12.24 -6.34
C PRO A 52 -6.36 13.17 -6.77
N VAL A 53 -6.04 14.15 -7.61
CA VAL A 53 -7.03 15.10 -8.09
C VAL A 53 -8.05 14.42 -8.99
N GLN A 54 -7.58 13.85 -10.09
CA GLN A 54 -8.44 13.15 -11.04
C GLN A 54 -8.67 11.70 -10.61
N ASN A 55 -8.15 10.76 -11.39
CA ASN A 55 -8.31 9.34 -11.08
C ASN A 55 -7.10 8.53 -11.54
N TRP A 56 -6.60 8.83 -12.74
CA TRP A 56 -5.46 8.10 -13.29
C TRP A 56 -4.24 8.25 -12.38
N HIS A 57 -4.13 9.39 -11.70
CA HIS A 57 -3.00 9.63 -10.81
C HIS A 57 -2.84 8.49 -9.81
N LYS A 58 -3.97 8.08 -9.22
CA LYS A 58 -3.97 6.99 -8.25
C LYS A 58 -3.41 5.71 -8.87
N LEU A 59 -3.82 5.43 -10.09
CA LEU A 59 -3.37 4.23 -10.80
C LEU A 59 -1.85 4.17 -10.87
N GLU A 60 -1.21 5.33 -10.94
CA GLU A 60 0.25 5.41 -11.02
C GLU A 60 0.89 5.01 -9.70
N ASN A 61 0.46 5.64 -8.62
CA ASN A 61 1.01 5.36 -7.30
C ASN A 61 0.73 3.91 -6.90
N ILE A 62 -0.48 3.44 -7.21
CA ILE A 62 -0.87 2.07 -6.88
C ILE A 62 -0.06 1.07 -7.70
N GLY A 63 0.09 1.35 -8.99
CA GLY A 63 0.83 0.45 -9.86
C GLY A 63 2.28 0.28 -9.45
N ASN A 64 2.96 1.40 -9.19
CA ASN A 64 4.36 1.36 -8.79
C ASN A 64 4.52 0.73 -7.41
N PHE A 65 3.62 1.06 -6.50
CA PHE A 65 3.67 0.53 -5.14
C PHE A 65 3.59 -0.99 -5.13
N LEU A 66 2.56 -1.53 -5.78
CA LEU A 66 2.36 -2.97 -5.85
C LEU A 66 3.44 -3.65 -6.69
N ARG A 67 3.80 -3.01 -7.79
CA ARG A 67 4.82 -3.56 -8.67
C ARG A 67 6.15 -3.68 -7.94
N ALA A 68 6.46 -2.65 -7.14
CA ALA A 68 7.69 -2.62 -6.38
C ALA A 68 7.71 -3.66 -5.26
N ILE A 69 6.61 -3.75 -4.52
CA ILE A 69 6.51 -4.70 -3.40
C ILE A 69 6.43 -6.15 -3.90
N LYS A 70 5.69 -6.35 -4.99
CA LYS A 70 5.51 -7.69 -5.56
C LYS A 70 6.85 -8.26 -6.00
N HIS A 71 7.70 -7.40 -6.55
CA HIS A 71 9.03 -7.82 -7.00
C HIS A 71 10.02 -7.76 -5.85
N TYR A 72 9.82 -6.79 -4.96
CA TYR A 72 10.68 -6.61 -3.80
C TYR A 72 10.89 -7.90 -3.04
N GLY A 73 9.79 -8.63 -2.83
CA GLY A 73 9.89 -9.89 -2.11
C GLY A 73 8.53 -10.52 -1.85
N VAL A 74 7.56 -9.71 -1.45
CA VAL A 74 6.21 -10.20 -1.16
C VAL A 74 5.64 -10.94 -2.37
N LYS A 75 5.17 -12.16 -2.14
CA LYS A 75 4.60 -12.97 -3.21
C LYS A 75 3.36 -12.31 -3.81
N PRO A 76 3.25 -12.32 -5.16
CA PRO A 76 2.10 -11.71 -5.85
C PRO A 76 0.77 -12.29 -5.37
N HIS A 77 0.75 -13.59 -5.13
CA HIS A 77 -0.45 -14.26 -4.66
C HIS A 77 -0.93 -13.65 -3.34
N ASP A 78 0.00 -13.05 -2.61
CA ASP A 78 -0.31 -12.40 -1.35
C ASP A 78 -0.27 -10.89 -1.51
N ILE A 79 -0.70 -10.43 -2.68
CA ILE A 79 -0.70 -9.02 -2.99
C ILE A 79 -1.86 -8.65 -3.91
N PHE A 80 -2.59 -7.62 -3.54
CA PHE A 80 -3.72 -7.16 -4.33
C PHE A 80 -3.23 -6.40 -5.55
N GLU A 81 -3.94 -6.56 -6.66
CA GLU A 81 -3.58 -5.88 -7.89
C GLU A 81 -4.12 -4.46 -7.90
N ALA A 82 -3.45 -3.58 -8.64
CA ALA A 82 -3.88 -2.20 -8.74
C ALA A 82 -5.35 -2.12 -9.10
N ASN A 83 -5.85 -3.17 -9.74
CA ASN A 83 -7.24 -3.24 -10.15
C ASN A 83 -8.13 -3.61 -8.96
N ASP A 84 -7.66 -4.53 -8.13
CA ASP A 84 -8.42 -4.98 -6.97
C ASP A 84 -8.74 -3.82 -6.03
N LEU A 85 -7.73 -3.01 -5.71
CA LEU A 85 -7.90 -1.87 -4.82
C LEU A 85 -8.69 -0.75 -5.50
N PHE A 86 -8.31 -0.43 -6.73
CA PHE A 86 -8.97 0.64 -7.47
C PHE A 86 -10.44 0.33 -7.73
N GLU A 87 -10.69 -0.84 -8.32
CA GLU A 87 -12.06 -1.26 -8.62
C GLU A 87 -12.77 -1.72 -7.36
N ASN A 88 -12.00 -1.93 -6.30
CA ASN A 88 -12.54 -2.38 -5.02
C ASN A 88 -13.12 -3.79 -5.16
N THR A 89 -12.53 -4.58 -6.06
CA THR A 89 -12.99 -5.94 -6.28
C THR A 89 -12.62 -6.83 -5.10
N ASN A 90 -11.35 -6.78 -4.69
CA ASN A 90 -10.88 -7.58 -3.57
C ASN A 90 -10.68 -6.71 -2.33
N HIS A 91 -11.40 -7.04 -1.26
CA HIS A 91 -11.28 -6.28 -0.02
C HIS A 91 -10.37 -7.01 0.97
N THR A 92 -10.63 -8.30 1.15
CA THR A 92 -9.83 -9.13 2.05
C THR A 92 -8.38 -9.19 1.60
N GLN A 93 -8.19 -9.35 0.30
CA GLN A 93 -6.85 -9.43 -0.28
C GLN A 93 -6.03 -8.20 0.08
N VAL A 94 -6.65 -7.03 0.01
CA VAL A 94 -5.98 -5.77 0.33
C VAL A 94 -5.47 -5.76 1.76
N GLN A 95 -6.32 -6.18 2.69
CA GLN A 95 -5.97 -6.22 4.10
C GLN A 95 -4.83 -7.20 4.35
N SER A 96 -4.93 -8.38 3.77
CA SER A 96 -3.92 -9.42 3.93
C SER A 96 -2.56 -8.97 3.38
N THR A 97 -2.58 -8.30 2.24
CA THR A 97 -1.36 -7.82 1.62
C THR A 97 -0.54 -6.97 2.57
N LEU A 98 -1.21 -6.07 3.28
CA LEU A 98 -0.53 -5.19 4.24
C LEU A 98 0.21 -6.00 5.30
N ILE A 99 -0.46 -7.02 5.82
CA ILE A 99 0.11 -7.87 6.85
C ILE A 99 1.40 -8.53 6.34
N ALA A 100 1.36 -9.04 5.12
CA ALA A 100 2.52 -9.70 4.53
C ALA A 100 3.68 -8.71 4.36
N LEU A 101 3.36 -7.51 3.90
CA LEU A 101 4.37 -6.47 3.69
C LEU A 101 5.12 -6.17 4.99
N ALA A 102 4.36 -6.02 6.07
CA ALA A 102 4.96 -5.73 7.38
C ALA A 102 5.97 -6.80 7.76
N SER A 103 5.61 -8.07 7.53
CA SER A 103 6.48 -9.18 7.86
C SER A 103 7.78 -9.10 7.05
N GLN A 104 7.68 -8.62 5.82
CA GLN A 104 8.82 -8.49 4.95
C GLN A 104 9.81 -7.46 5.49
N ALA A 105 9.32 -6.26 5.78
CA ALA A 105 10.17 -5.19 6.30
C ALA A 105 10.44 -5.38 7.79
N LYS A 106 10.59 -6.63 8.22
CA LYS A 106 10.85 -6.94 9.60
C LYS A 106 12.31 -6.69 9.95
N THR A 107 13.20 -7.56 9.46
CA THR A 107 14.63 -7.45 9.71
C THR A 107 15.44 -8.15 8.63
N LYS A 108 15.08 -7.92 7.37
CA LYS A 108 15.77 -8.54 6.25
C LYS A 108 17.24 -8.16 6.25
N MET A 1 1.21 -14.88 12.63
CA MET A 1 0.99 -13.63 11.88
C MET A 1 0.22 -12.60 12.71
N PRO A 2 0.65 -11.32 12.69
CA PRO A 2 0.00 -10.26 13.45
C PRO A 2 -1.46 -10.08 13.06
N GLN A 3 -2.33 -9.97 14.06
CA GLN A 3 -3.76 -9.81 13.81
C GLN A 3 -4.04 -8.48 13.12
N THR A 4 -4.83 -8.53 12.05
CA THR A 4 -5.17 -7.34 11.29
C THR A 4 -6.08 -6.41 12.08
N GLU A 5 -5.62 -5.18 12.31
CA GLU A 5 -6.40 -4.19 13.05
C GLU A 5 -5.59 -2.90 13.24
N ARG A 6 -5.49 -2.43 14.49
CA ARG A 6 -4.75 -1.20 14.78
C ARG A 6 -3.31 -1.29 14.32
N GLN A 7 -2.72 -2.48 14.44
CA GLN A 7 -1.34 -2.72 14.04
C GLN A 7 -1.09 -2.20 12.63
N LEU A 8 -2.05 -2.44 11.74
CA LEU A 8 -1.93 -2.00 10.35
C LEU A 8 -1.86 -0.47 10.25
N ARG A 9 -2.74 0.21 10.97
CA ARG A 9 -2.77 1.67 10.95
C ARG A 9 -1.49 2.26 11.54
N VAL A 10 -1.21 1.92 12.79
CA VAL A 10 -0.01 2.42 13.47
C VAL A 10 1.25 2.19 12.65
N TRP A 11 1.31 1.03 11.99
CA TRP A 11 2.46 0.67 11.18
C TRP A 11 2.69 1.66 10.02
N ILE A 12 1.81 1.62 9.03
CA ILE A 12 1.96 2.49 7.86
C ILE A 12 1.78 3.97 8.20
N GLU A 13 0.72 4.30 8.93
CA GLU A 13 0.46 5.68 9.31
C GLU A 13 1.63 6.26 10.09
N GLY A 14 2.14 5.47 11.03
CA GLY A 14 3.26 5.91 11.84
C GLY A 14 4.51 6.15 11.02
N ALA A 15 4.69 5.36 9.96
CA ALA A 15 5.85 5.48 9.09
C ALA A 15 6.04 6.91 8.59
N THR A 16 5.04 7.41 7.87
CA THR A 16 5.10 8.76 7.33
C THR A 16 4.52 9.79 8.30
N GLY A 17 3.28 9.57 8.69
CA GLY A 17 2.61 10.47 9.62
C GLY A 17 1.28 10.95 9.09
N ARG A 18 0.52 10.02 8.52
CA ARG A 18 -0.79 10.33 7.97
C ARG A 18 -1.84 9.30 8.40
N ARG A 19 -2.97 9.78 8.88
CA ARG A 19 -4.05 8.89 9.31
C ARG A 19 -4.87 8.41 8.10
N ILE A 20 -4.17 8.11 7.00
CA ILE A 20 -4.80 7.66 5.77
C ILE A 20 -5.68 8.74 5.16
N GLY A 21 -6.82 9.00 5.79
CA GLY A 21 -7.73 10.01 5.30
C GLY A 21 -9.16 9.78 5.72
N ASP A 22 -9.63 8.54 5.52
CA ASP A 22 -11.00 8.17 5.87
C ASP A 22 -11.21 6.67 5.69
N ASN A 23 -11.99 6.07 6.58
CA ASN A 23 -12.26 4.63 6.51
C ASN A 23 -10.97 3.84 6.66
N PHE A 24 -10.66 2.99 5.68
CA PHE A 24 -9.45 2.20 5.71
C PHE A 24 -9.11 1.71 4.30
N MET A 25 -10.14 1.23 3.60
CA MET A 25 -9.98 0.75 2.24
C MET A 25 -10.07 1.91 1.25
N ASP A 26 -11.06 2.77 1.48
CA ASP A 26 -11.28 3.94 0.63
C ASP A 26 -10.07 4.87 0.64
N GLY A 27 -9.46 5.02 1.82
CA GLY A 27 -8.30 5.88 1.94
C GLY A 27 -7.13 5.41 1.12
N LEU A 28 -7.03 4.10 0.94
CA LEU A 28 -5.94 3.50 0.18
C LEU A 28 -6.13 3.74 -1.32
N LYS A 29 -7.38 3.87 -1.75
CA LYS A 29 -7.72 4.08 -3.16
C LYS A 29 -6.82 5.11 -3.84
N ASP A 30 -6.78 6.32 -3.31
CA ASP A 30 -5.96 7.39 -3.91
C ASP A 30 -4.49 6.98 -3.96
N GLY A 31 -4.02 6.30 -2.92
CA GLY A 31 -2.63 5.88 -2.87
C GLY A 31 -1.68 7.04 -2.73
N VAL A 32 -1.04 7.13 -1.56
CA VAL A 32 -0.08 8.19 -1.27
C VAL A 32 0.85 7.76 -0.14
N ILE A 33 0.27 7.51 1.01
CA ILE A 33 1.03 7.08 2.18
C ILE A 33 1.68 5.73 1.94
N LEU A 34 0.91 4.81 1.34
CA LEU A 34 1.43 3.48 1.06
C LEU A 34 2.65 3.56 0.16
N CYS A 35 2.56 4.40 -0.87
CA CYS A 35 3.67 4.58 -1.80
C CYS A 35 4.87 5.16 -1.06
N GLU A 36 4.57 6.06 -0.13
CA GLU A 36 5.60 6.71 0.68
C GLU A 36 6.26 5.71 1.64
N LEU A 37 5.46 4.81 2.20
CA LEU A 37 5.96 3.81 3.14
C LEU A 37 7.07 2.99 2.50
N ILE A 38 6.74 2.30 1.41
CA ILE A 38 7.72 1.48 0.71
C ILE A 38 8.87 2.35 0.21
N ASN A 39 8.55 3.59 -0.14
CA ASN A 39 9.56 4.52 -0.62
C ASN A 39 10.67 4.69 0.42
N LYS A 40 10.29 4.55 1.68
CA LYS A 40 11.22 4.67 2.78
C LYS A 40 12.08 3.41 2.91
N LEU A 41 11.42 2.26 2.99
CA LEU A 41 12.11 0.99 3.12
C LEU A 41 12.87 0.64 1.84
N GLN A 42 12.13 0.53 0.75
CA GLN A 42 12.75 0.21 -0.54
C GLN A 42 13.19 1.48 -1.27
N PRO A 43 14.40 1.46 -1.84
CA PRO A 43 14.95 2.60 -2.57
C PRO A 43 14.25 2.83 -3.91
N GLY A 44 13.86 4.07 -4.16
CA GLY A 44 13.19 4.40 -5.40
C GLY A 44 11.95 3.56 -5.65
N SER A 45 11.14 3.39 -4.61
CA SER A 45 9.91 2.60 -4.72
C SER A 45 8.90 3.30 -5.63
N VAL A 46 8.76 4.61 -5.46
CA VAL A 46 7.84 5.39 -6.26
C VAL A 46 8.47 6.73 -6.64
N GLN A 47 8.17 7.20 -7.86
CA GLN A 47 8.72 8.45 -8.35
C GLN A 47 8.23 9.65 -7.53
N LYS A 48 8.02 10.78 -8.20
CA LYS A 48 7.57 12.00 -7.55
C LYS A 48 6.18 11.82 -6.94
N VAL A 49 5.48 10.80 -7.38
CA VAL A 49 4.13 10.51 -6.89
C VAL A 49 3.15 11.59 -7.34
N ASN A 50 2.09 11.17 -8.04
CA ASN A 50 1.08 12.10 -8.52
C ASN A 50 0.00 12.35 -7.47
N ASP A 51 -0.33 13.62 -7.26
CA ASP A 51 -1.35 13.99 -6.30
C ASP A 51 -2.73 13.56 -6.79
N PRO A 52 -3.53 12.88 -5.94
CA PRO A 52 -4.86 12.41 -6.33
C PRO A 52 -5.77 13.57 -6.73
N VAL A 53 -6.23 13.54 -7.98
CA VAL A 53 -7.12 14.57 -8.52
C VAL A 53 -7.96 14.00 -9.65
N GLN A 54 -7.29 13.52 -10.69
CA GLN A 54 -7.97 12.95 -11.84
C GLN A 54 -8.38 11.50 -11.57
N ASN A 55 -8.01 10.60 -12.46
CA ASN A 55 -8.35 9.19 -12.30
C ASN A 55 -7.12 8.29 -12.47
N TRP A 56 -6.34 8.55 -13.51
CA TRP A 56 -5.14 7.77 -13.78
C TRP A 56 -4.07 8.01 -12.72
N HIS A 57 -4.20 9.11 -11.98
CA HIS A 57 -3.24 9.45 -10.93
C HIS A 57 -3.11 8.30 -9.93
N LYS A 58 -4.25 7.80 -9.46
CA LYS A 58 -4.28 6.71 -8.50
C LYS A 58 -3.67 5.44 -9.08
N LEU A 59 -4.02 5.14 -10.33
CA LEU A 59 -3.53 3.96 -11.00
C LEU A 59 -2.01 3.93 -11.03
N GLU A 60 -1.40 5.11 -11.07
CA GLU A 60 0.05 5.23 -11.10
C GLU A 60 0.66 4.96 -9.72
N ASN A 61 0.15 5.67 -8.71
CA ASN A 61 0.64 5.53 -7.35
C ASN A 61 0.46 4.09 -6.86
N ILE A 62 -0.71 3.52 -7.13
CA ILE A 62 -0.99 2.15 -6.72
C ILE A 62 -0.13 1.15 -7.50
N GLY A 63 0.00 1.40 -8.80
CA GLY A 63 0.80 0.52 -9.64
C GLY A 63 2.24 0.42 -9.19
N ASN A 64 2.86 1.55 -8.90
CA ASN A 64 4.25 1.58 -8.46
C ASN A 64 4.43 0.85 -7.13
N PHE A 65 3.46 1.05 -6.23
CA PHE A 65 3.52 0.41 -4.91
C PHE A 65 3.52 -1.11 -5.04
N LEU A 66 2.57 -1.65 -5.78
CA LEU A 66 2.47 -3.09 -5.98
C LEU A 66 3.64 -3.62 -6.78
N ARG A 67 4.02 -2.92 -7.82
CA ARG A 67 5.13 -3.32 -8.66
C ARG A 67 6.40 -3.44 -7.82
N ALA A 68 6.58 -2.49 -6.93
CA ALA A 68 7.75 -2.46 -6.04
C ALA A 68 7.74 -3.64 -5.08
N ILE A 69 6.59 -3.91 -4.47
CA ILE A 69 6.46 -5.00 -3.50
C ILE A 69 6.50 -6.36 -4.21
N LYS A 70 6.08 -6.39 -5.46
CA LYS A 70 6.06 -7.63 -6.25
C LYS A 70 7.47 -7.98 -6.73
N HIS A 71 8.45 -7.54 -5.98
CA HIS A 71 9.85 -7.78 -6.30
C HIS A 71 10.72 -7.48 -5.09
N TYR A 72 10.30 -6.49 -4.31
CA TYR A 72 11.04 -6.09 -3.11
C TYR A 72 11.21 -7.26 -2.16
N GLY A 73 10.13 -8.03 -1.98
CA GLY A 73 10.18 -9.18 -1.09
C GLY A 73 8.89 -9.97 -1.09
N VAL A 74 7.77 -9.26 -1.02
CA VAL A 74 6.46 -9.92 -1.01
C VAL A 74 6.20 -10.64 -2.33
N LYS A 75 5.84 -11.91 -2.24
CA LYS A 75 5.56 -12.72 -3.43
C LYS A 75 4.29 -12.24 -4.12
N PRO A 76 4.30 -12.17 -5.47
CA PRO A 76 3.14 -11.73 -6.25
C PRO A 76 1.87 -12.51 -5.89
N HIS A 77 2.03 -13.81 -5.67
CA HIS A 77 0.91 -14.68 -5.32
C HIS A 77 0.22 -14.17 -4.06
N ASP A 78 0.98 -13.49 -3.21
CA ASP A 78 0.46 -12.93 -1.97
C ASP A 78 0.30 -11.43 -2.13
N ILE A 79 -0.08 -11.03 -3.33
CA ILE A 79 -0.26 -9.62 -3.65
C ILE A 79 -1.44 -9.40 -4.60
N PHE A 80 -2.33 -8.51 -4.21
CA PHE A 80 -3.51 -8.21 -5.01
C PHE A 80 -3.16 -7.39 -6.24
N GLU A 81 -4.14 -6.66 -6.76
CA GLU A 81 -3.92 -5.81 -7.94
C GLU A 81 -4.59 -4.47 -7.76
N ALA A 82 -3.99 -3.44 -8.36
CA ALA A 82 -4.53 -2.08 -8.27
C ALA A 82 -6.02 -2.02 -8.57
N ASN A 83 -6.56 -3.08 -9.19
CA ASN A 83 -7.96 -3.11 -9.54
C ASN A 83 -8.86 -3.40 -8.34
N ASP A 84 -8.40 -4.25 -7.42
CA ASP A 84 -9.21 -4.59 -6.25
C ASP A 84 -9.51 -3.35 -5.42
N LEU A 85 -8.56 -2.43 -5.38
CA LEU A 85 -8.70 -1.19 -4.63
C LEU A 85 -9.44 -0.14 -5.46
N PHE A 86 -9.07 -0.03 -6.73
CA PHE A 86 -9.67 0.96 -7.63
C PHE A 86 -11.05 0.52 -8.10
N GLU A 87 -11.12 -0.63 -8.77
CA GLU A 87 -12.38 -1.14 -9.30
C GLU A 87 -13.22 -1.80 -8.21
N ASN A 88 -12.71 -1.85 -6.99
CA ASN A 88 -13.43 -2.47 -5.89
C ASN A 88 -13.74 -3.93 -6.23
N THR A 89 -12.76 -4.61 -6.82
CA THR A 89 -12.93 -6.00 -7.22
C THR A 89 -12.59 -6.99 -6.11
N ASN A 90 -11.67 -6.62 -5.22
CA ASN A 90 -11.27 -7.52 -4.15
C ASN A 90 -10.58 -6.77 -3.00
N HIS A 91 -11.32 -5.91 -2.32
CA HIS A 91 -10.77 -5.16 -1.19
C HIS A 91 -10.31 -6.08 -0.08
N THR A 92 -11.01 -7.20 0.09
CA THR A 92 -10.67 -8.17 1.13
C THR A 92 -9.18 -8.52 1.09
N GLN A 93 -8.65 -8.73 -0.11
CA GLN A 93 -7.25 -9.07 -0.29
C GLN A 93 -6.35 -7.90 0.14
N VAL A 94 -6.84 -6.68 -0.07
CA VAL A 94 -6.08 -5.48 0.29
C VAL A 94 -5.63 -5.52 1.74
N GLN A 95 -6.55 -5.84 2.64
CA GLN A 95 -6.27 -5.89 4.06
C GLN A 95 -5.25 -6.99 4.39
N SER A 96 -5.50 -8.19 3.87
CA SER A 96 -4.61 -9.33 4.11
C SER A 96 -3.21 -9.06 3.59
N THR A 97 -3.11 -8.43 2.43
CA THR A 97 -1.82 -8.13 1.81
C THR A 97 -0.94 -7.31 2.75
N LEU A 98 -1.53 -6.29 3.38
CA LEU A 98 -0.78 -5.45 4.32
C LEU A 98 -0.10 -6.29 5.38
N ILE A 99 -0.79 -7.33 5.83
CA ILE A 99 -0.24 -8.23 6.85
C ILE A 99 1.07 -8.85 6.39
N ALA A 100 1.11 -9.30 5.14
CA ALA A 100 2.30 -9.91 4.57
C ALA A 100 3.44 -8.91 4.49
N LEU A 101 3.15 -7.73 3.97
CA LEU A 101 4.15 -6.67 3.82
C LEU A 101 4.83 -6.37 5.15
N ALA A 102 4.08 -6.51 6.24
CA ALA A 102 4.60 -6.25 7.57
C ALA A 102 5.81 -7.13 7.86
N SER A 103 5.73 -8.39 7.40
CA SER A 103 6.81 -9.34 7.60
C SER A 103 8.12 -8.80 7.02
N GLN A 104 8.03 -8.13 5.88
CA GLN A 104 9.19 -7.57 5.22
C GLN A 104 9.80 -6.44 6.05
N ALA A 105 8.99 -5.44 6.36
CA ALA A 105 9.45 -4.30 7.15
C ALA A 105 10.01 -4.75 8.49
N LYS A 106 9.47 -5.83 9.03
CA LYS A 106 9.90 -6.36 10.31
C LYS A 106 11.40 -6.66 10.31
N THR A 107 11.84 -7.48 9.36
CA THR A 107 13.25 -7.85 9.27
C THR A 107 14.10 -6.66 8.83
N LYS A 108 13.63 -5.92 7.83
CA LYS A 108 14.35 -4.75 7.34
C LYS A 108 14.55 -3.72 8.45
N MET A 1 2.62 -14.75 9.21
CA MET A 1 1.84 -15.58 10.15
C MET A 1 0.91 -14.71 11.02
N PRO A 2 1.43 -13.63 11.63
CA PRO A 2 0.61 -12.75 12.47
C PRO A 2 -0.44 -11.99 11.67
N GLN A 3 -1.67 -11.99 12.18
CA GLN A 3 -2.77 -11.30 11.50
C GLN A 3 -2.51 -9.80 11.44
N THR A 4 -2.15 -9.22 12.59
CA THR A 4 -1.86 -7.79 12.69
C THR A 4 -2.77 -6.95 11.79
N GLU A 5 -4.06 -7.31 11.77
CA GLU A 5 -5.03 -6.60 10.95
C GLU A 5 -5.29 -5.18 11.47
N ARG A 6 -5.51 -5.08 12.78
CA ARG A 6 -5.78 -3.78 13.41
C ARG A 6 -4.53 -2.90 13.40
N GLN A 7 -3.39 -3.51 13.71
CA GLN A 7 -2.13 -2.77 13.76
C GLN A 7 -1.78 -2.15 12.41
N LEU A 8 -2.41 -2.65 11.34
CA LEU A 8 -2.14 -2.15 9.99
C LEU A 8 -2.26 -0.63 9.92
N ARG A 9 -3.36 -0.09 10.45
CA ARG A 9 -3.58 1.35 10.43
C ARG A 9 -2.52 2.11 11.20
N VAL A 10 -2.27 1.68 12.45
CA VAL A 10 -1.27 2.34 13.28
C VAL A 10 0.11 2.33 12.62
N TRP A 11 0.43 1.22 11.96
CA TRP A 11 1.71 1.07 11.28
C TRP A 11 1.88 2.06 10.13
N ILE A 12 1.13 1.87 9.05
CA ILE A 12 1.22 2.73 7.88
C ILE A 12 1.02 4.20 8.23
N GLU A 13 -0.03 4.51 8.97
CA GLU A 13 -0.32 5.89 9.37
C GLU A 13 0.85 6.48 10.14
N GLY A 14 1.45 5.68 11.01
CA GLY A 14 2.57 6.15 11.80
C GLY A 14 3.79 6.50 10.98
N ALA A 15 4.04 5.70 9.94
CA ALA A 15 5.20 5.93 9.07
C ALA A 15 5.23 7.36 8.52
N THR A 16 4.25 7.69 7.69
CA THR A 16 4.18 9.03 7.09
C THR A 16 3.59 10.03 8.07
N GLY A 17 2.47 9.68 8.68
CA GLY A 17 1.82 10.57 9.63
C GLY A 17 0.49 11.06 9.10
N ARG A 18 -0.26 10.16 8.48
CA ARG A 18 -1.56 10.51 7.92
C ARG A 18 -2.63 9.51 8.34
N ARG A 19 -3.76 10.01 8.82
CA ARG A 19 -4.86 9.15 9.24
C ARG A 19 -5.71 8.75 8.05
N ILE A 20 -5.06 8.55 6.90
CA ILE A 20 -5.73 8.15 5.67
C ILE A 20 -6.77 9.19 5.24
N GLY A 21 -7.88 9.23 5.94
CA GLY A 21 -8.93 10.19 5.62
C GLY A 21 -10.21 9.92 6.40
N ASP A 22 -10.66 8.68 6.36
CA ASP A 22 -11.88 8.26 7.07
C ASP A 22 -12.12 6.77 6.89
N ASN A 23 -12.12 6.33 5.64
CA ASN A 23 -12.33 4.92 5.32
C ASN A 23 -11.07 4.11 5.64
N PHE A 24 -10.59 3.35 4.66
CA PHE A 24 -9.39 2.54 4.86
C PHE A 24 -8.84 2.07 3.52
N MET A 25 -9.71 1.48 2.70
CA MET A 25 -9.32 1.00 1.38
C MET A 25 -9.39 2.12 0.36
N ASP A 26 -10.54 2.79 0.34
CA ASP A 26 -10.78 3.89 -0.58
C ASP A 26 -9.67 4.94 -0.50
N GLY A 27 -9.24 5.27 0.70
CA GLY A 27 -8.18 6.25 0.88
C GLY A 27 -6.88 5.83 0.22
N LEU A 28 -6.55 4.55 0.32
CA LEU A 28 -5.31 4.02 -0.26
C LEU A 28 -5.28 4.20 -1.78
N LYS A 29 -6.44 4.12 -2.41
CA LYS A 29 -6.54 4.23 -3.87
C LYS A 29 -5.77 5.45 -4.41
N ASP A 30 -5.81 6.56 -3.68
CA ASP A 30 -5.13 7.79 -4.11
C ASP A 30 -3.68 7.53 -4.49
N GLY A 31 -3.03 6.60 -3.81
CA GLY A 31 -1.64 6.29 -4.09
C GLY A 31 -0.71 7.43 -3.72
N VAL A 32 -0.59 7.68 -2.42
CA VAL A 32 0.28 8.75 -1.93
C VAL A 32 0.91 8.36 -0.60
N ILE A 33 0.06 8.03 0.37
CA ILE A 33 0.55 7.64 1.69
C ILE A 33 1.29 6.31 1.61
N LEU A 34 0.73 5.36 0.87
CA LEU A 34 1.34 4.06 0.71
C LEU A 34 2.64 4.17 -0.08
N CYS A 35 2.62 4.94 -1.17
CA CYS A 35 3.81 5.13 -1.97
C CYS A 35 4.91 5.74 -1.11
N GLU A 36 4.50 6.64 -0.22
CA GLU A 36 5.41 7.29 0.70
C GLU A 36 5.96 6.30 1.72
N LEU A 37 5.12 5.33 2.09
CA LEU A 37 5.50 4.31 3.07
C LEU A 37 6.56 3.35 2.52
N ILE A 38 6.32 2.82 1.33
CA ILE A 38 7.26 1.88 0.73
C ILE A 38 8.67 2.45 0.64
N ASN A 39 8.77 3.74 0.33
CA ASN A 39 10.08 4.39 0.24
C ASN A 39 10.91 4.13 1.50
N LYS A 40 10.21 3.93 2.62
CA LYS A 40 10.86 3.67 3.88
C LYS A 40 11.48 2.28 3.89
N LEU A 41 10.67 1.28 3.53
CA LEU A 41 11.12 -0.10 3.49
C LEU A 41 12.04 -0.34 2.31
N GLN A 42 11.53 -0.07 1.11
CA GLN A 42 12.31 -0.25 -0.10
C GLN A 42 12.83 1.09 -0.64
N PRO A 43 14.12 1.14 -1.01
CA PRO A 43 14.76 2.35 -1.53
C PRO A 43 14.32 2.69 -2.96
N GLY A 44 14.05 3.97 -3.19
CA GLY A 44 13.65 4.43 -4.51
C GLY A 44 12.45 3.68 -5.07
N SER A 45 11.44 3.47 -4.24
CA SER A 45 10.24 2.76 -4.66
C SER A 45 9.32 3.68 -5.45
N VAL A 46 9.10 4.89 -4.93
CA VAL A 46 8.24 5.87 -5.56
C VAL A 46 8.78 7.28 -5.37
N GLN A 47 8.63 8.13 -6.38
CA GLN A 47 9.14 9.50 -6.30
C GLN A 47 8.15 10.48 -6.93
N LYS A 48 7.56 10.09 -8.06
CA LYS A 48 6.61 10.95 -8.76
C LYS A 48 5.47 11.35 -7.84
N VAL A 49 4.81 10.36 -7.26
CA VAL A 49 3.69 10.59 -6.35
C VAL A 49 2.68 11.56 -6.94
N ASN A 50 2.08 11.17 -8.07
CA ASN A 50 1.09 12.01 -8.73
C ASN A 50 -0.03 12.40 -7.78
N ASP A 51 -0.40 13.69 -7.80
CA ASP A 51 -1.46 14.18 -6.93
C ASP A 51 -2.77 13.49 -7.27
N PRO A 52 -3.48 12.95 -6.26
CA PRO A 52 -4.75 12.26 -6.47
C PRO A 52 -5.86 13.19 -6.96
N VAL A 53 -6.19 13.07 -8.24
CA VAL A 53 -7.23 13.88 -8.86
C VAL A 53 -7.83 13.15 -10.05
N GLN A 54 -6.97 12.78 -11.00
CA GLN A 54 -7.40 12.05 -12.19
C GLN A 54 -7.42 10.55 -11.92
N ASN A 55 -8.36 9.86 -12.54
CA ASN A 55 -8.51 8.42 -12.36
C ASN A 55 -7.18 7.69 -12.62
N TRP A 56 -6.49 8.08 -13.69
CA TRP A 56 -5.23 7.46 -14.05
C TRP A 56 -4.11 7.85 -13.07
N HIS A 57 -4.22 9.03 -12.48
CA HIS A 57 -3.21 9.50 -11.52
C HIS A 57 -3.06 8.51 -10.36
N LYS A 58 -4.17 8.20 -9.72
CA LYS A 58 -4.16 7.27 -8.60
C LYS A 58 -3.69 5.88 -9.03
N LEU A 59 -4.23 5.39 -10.14
CA LEU A 59 -3.88 4.09 -10.67
C LEU A 59 -2.38 3.97 -10.93
N GLU A 60 -1.77 5.05 -11.39
CA GLU A 60 -0.34 5.05 -11.68
C GLU A 60 0.47 4.92 -10.40
N ASN A 61 0.10 5.68 -9.39
CA ASN A 61 0.78 5.63 -8.10
C ASN A 61 0.64 4.25 -7.47
N ILE A 62 -0.54 3.66 -7.60
CA ILE A 62 -0.79 2.34 -7.04
C ILE A 62 0.06 1.29 -7.73
N GLY A 63 0.17 1.40 -9.05
CA GLY A 63 0.96 0.46 -9.82
C GLY A 63 2.39 0.38 -9.36
N ASN A 64 2.99 1.54 -9.09
CA ASN A 64 4.38 1.60 -8.63
C ASN A 64 4.54 0.94 -7.25
N PHE A 65 3.59 1.22 -6.36
CA PHE A 65 3.62 0.66 -5.01
C PHE A 65 3.59 -0.87 -5.04
N LEU A 66 2.60 -1.43 -5.74
CA LEU A 66 2.44 -2.87 -5.84
C LEU A 66 3.57 -3.49 -6.66
N ARG A 67 3.97 -2.82 -7.73
CA ARG A 67 5.04 -3.31 -8.58
C ARG A 67 6.33 -3.44 -7.79
N ALA A 68 6.57 -2.45 -6.93
CA ALA A 68 7.77 -2.43 -6.11
C ALA A 68 7.74 -3.50 -5.02
N ILE A 69 6.61 -3.61 -4.31
CA ILE A 69 6.48 -4.59 -3.23
C ILE A 69 6.39 -6.03 -3.75
N LYS A 70 5.65 -6.22 -4.84
CA LYS A 70 5.47 -7.53 -5.43
C LYS A 70 6.81 -8.10 -5.88
N HIS A 71 7.67 -7.24 -6.38
CA HIS A 71 8.99 -7.63 -6.85
C HIS A 71 9.99 -7.62 -5.69
N TYR A 72 9.80 -6.67 -4.78
CA TYR A 72 10.67 -6.52 -3.62
C TYR A 72 10.84 -7.83 -2.87
N GLY A 73 9.73 -8.55 -2.67
CA GLY A 73 9.79 -9.81 -1.97
C GLY A 73 8.44 -10.48 -1.84
N VAL A 74 7.41 -9.72 -1.50
CA VAL A 74 6.07 -10.27 -1.34
C VAL A 74 5.63 -10.97 -2.62
N LYS A 75 5.28 -12.25 -2.49
CA LYS A 75 4.84 -13.04 -3.64
C LYS A 75 3.51 -12.53 -4.19
N PRO A 76 3.39 -12.42 -5.53
CA PRO A 76 2.17 -11.95 -6.19
C PRO A 76 0.94 -12.74 -5.76
N HIS A 77 1.12 -14.03 -5.51
CA HIS A 77 0.02 -14.90 -5.09
C HIS A 77 -0.55 -14.44 -3.75
N ASP A 78 0.02 -13.38 -3.19
CA ASP A 78 -0.41 -12.83 -1.92
C ASP A 78 -0.41 -11.31 -1.98
N ILE A 79 -0.87 -10.77 -3.11
CA ILE A 79 -0.91 -9.32 -3.30
C ILE A 79 -2.08 -8.93 -4.20
N PHE A 80 -2.80 -7.90 -3.80
CA PHE A 80 -3.93 -7.41 -4.58
C PHE A 80 -3.43 -6.72 -5.84
N GLU A 81 -4.24 -5.82 -6.39
CA GLU A 81 -3.86 -5.08 -7.60
C GLU A 81 -4.52 -3.71 -7.62
N ALA A 82 -3.93 -2.81 -8.40
CA ALA A 82 -4.45 -1.46 -8.51
C ALA A 82 -5.94 -1.48 -8.81
N ASN A 83 -6.42 -2.57 -9.40
CA ASN A 83 -7.82 -2.69 -9.74
C ASN A 83 -8.65 -3.06 -8.51
N ASP A 84 -8.16 -4.00 -7.73
CA ASP A 84 -8.85 -4.45 -6.53
C ASP A 84 -9.05 -3.30 -5.55
N LEU A 85 -8.00 -2.53 -5.32
CA LEU A 85 -8.06 -1.39 -4.41
C LEU A 85 -8.88 -0.25 -4.99
N PHE A 86 -8.60 0.10 -6.24
CA PHE A 86 -9.32 1.20 -6.90
C PHE A 86 -10.82 0.90 -6.99
N GLU A 87 -11.16 -0.25 -7.57
CA GLU A 87 -12.55 -0.64 -7.72
C GLU A 87 -13.13 -1.01 -6.36
N ASN A 88 -12.24 -1.19 -5.39
CA ASN A 88 -12.64 -1.55 -4.03
C ASN A 88 -13.32 -2.91 -4.03
N THR A 89 -12.93 -3.75 -4.98
CA THR A 89 -13.50 -5.10 -5.08
C THR A 89 -12.99 -5.98 -3.94
N ASN A 90 -11.67 -6.04 -3.79
CA ASN A 90 -11.06 -6.84 -2.74
C ASN A 90 -10.79 -6.00 -1.51
N HIS A 91 -11.35 -6.41 -0.37
CA HIS A 91 -11.14 -5.69 0.89
C HIS A 91 -10.10 -6.38 1.75
N THR A 92 -10.37 -7.65 2.08
CA THR A 92 -9.46 -8.43 2.91
C THR A 92 -8.17 -8.72 2.16
N GLN A 93 -8.29 -9.03 0.87
CA GLN A 93 -7.12 -9.32 0.04
C GLN A 93 -6.09 -8.21 0.15
N VAL A 94 -6.55 -6.97 0.21
CA VAL A 94 -5.66 -5.83 0.34
C VAL A 94 -4.82 -5.92 1.61
N GLN A 95 -5.50 -6.17 2.74
CA GLN A 95 -4.81 -6.29 4.02
C GLN A 95 -3.83 -7.46 4.02
N SER A 96 -4.20 -8.53 3.33
CA SER A 96 -3.35 -9.72 3.25
C SER A 96 -1.95 -9.36 2.80
N THR A 97 -1.85 -8.43 1.83
CA THR A 97 -0.57 -8.00 1.31
C THR A 97 0.32 -7.45 2.42
N LEU A 98 -0.25 -6.59 3.26
CA LEU A 98 0.47 -5.98 4.37
C LEU A 98 1.08 -7.05 5.28
N ILE A 99 0.32 -8.10 5.55
CA ILE A 99 0.80 -9.18 6.41
C ILE A 99 2.09 -9.79 5.88
N ALA A 100 2.10 -10.12 4.59
CA ALA A 100 3.28 -10.71 3.97
C ALA A 100 4.45 -9.73 3.95
N LEU A 101 4.15 -8.48 3.61
CA LEU A 101 5.17 -7.44 3.55
C LEU A 101 5.82 -7.21 4.91
N ALA A 102 5.04 -7.41 5.96
CA ALA A 102 5.51 -7.22 7.33
C ALA A 102 6.78 -8.01 7.59
N SER A 103 6.79 -9.28 7.19
CA SER A 103 7.95 -10.15 7.38
C SER A 103 9.17 -9.58 6.67
N GLN A 104 8.95 -8.93 5.54
CA GLN A 104 10.03 -8.33 4.78
C GLN A 104 10.71 -7.20 5.56
N ALA A 105 9.89 -6.36 6.17
CA ALA A 105 10.39 -5.22 6.94
C ALA A 105 10.87 -5.64 8.33
N LYS A 106 11.58 -6.77 8.39
CA LYS A 106 12.12 -7.26 9.66
C LYS A 106 13.14 -8.38 9.41
N THR A 107 12.83 -9.26 8.47
CA THR A 107 13.71 -10.37 8.14
C THR A 107 15.04 -9.86 7.58
N LYS A 108 14.97 -8.79 6.79
CA LYS A 108 16.17 -8.19 6.20
C LYS A 108 17.20 -7.85 7.28
N MET A 1 0.77 -12.64 10.61
CA MET A 1 -0.55 -12.29 11.20
C MET A 1 -0.38 -11.61 12.57
N PRO A 2 0.37 -10.48 12.61
CA PRO A 2 0.60 -9.74 13.85
C PRO A 2 -0.69 -9.21 14.46
N GLN A 3 -1.50 -8.55 13.64
CA GLN A 3 -2.77 -7.99 14.10
C GLN A 3 -3.55 -7.34 12.95
N THR A 4 -4.82 -7.69 12.83
CA THR A 4 -5.68 -7.12 11.80
C THR A 4 -6.40 -5.89 12.31
N GLU A 5 -6.43 -4.83 11.50
CA GLU A 5 -7.09 -3.59 11.88
C GLU A 5 -6.37 -2.90 13.04
N ARG A 6 -6.36 -1.58 13.03
CA ARG A 6 -5.73 -0.77 14.07
C ARG A 6 -4.20 -0.79 13.92
N GLN A 7 -3.62 -1.97 13.81
CA GLN A 7 -2.18 -2.11 13.65
C GLN A 7 -1.73 -1.58 12.30
N LEU A 8 -2.48 -1.93 11.25
CA LEU A 8 -2.17 -1.49 9.90
C LEU A 8 -2.22 0.04 9.78
N ARG A 9 -3.24 0.63 10.38
CA ARG A 9 -3.42 2.07 10.34
C ARG A 9 -2.25 2.81 10.99
N VAL A 10 -1.97 2.47 12.25
CA VAL A 10 -0.88 3.11 12.98
C VAL A 10 0.47 2.86 12.32
N TRP A 11 0.67 1.66 11.79
CA TRP A 11 1.92 1.28 11.14
C TRP A 11 2.27 2.20 9.96
N ILE A 12 1.50 2.10 8.88
CA ILE A 12 1.76 2.90 7.69
C ILE A 12 1.61 4.40 7.93
N GLU A 13 0.51 4.81 8.58
CA GLU A 13 0.29 6.23 8.86
C GLU A 13 1.43 6.79 9.70
N GLY A 14 1.82 6.05 10.73
CA GLY A 14 2.91 6.48 11.60
C GLY A 14 4.22 6.59 10.86
N ALA A 15 4.42 5.71 9.87
CA ALA A 15 5.64 5.70 9.09
C ALA A 15 5.95 7.09 8.52
N THR A 16 4.96 7.69 7.87
CA THR A 16 5.13 9.02 7.28
C THR A 16 4.58 10.10 8.20
N GLY A 17 3.32 10.44 8.00
CA GLY A 17 2.68 11.47 8.81
C GLY A 17 1.40 11.94 8.17
N ARG A 18 0.63 10.99 7.63
CA ARG A 18 -0.63 11.30 6.97
C ARG A 18 -1.70 10.31 7.37
N ARG A 19 -2.86 10.82 7.76
CA ARG A 19 -3.98 9.98 8.15
C ARG A 19 -4.78 9.54 6.93
N ILE A 20 -5.09 8.25 6.86
CA ILE A 20 -5.86 7.70 5.74
C ILE A 20 -7.20 8.42 5.62
N GLY A 21 -7.81 8.71 6.76
CA GLY A 21 -9.09 9.40 6.77
C GLY A 21 -10.28 8.47 6.70
N ASP A 22 -11.30 8.88 5.95
CA ASP A 22 -12.53 8.09 5.80
C ASP A 22 -12.26 6.79 5.07
N ASN A 23 -12.79 5.70 5.62
CA ASN A 23 -12.64 4.36 5.03
C ASN A 23 -11.18 3.95 4.95
N PHE A 24 -10.89 2.73 5.39
CA PHE A 24 -9.54 2.19 5.36
C PHE A 24 -9.14 1.78 3.95
N MET A 25 -10.06 1.12 3.25
CA MET A 25 -9.81 0.66 1.89
C MET A 25 -9.80 1.83 0.90
N ASP A 26 -10.82 2.67 0.99
CA ASP A 26 -10.96 3.83 0.10
C ASP A 26 -9.69 4.68 0.10
N GLY A 27 -8.99 4.72 1.23
CA GLY A 27 -7.78 5.50 1.34
C GLY A 27 -6.59 4.86 0.65
N LEU A 28 -6.45 3.56 0.81
CA LEU A 28 -5.34 2.81 0.22
C LEU A 28 -5.36 2.85 -1.31
N LYS A 29 -6.54 2.67 -1.88
CA LYS A 29 -6.70 2.65 -3.34
C LYS A 29 -6.11 3.91 -3.99
N ASP A 30 -6.36 5.08 -3.40
CA ASP A 30 -5.84 6.33 -3.96
C ASP A 30 -4.32 6.25 -4.11
N GLY A 31 -3.68 5.62 -3.14
CA GLY A 31 -2.24 5.48 -3.16
C GLY A 31 -1.51 6.79 -2.99
N VAL A 32 -0.90 6.97 -1.82
CA VAL A 32 -0.13 8.18 -1.50
C VAL A 32 0.85 7.87 -0.38
N ILE A 33 0.31 7.51 0.78
CA ILE A 33 1.11 7.17 1.93
C ILE A 33 1.74 5.80 1.75
N LEU A 34 0.99 4.88 1.16
CA LEU A 34 1.47 3.52 0.91
C LEU A 34 2.74 3.57 0.06
N CYS A 35 2.70 4.38 -0.99
CA CYS A 35 3.85 4.51 -1.88
C CYS A 35 5.03 5.02 -1.07
N GLU A 36 4.73 5.89 -0.11
CA GLU A 36 5.73 6.47 0.78
C GLU A 36 6.27 5.42 1.76
N LEU A 37 5.37 4.55 2.23
CA LEU A 37 5.73 3.51 3.17
C LEU A 37 6.86 2.64 2.61
N ILE A 38 6.62 2.07 1.43
CA ILE A 38 7.62 1.23 0.78
C ILE A 38 8.82 2.07 0.38
N ASN A 39 8.57 3.34 0.06
CA ASN A 39 9.62 4.26 -0.34
C ASN A 39 10.70 4.33 0.74
N LYS A 40 10.29 4.19 1.99
CA LYS A 40 11.19 4.25 3.12
C LYS A 40 12.02 2.97 3.22
N LEU A 41 11.34 1.83 3.23
CA LEU A 41 12.00 0.54 3.32
C LEU A 41 12.79 0.25 2.05
N GLN A 42 12.10 0.23 0.93
CA GLN A 42 12.72 -0.05 -0.36
C GLN A 42 13.21 1.24 -1.01
N PRO A 43 14.53 1.35 -1.25
CA PRO A 43 15.14 2.52 -1.87
C PRO A 43 14.48 2.91 -3.18
N GLY A 44 14.09 4.19 -3.28
CA GLY A 44 13.47 4.69 -4.51
C GLY A 44 12.29 3.86 -4.98
N SER A 45 11.36 3.57 -4.07
CA SER A 45 10.18 2.79 -4.42
C SER A 45 9.26 3.59 -5.34
N VAL A 46 9.05 4.86 -5.00
CA VAL A 46 8.20 5.74 -5.78
C VAL A 46 8.76 7.15 -5.83
N GLN A 47 8.70 7.79 -7.00
CA GLN A 47 9.22 9.15 -7.15
C GLN A 47 8.12 10.13 -7.52
N LYS A 48 7.24 9.74 -8.43
CA LYS A 48 6.15 10.59 -8.87
C LYS A 48 5.22 10.98 -7.72
N VAL A 49 4.61 9.97 -7.10
CA VAL A 49 3.70 10.20 -5.98
C VAL A 49 2.65 11.24 -6.35
N ASN A 50 2.00 11.04 -7.50
CA ASN A 50 0.98 11.97 -7.97
C ASN A 50 -0.19 12.06 -6.99
N ASP A 51 -0.66 13.28 -6.74
CA ASP A 51 -1.78 13.50 -5.82
C ASP A 51 -3.03 12.79 -6.35
N PRO A 52 -3.82 12.16 -5.46
CA PRO A 52 -5.03 11.45 -5.84
C PRO A 52 -6.17 12.38 -6.24
N VAL A 53 -5.84 13.47 -6.93
CA VAL A 53 -6.85 14.43 -7.36
C VAL A 53 -7.65 13.88 -8.54
N GLN A 54 -6.95 13.47 -9.59
CA GLN A 54 -7.59 12.93 -10.78
C GLN A 54 -7.98 11.46 -10.56
N ASN A 55 -7.86 10.66 -11.61
CA ASN A 55 -8.20 9.24 -11.52
C ASN A 55 -6.97 8.36 -11.81
N TRP A 56 -6.28 8.68 -12.90
CA TRP A 56 -5.09 7.92 -13.29
C TRP A 56 -3.96 8.08 -12.27
N HIS A 57 -3.98 9.19 -11.54
CA HIS A 57 -2.96 9.45 -10.52
C HIS A 57 -2.91 8.31 -9.51
N LYS A 58 -4.08 7.89 -9.04
CA LYS A 58 -4.18 6.81 -8.07
C LYS A 58 -3.61 5.51 -8.64
N LEU A 59 -4.03 5.18 -9.85
CA LEU A 59 -3.58 3.97 -10.53
C LEU A 59 -2.07 3.98 -10.71
N GLU A 60 -1.50 5.16 -10.90
CA GLU A 60 -0.07 5.31 -11.09
C GLU A 60 0.69 4.89 -9.84
N ASN A 61 0.27 5.42 -8.70
CA ASN A 61 0.90 5.10 -7.43
C ASN A 61 0.73 3.62 -7.10
N ILE A 62 -0.43 3.07 -7.42
CA ILE A 62 -0.69 1.66 -7.15
C ILE A 62 0.23 0.77 -7.98
N GLY A 63 0.40 1.11 -9.25
CA GLY A 63 1.24 0.33 -10.13
C GLY A 63 2.68 0.25 -9.64
N ASN A 64 3.25 1.39 -9.28
CA ASN A 64 4.62 1.45 -8.79
C ASN A 64 4.73 0.77 -7.43
N PHE A 65 3.74 0.99 -6.57
CA PHE A 65 3.72 0.40 -5.24
C PHE A 65 3.74 -1.13 -5.32
N LEU A 66 2.82 -1.69 -6.10
CA LEU A 66 2.71 -3.13 -6.25
C LEU A 66 3.93 -3.68 -6.97
N ARG A 67 4.37 -2.99 -8.01
CA ARG A 67 5.54 -3.42 -8.77
C ARG A 67 6.76 -3.46 -7.87
N ALA A 68 6.86 -2.48 -6.98
CA ALA A 68 7.97 -2.39 -6.05
C ALA A 68 7.93 -3.51 -5.00
N ILE A 69 6.74 -3.78 -4.46
CA ILE A 69 6.59 -4.82 -3.44
C ILE A 69 6.73 -6.21 -4.04
N LYS A 70 6.17 -6.41 -5.22
CA LYS A 70 6.25 -7.70 -5.90
C LYS A 70 7.71 -8.05 -6.21
N HIS A 71 8.46 -7.03 -6.61
CA HIS A 71 9.87 -7.19 -6.93
C HIS A 71 10.70 -7.24 -5.65
N TYR A 72 10.29 -6.44 -4.68
CA TYR A 72 10.99 -6.35 -3.40
C TYR A 72 11.14 -7.73 -2.77
N GLY A 73 10.06 -8.50 -2.78
CA GLY A 73 10.11 -9.83 -2.21
C GLY A 73 8.74 -10.49 -2.15
N VAL A 74 7.74 -9.75 -1.68
CA VAL A 74 6.39 -10.29 -1.58
C VAL A 74 5.88 -10.77 -2.93
N LYS A 75 5.49 -12.03 -3.00
CA LYS A 75 5.00 -12.61 -4.24
C LYS A 75 3.64 -12.03 -4.59
N PRO A 76 3.42 -11.68 -5.88
CA PRO A 76 2.15 -11.12 -6.35
C PRO A 76 0.95 -11.96 -5.94
N HIS A 77 1.16 -13.27 -5.83
CA HIS A 77 0.10 -14.18 -5.42
C HIS A 77 -0.50 -13.75 -4.08
N ASP A 78 0.35 -13.17 -3.24
CA ASP A 78 -0.07 -12.67 -1.94
C ASP A 78 -0.15 -11.16 -1.99
N ILE A 79 -0.58 -10.66 -3.14
CA ILE A 79 -0.69 -9.23 -3.37
C ILE A 79 -1.87 -8.91 -4.28
N PHE A 80 -2.63 -7.88 -3.91
CA PHE A 80 -3.79 -7.48 -4.71
C PHE A 80 -3.32 -6.87 -6.04
N GLU A 81 -4.17 -6.04 -6.63
CA GLU A 81 -3.84 -5.39 -7.90
C GLU A 81 -4.49 -4.02 -8.00
N ALA A 82 -4.02 -3.22 -8.94
CA ALA A 82 -4.54 -1.89 -9.15
C ALA A 82 -6.06 -1.91 -9.29
N ASN A 83 -6.60 -3.04 -9.73
CA ASN A 83 -8.04 -3.18 -9.90
C ASN A 83 -8.74 -3.46 -8.57
N ASP A 84 -8.09 -4.23 -7.71
CA ASP A 84 -8.67 -4.57 -6.41
C ASP A 84 -8.98 -3.32 -5.60
N LEU A 85 -7.99 -2.42 -5.50
CA LEU A 85 -8.16 -1.18 -4.75
C LEU A 85 -9.02 -0.16 -5.51
N PHE A 86 -8.68 0.08 -6.77
CA PHE A 86 -9.41 1.03 -7.59
C PHE A 86 -10.90 0.69 -7.68
N GLU A 87 -11.20 -0.51 -8.17
CA GLU A 87 -12.57 -0.96 -8.30
C GLU A 87 -13.12 -1.43 -6.96
N ASN A 88 -12.34 -1.22 -5.91
CA ASN A 88 -12.72 -1.60 -4.55
C ASN A 88 -13.45 -2.94 -4.54
N THR A 89 -13.06 -3.83 -5.46
CA THR A 89 -13.67 -5.15 -5.54
C THR A 89 -13.13 -6.08 -4.47
N ASN A 90 -11.81 -6.10 -4.31
CA ASN A 90 -11.18 -6.96 -3.31
C ASN A 90 -10.94 -6.18 -2.02
N HIS A 91 -11.48 -6.68 -0.91
CA HIS A 91 -11.31 -6.04 0.39
C HIS A 91 -10.35 -6.83 1.27
N THR A 92 -10.58 -8.14 1.34
CA THR A 92 -9.74 -9.02 2.13
C THR A 92 -8.32 -9.10 1.58
N GLN A 93 -8.21 -9.14 0.25
CA GLN A 93 -6.91 -9.22 -0.41
C GLN A 93 -6.05 -8.01 -0.07
N VAL A 94 -6.63 -6.82 -0.16
CA VAL A 94 -5.89 -5.59 0.15
C VAL A 94 -5.38 -5.60 1.58
N GLN A 95 -6.21 -6.05 2.51
CA GLN A 95 -5.86 -6.12 3.90
C GLN A 95 -4.72 -7.11 4.14
N SER A 96 -4.84 -8.29 3.53
CA SER A 96 -3.84 -9.35 3.68
C SER A 96 -2.48 -8.88 3.17
N THR A 97 -2.48 -8.17 2.05
CA THR A 97 -1.25 -7.67 1.45
C THR A 97 -0.42 -6.86 2.46
N LEU A 98 -1.11 -6.03 3.24
CA LEU A 98 -0.43 -5.20 4.23
C LEU A 98 0.28 -6.06 5.27
N ILE A 99 -0.42 -7.07 5.78
CA ILE A 99 0.15 -7.95 6.78
C ILE A 99 1.41 -8.64 6.25
N ALA A 100 1.35 -9.11 5.01
CA ALA A 100 2.49 -9.77 4.39
C ALA A 100 3.65 -8.81 4.21
N LEU A 101 3.35 -7.59 3.77
CA LEU A 101 4.37 -6.57 3.56
C LEU A 101 5.10 -6.24 4.86
N ALA A 102 4.36 -6.17 5.95
CA ALA A 102 4.93 -5.86 7.25
C ALA A 102 6.04 -6.85 7.60
N SER A 103 5.75 -8.14 7.41
CA SER A 103 6.72 -9.19 7.71
C SER A 103 7.97 -9.01 6.85
N GLN A 104 7.77 -8.63 5.59
CA GLN A 104 8.86 -8.43 4.65
C GLN A 104 9.67 -7.18 4.99
N ALA A 105 9.62 -6.76 6.24
CA ALA A 105 10.35 -5.60 6.70
C ALA A 105 10.83 -5.76 8.14
N LYS A 106 9.90 -6.10 9.03
CA LYS A 106 10.23 -6.28 10.45
C LYS A 106 10.99 -7.60 10.65
N THR A 107 10.47 -8.66 10.05
CA THR A 107 11.09 -9.98 10.16
C THR A 107 12.40 -10.03 9.39
N LYS A 108 12.38 -9.53 8.16
CA LYS A 108 13.56 -9.52 7.31
C LYS A 108 14.68 -8.68 7.92
N MET A 1 2.88 -12.60 16.61
CA MET A 1 2.38 -12.36 15.24
C MET A 1 1.61 -11.04 15.14
N PRO A 2 1.86 -10.25 14.08
CA PRO A 2 1.18 -8.97 13.88
C PRO A 2 -0.33 -9.11 13.82
N GLN A 3 -1.04 -8.23 14.53
CA GLN A 3 -2.50 -8.26 14.56
C GLN A 3 -3.08 -7.86 13.20
N THR A 4 -4.20 -7.14 13.23
CA THR A 4 -4.85 -6.71 11.99
C THR A 4 -5.64 -5.41 12.21
N GLU A 5 -5.51 -4.49 11.27
CA GLU A 5 -6.21 -3.20 11.32
C GLU A 5 -5.61 -2.26 12.36
N ARG A 6 -5.47 -2.74 13.59
CA ARG A 6 -4.91 -1.93 14.66
C ARG A 6 -3.46 -1.56 14.38
N GLN A 7 -2.64 -2.56 14.09
CA GLN A 7 -1.23 -2.34 13.80
C GLN A 7 -1.01 -1.81 12.39
N LEU A 8 -1.80 -2.32 11.44
CA LEU A 8 -1.68 -1.90 10.05
C LEU A 8 -1.84 -0.39 9.89
N ARG A 9 -2.88 0.17 10.49
CA ARG A 9 -3.14 1.61 10.38
C ARG A 9 -2.03 2.43 11.04
N VAL A 10 -1.73 2.11 12.29
CA VAL A 10 -0.69 2.83 13.03
C VAL A 10 0.67 2.73 12.34
N TRP A 11 0.94 1.57 11.76
CA TRP A 11 2.20 1.34 11.06
C TRP A 11 2.40 2.29 9.88
N ILE A 12 1.57 2.15 8.85
CA ILE A 12 1.70 2.99 7.66
C ILE A 12 1.42 4.46 7.95
N GLU A 13 0.29 4.75 8.61
CA GLU A 13 -0.06 6.12 8.93
C GLU A 13 1.04 6.76 9.79
N GLY A 14 1.49 6.04 10.80
CA GLY A 14 2.54 6.54 11.68
C GLY A 14 3.88 6.65 10.96
N ALA A 15 4.09 5.79 9.97
CA ALA A 15 5.33 5.78 9.21
C ALA A 15 5.71 7.18 8.71
N THR A 16 4.79 7.80 7.98
CA THR A 16 5.02 9.14 7.46
C THR A 16 4.22 10.18 8.22
N GLY A 17 2.92 9.91 8.37
CA GLY A 17 2.04 10.83 9.07
C GLY A 17 0.88 11.24 8.19
N ARG A 18 0.32 10.27 7.48
CA ARG A 18 -0.80 10.51 6.59
C ARG A 18 -1.94 9.55 6.85
N ARG A 19 -3.14 10.09 7.04
CA ARG A 19 -4.33 9.28 7.26
C ARG A 19 -4.85 8.72 5.95
N ILE A 20 -5.15 7.42 5.93
CA ILE A 20 -5.65 6.78 4.72
C ILE A 20 -6.88 7.52 4.19
N GLY A 21 -7.86 7.73 5.06
CA GLY A 21 -9.08 8.43 4.66
C GLY A 21 -10.29 7.96 5.44
N ASP A 22 -11.45 8.00 4.80
CA ASP A 22 -12.69 7.56 5.44
C ASP A 22 -12.77 6.04 5.47
N ASN A 23 -12.67 5.44 4.28
CA ASN A 23 -12.71 3.98 4.17
C ASN A 23 -11.30 3.41 4.18
N PHE A 24 -11.13 2.27 4.82
CA PHE A 24 -9.81 1.64 4.91
C PHE A 24 -9.26 1.32 3.52
N MET A 25 -10.06 0.62 2.71
CA MET A 25 -9.64 0.24 1.36
C MET A 25 -9.70 1.41 0.40
N ASP A 26 -10.87 2.05 0.33
CA ASP A 26 -11.08 3.18 -0.56
C ASP A 26 -9.98 4.22 -0.39
N GLY A 27 -9.60 4.49 0.84
CA GLY A 27 -8.55 5.48 1.09
C GLY A 27 -7.22 5.05 0.50
N LEU A 28 -6.89 3.77 0.64
CA LEU A 28 -5.64 3.21 0.13
C LEU A 28 -5.49 3.44 -1.37
N LYS A 29 -6.61 3.49 -2.08
CA LYS A 29 -6.59 3.68 -3.53
C LYS A 29 -5.68 4.83 -3.95
N ASP A 30 -5.54 5.84 -3.11
CA ASP A 30 -4.69 6.98 -3.42
C ASP A 30 -3.29 6.53 -3.80
N GLY A 31 -2.78 5.53 -3.08
CA GLY A 31 -1.45 5.01 -3.36
C GLY A 31 -0.33 5.88 -2.82
N VAL A 32 -0.60 7.18 -2.69
CA VAL A 32 0.39 8.13 -2.20
C VAL A 32 0.99 7.70 -0.87
N ILE A 33 0.13 7.58 0.15
CA ILE A 33 0.59 7.20 1.48
C ILE A 33 1.34 5.87 1.46
N LEU A 34 0.73 4.85 0.85
CA LEU A 34 1.37 3.54 0.76
C LEU A 34 2.69 3.67 0.01
N CYS A 35 2.69 4.50 -1.02
CA CYS A 35 3.88 4.77 -1.80
C CYS A 35 4.95 5.36 -0.89
N GLU A 36 4.51 6.20 0.03
CA GLU A 36 5.39 6.85 0.99
C GLU A 36 5.96 5.82 1.97
N LEU A 37 5.12 4.87 2.38
CA LEU A 37 5.52 3.83 3.31
C LEU A 37 6.66 2.99 2.74
N ILE A 38 6.43 2.39 1.58
CA ILE A 38 7.43 1.57 0.94
C ILE A 38 8.64 2.41 0.54
N ASN A 39 8.39 3.67 0.21
CA ASN A 39 9.44 4.59 -0.19
C ASN A 39 10.52 4.67 0.89
N LYS A 40 10.10 4.56 2.15
CA LYS A 40 11.01 4.62 3.28
C LYS A 40 11.77 3.31 3.45
N LEU A 41 11.02 2.22 3.51
CA LEU A 41 11.60 0.89 3.69
C LEU A 41 12.48 0.52 2.50
N GLN A 42 11.88 0.51 1.32
CA GLN A 42 12.60 0.18 0.10
C GLN A 42 13.09 1.43 -0.62
N PRO A 43 14.35 1.41 -1.07
CA PRO A 43 14.96 2.55 -1.78
C PRO A 43 14.38 2.75 -3.18
N GLY A 44 14.06 4.00 -3.50
CA GLY A 44 13.51 4.31 -4.81
C GLY A 44 12.30 3.47 -5.15
N SER A 45 11.46 3.21 -4.16
CA SER A 45 10.25 2.41 -4.36
C SER A 45 9.33 3.05 -5.39
N VAL A 46 9.18 4.37 -5.30
CA VAL A 46 8.31 5.11 -6.22
C VAL A 46 8.92 6.45 -6.58
N GLN A 47 8.85 6.81 -7.87
CA GLN A 47 9.38 8.07 -8.35
C GLN A 47 8.55 9.24 -7.82
N LYS A 48 8.27 10.23 -8.67
CA LYS A 48 7.49 11.38 -8.26
C LYS A 48 6.07 10.96 -7.87
N VAL A 49 5.68 11.30 -6.65
CA VAL A 49 4.35 10.95 -6.15
C VAL A 49 3.28 11.88 -6.73
N ASN A 50 2.24 11.28 -7.31
CA ASN A 50 1.14 12.05 -7.88
C ASN A 50 0.05 12.32 -6.84
N ASP A 51 -0.40 13.57 -6.77
CA ASP A 51 -1.45 13.93 -5.82
C ASP A 51 -2.75 13.22 -6.17
N PRO A 52 -3.45 12.67 -5.17
CA PRO A 52 -4.72 11.96 -5.39
C PRO A 52 -5.89 12.90 -5.66
N VAL A 53 -5.62 13.98 -6.38
CA VAL A 53 -6.65 14.96 -6.71
C VAL A 53 -7.54 14.47 -7.85
N GLN A 54 -6.91 14.14 -8.97
CA GLN A 54 -7.63 13.64 -10.14
C GLN A 54 -8.14 12.23 -9.92
N ASN A 55 -7.84 11.33 -10.85
CA ASN A 55 -8.28 9.94 -10.73
C ASN A 55 -7.19 8.98 -11.20
N TRP A 56 -6.62 9.26 -12.37
CA TRP A 56 -5.56 8.41 -12.92
C TRP A 56 -4.29 8.52 -12.08
N HIS A 57 -4.17 9.60 -11.32
CA HIS A 57 -3.01 9.80 -10.45
C HIS A 57 -2.85 8.63 -9.49
N LYS A 58 -3.97 8.23 -8.88
CA LYS A 58 -3.97 7.13 -7.94
C LYS A 58 -3.50 5.84 -8.62
N LEU A 59 -3.98 5.62 -9.84
CA LEU A 59 -3.63 4.43 -10.61
C LEU A 59 -2.11 4.27 -10.70
N GLU A 60 -1.40 5.38 -10.84
CA GLU A 60 0.06 5.35 -10.94
C GLU A 60 0.68 4.90 -9.63
N ASN A 61 0.32 5.59 -8.55
CA ASN A 61 0.85 5.27 -7.23
C ASN A 61 0.61 3.81 -6.89
N ILE A 62 -0.54 3.30 -7.29
CA ILE A 62 -0.88 1.91 -7.02
C ILE A 62 -0.06 0.96 -7.89
N GLY A 63 0.09 1.31 -9.16
CA GLY A 63 0.85 0.48 -10.08
C GLY A 63 2.29 0.29 -9.65
N ASN A 64 3.01 1.39 -9.48
CA ASN A 64 4.42 1.32 -9.08
C ASN A 64 4.57 0.66 -7.72
N PHE A 65 3.66 0.98 -6.81
CA PHE A 65 3.69 0.42 -5.45
C PHE A 65 3.62 -1.11 -5.48
N LEU A 66 2.63 -1.64 -6.22
CA LEU A 66 2.46 -3.08 -6.31
C LEU A 66 3.61 -3.75 -7.05
N ARG A 67 3.99 -3.19 -8.19
CA ARG A 67 5.09 -3.76 -8.97
C ARG A 67 6.34 -3.80 -8.13
N ALA A 68 6.51 -2.78 -7.30
CA ALA A 68 7.66 -2.68 -6.43
C ALA A 68 7.64 -3.73 -5.33
N ILE A 69 6.49 -3.92 -4.70
CA ILE A 69 6.36 -4.90 -3.61
C ILE A 69 6.37 -6.33 -4.14
N LYS A 70 5.72 -6.55 -5.28
CA LYS A 70 5.68 -7.87 -5.89
C LYS A 70 7.09 -8.37 -6.19
N HIS A 71 7.92 -7.47 -6.70
CA HIS A 71 9.30 -7.80 -7.03
C HIS A 71 10.18 -7.75 -5.78
N TYR A 72 9.85 -6.81 -4.88
CA TYR A 72 10.61 -6.63 -3.65
C TYR A 72 10.75 -7.95 -2.91
N GLY A 73 9.67 -8.72 -2.85
CA GLY A 73 9.70 -10.00 -2.16
C GLY A 73 8.34 -10.64 -2.01
N VAL A 74 7.35 -9.84 -1.63
CA VAL A 74 5.99 -10.36 -1.43
C VAL A 74 5.46 -10.99 -2.71
N LYS A 75 4.94 -12.21 -2.58
CA LYS A 75 4.39 -12.94 -3.71
C LYS A 75 3.11 -12.29 -4.22
N PRO A 76 2.92 -12.23 -5.55
CA PRO A 76 1.72 -11.62 -6.16
C PRO A 76 0.44 -12.23 -5.61
N HIS A 77 0.45 -13.54 -5.39
CA HIS A 77 -0.72 -14.24 -4.86
C HIS A 77 -1.17 -13.64 -3.53
N ASP A 78 -0.21 -13.07 -2.81
CA ASP A 78 -0.50 -12.43 -1.53
C ASP A 78 -0.41 -10.92 -1.67
N ILE A 79 -0.86 -10.44 -2.82
CA ILE A 79 -0.83 -9.02 -3.12
C ILE A 79 -2.05 -8.60 -3.93
N PHE A 80 -2.72 -7.54 -3.48
CA PHE A 80 -3.90 -7.03 -4.16
C PHE A 80 -3.51 -6.32 -5.45
N GLU A 81 -4.34 -6.48 -6.47
CA GLU A 81 -4.08 -5.84 -7.76
C GLU A 81 -4.63 -4.42 -7.78
N ALA A 82 -4.03 -3.58 -8.60
CA ALA A 82 -4.45 -2.19 -8.72
C ALA A 82 -5.95 -2.08 -8.95
N ASN A 83 -6.51 -3.01 -9.71
CA ASN A 83 -7.94 -3.00 -9.99
C ASN A 83 -8.76 -3.39 -8.77
N ASP A 84 -8.25 -4.34 -7.98
CA ASP A 84 -8.96 -4.79 -6.79
C ASP A 84 -9.17 -3.65 -5.81
N LEU A 85 -8.12 -2.88 -5.55
CA LEU A 85 -8.19 -1.76 -4.63
C LEU A 85 -8.94 -0.57 -5.24
N PHE A 86 -8.57 -0.20 -6.46
CA PHE A 86 -9.19 0.93 -7.14
C PHE A 86 -10.69 0.70 -7.33
N GLU A 87 -11.05 -0.41 -7.99
CA GLU A 87 -12.44 -0.74 -8.22
C GLU A 87 -13.11 -1.18 -6.93
N ASN A 88 -12.29 -1.44 -5.92
CA ASN A 88 -12.78 -1.88 -4.61
C ASN A 88 -13.47 -3.23 -4.74
N THR A 89 -13.02 -4.03 -5.70
CA THR A 89 -13.58 -5.36 -5.91
C THR A 89 -13.17 -6.32 -4.80
N ASN A 90 -11.88 -6.29 -4.46
CA ASN A 90 -11.35 -7.15 -3.41
C ASN A 90 -10.78 -6.32 -2.27
N HIS A 91 -11.27 -6.56 -1.06
CA HIS A 91 -10.81 -5.82 0.11
C HIS A 91 -9.96 -6.69 1.03
N THR A 92 -10.43 -7.90 1.30
CA THR A 92 -9.73 -8.83 2.18
C THR A 92 -8.27 -8.98 1.75
N GLN A 93 -8.04 -9.13 0.46
CA GLN A 93 -6.68 -9.28 -0.07
C GLN A 93 -5.83 -8.07 0.27
N VAL A 94 -6.43 -6.89 0.17
CA VAL A 94 -5.72 -5.64 0.46
C VAL A 94 -5.19 -5.62 1.90
N GLN A 95 -6.05 -6.00 2.84
CA GLN A 95 -5.69 -6.02 4.24
C GLN A 95 -4.56 -7.02 4.50
N SER A 96 -4.69 -8.21 3.94
CA SER A 96 -3.69 -9.26 4.12
C SER A 96 -2.34 -8.83 3.55
N THR A 97 -2.37 -8.17 2.40
CA THR A 97 -1.15 -7.72 1.74
C THR A 97 -0.30 -6.86 2.67
N LEU A 98 -0.95 -5.97 3.41
CA LEU A 98 -0.24 -5.09 4.34
C LEU A 98 0.59 -5.89 5.33
N ILE A 99 -0.02 -6.93 5.91
CA ILE A 99 0.68 -7.77 6.88
C ILE A 99 1.94 -8.38 6.27
N ALA A 100 1.83 -8.81 5.02
CA ALA A 100 2.96 -9.41 4.32
C ALA A 100 4.11 -8.41 4.17
N LEU A 101 3.77 -7.19 3.78
CA LEU A 101 4.77 -6.14 3.61
C LEU A 101 5.49 -5.85 4.91
N ALA A 102 4.75 -5.85 6.01
CA ALA A 102 5.31 -5.59 7.33
C ALA A 102 6.37 -6.63 7.67
N SER A 103 6.11 -7.88 7.33
CA SER A 103 7.03 -8.96 7.60
C SER A 103 8.40 -8.66 6.99
N GLN A 104 8.40 -8.02 5.82
CA GLN A 104 9.62 -7.67 5.14
C GLN A 104 10.43 -6.65 5.93
N ALA A 105 9.75 -5.61 6.40
CA ALA A 105 10.41 -4.54 7.16
C ALA A 105 10.62 -4.96 8.62
N LYS A 106 11.06 -6.20 8.83
CA LYS A 106 11.31 -6.71 10.17
C LYS A 106 12.05 -8.05 10.10
N THR A 107 13.07 -8.11 9.24
CA THR A 107 13.86 -9.32 9.08
C THR A 107 15.08 -9.07 8.19
N LYS A 108 14.89 -8.21 7.18
CA LYS A 108 15.97 -7.87 6.26
C LYS A 108 17.18 -7.33 7.01
N MET A 1 0.10 -11.48 11.00
CA MET A 1 0.35 -12.13 12.31
C MET A 1 0.00 -11.21 13.49
N PRO A 2 0.46 -9.94 13.47
CA PRO A 2 0.17 -9.00 14.56
C PRO A 2 -1.33 -8.77 14.74
N GLN A 3 -2.03 -8.53 13.63
CA GLN A 3 -3.46 -8.31 13.66
C GLN A 3 -4.01 -8.19 12.23
N THR A 4 -4.87 -7.19 11.98
CA THR A 4 -5.43 -6.98 10.65
C THR A 4 -6.40 -5.80 10.65
N GLU A 5 -6.06 -4.76 11.41
CA GLU A 5 -6.89 -3.57 11.49
C GLU A 5 -6.22 -2.49 12.35
N ARG A 6 -5.87 -2.86 13.57
CA ARG A 6 -5.23 -1.93 14.50
C ARG A 6 -3.75 -1.73 14.15
N GLN A 7 -3.07 -2.84 13.90
CA GLN A 7 -1.64 -2.79 13.57
C GLN A 7 -1.40 -2.16 12.20
N LEU A 8 -2.25 -2.48 11.24
CA LEU A 8 -2.13 -1.96 9.88
C LEU A 8 -2.20 -0.43 9.85
N ARG A 9 -3.21 0.13 10.50
CA ARG A 9 -3.40 1.57 10.52
C ARG A 9 -2.24 2.28 11.21
N VAL A 10 -1.89 1.83 12.41
CA VAL A 10 -0.80 2.44 13.18
C VAL A 10 0.53 2.32 12.44
N TRP A 11 0.75 1.16 11.82
CA TRP A 11 1.99 0.90 11.09
C TRP A 11 2.21 1.88 9.93
N ILE A 12 1.40 1.74 8.89
CA ILE A 12 1.54 2.58 7.69
C ILE A 12 1.35 4.07 7.99
N GLU A 13 0.24 4.43 8.64
CA GLU A 13 -0.04 5.82 8.96
C GLU A 13 1.07 6.40 9.84
N GLY A 14 1.49 5.63 10.83
CA GLY A 14 2.54 6.08 11.73
C GLY A 14 3.89 6.16 11.05
N ALA A 15 4.11 5.28 10.07
CA ALA A 15 5.38 5.24 9.35
C ALA A 15 5.72 6.60 8.74
N THR A 16 4.97 6.99 7.73
CA THR A 16 5.19 8.27 7.06
C THR A 16 4.62 9.42 7.88
N GLY A 17 3.36 9.28 8.26
CA GLY A 17 2.68 10.31 9.03
C GLY A 17 1.45 10.81 8.30
N ARG A 18 0.72 9.88 7.69
CA ARG A 18 -0.48 10.23 6.94
C ARG A 18 -1.66 9.39 7.37
N ARG A 19 -2.76 10.05 7.71
CA ARG A 19 -3.97 9.37 8.14
C ARG A 19 -4.83 9.04 6.93
N ILE A 20 -5.33 7.80 6.88
CA ILE A 20 -6.17 7.37 5.76
C ILE A 20 -7.35 8.32 5.58
N GLY A 21 -7.90 8.79 6.69
CA GLY A 21 -9.02 9.71 6.65
C GLY A 21 -10.36 9.03 6.45
N ASP A 22 -11.18 9.59 5.56
CA ASP A 22 -12.51 9.06 5.28
C ASP A 22 -12.47 7.58 4.94
N ASN A 23 -13.49 6.85 5.38
CA ASN A 23 -13.59 5.41 5.14
C ASN A 23 -12.38 4.68 5.71
N PHE A 24 -11.81 3.77 4.93
CA PHE A 24 -10.65 3.00 5.36
C PHE A 24 -9.95 2.34 4.17
N MET A 25 -10.72 1.59 3.39
CA MET A 25 -10.19 0.91 2.22
C MET A 25 -10.02 1.89 1.07
N ASP A 26 -11.05 2.69 0.85
CA ASP A 26 -11.06 3.69 -0.22
C ASP A 26 -9.86 4.63 -0.09
N GLY A 27 -9.43 4.88 1.14
CA GLY A 27 -8.30 5.76 1.38
C GLY A 27 -7.02 5.27 0.72
N LEU A 28 -6.76 3.98 0.83
CA LEU A 28 -5.56 3.38 0.25
C LEU A 28 -5.54 3.53 -1.27
N LYS A 29 -6.72 3.62 -1.87
CA LYS A 29 -6.85 3.74 -3.32
C LYS A 29 -5.97 4.85 -3.89
N ASP A 30 -5.90 5.98 -3.18
CA ASP A 30 -5.09 7.11 -3.63
C ASP A 30 -3.65 6.69 -3.93
N GLY A 31 -3.16 5.69 -3.20
CA GLY A 31 -1.81 5.22 -3.41
C GLY A 31 -0.78 6.29 -3.12
N VAL A 32 -1.02 7.06 -2.07
CA VAL A 32 -0.11 8.13 -1.67
C VAL A 32 0.62 7.74 -0.40
N ILE A 33 -0.13 7.40 0.64
CA ILE A 33 0.45 7.00 1.91
C ILE A 33 1.26 5.72 1.74
N LEU A 34 0.68 4.75 1.03
CA LEU A 34 1.36 3.50 0.77
C LEU A 34 2.62 3.75 -0.05
N CYS A 35 2.46 4.54 -1.10
CA CYS A 35 3.58 4.90 -1.95
C CYS A 35 4.68 5.52 -1.11
N GLU A 36 4.28 6.39 -0.20
CA GLU A 36 5.20 7.06 0.71
C GLU A 36 5.82 6.04 1.69
N LEU A 37 5.04 5.04 2.04
CA LEU A 37 5.48 4.00 2.96
C LEU A 37 6.60 3.16 2.37
N ILE A 38 6.37 2.62 1.18
CA ILE A 38 7.37 1.77 0.52
C ILE A 38 8.67 2.53 0.29
N ASN A 39 8.58 3.81 -0.07
CA ASN A 39 9.78 4.61 -0.30
C ASN A 39 10.70 4.57 0.92
N LYS A 40 10.10 4.38 2.09
CA LYS A 40 10.85 4.32 3.33
C LYS A 40 11.60 3.00 3.44
N LEU A 41 10.87 1.90 3.26
CA LEU A 41 11.46 0.56 3.34
C LEU A 41 12.37 0.31 2.14
N GLN A 42 11.80 0.40 0.94
CA GLN A 42 12.54 0.18 -0.29
C GLN A 42 13.01 1.52 -0.85
N PRO A 43 14.33 1.76 -0.84
CA PRO A 43 14.94 2.99 -1.36
C PRO A 43 14.47 3.35 -2.76
N GLY A 44 13.99 4.58 -2.93
CA GLY A 44 13.53 5.05 -4.22
C GLY A 44 12.54 4.13 -4.91
N SER A 45 11.46 3.78 -4.21
CA SER A 45 10.45 2.90 -4.77
C SER A 45 9.64 3.63 -5.84
N VAL A 46 8.68 4.44 -5.39
CA VAL A 46 7.84 5.20 -6.31
C VAL A 46 8.47 6.56 -6.63
N GLN A 47 8.61 6.86 -7.91
CA GLN A 47 9.21 8.13 -8.34
C GLN A 47 8.15 9.18 -8.65
N LYS A 48 8.32 10.37 -8.08
CA LYS A 48 7.41 11.48 -8.30
C LYS A 48 5.95 11.06 -8.05
N VAL A 49 5.63 10.71 -6.81
CA VAL A 49 4.28 10.29 -6.46
C VAL A 49 3.27 11.37 -6.83
N ASN A 50 2.28 10.99 -7.64
CA ASN A 50 1.24 11.92 -8.08
C ASN A 50 0.15 12.08 -7.02
N ASP A 51 -0.28 13.32 -6.81
CA ASP A 51 -1.33 13.60 -5.84
C ASP A 51 -2.66 13.02 -6.32
N PRO A 52 -3.54 12.60 -5.39
CA PRO A 52 -4.84 12.02 -5.74
C PRO A 52 -5.82 13.06 -6.27
N VAL A 53 -5.36 13.89 -7.19
CA VAL A 53 -6.19 14.93 -7.79
C VAL A 53 -7.35 14.34 -8.60
N GLN A 54 -7.09 13.22 -9.26
CA GLN A 54 -8.11 12.56 -10.08
C GLN A 54 -8.05 11.04 -9.94
N ASN A 55 -8.33 10.33 -11.02
CA ASN A 55 -8.30 8.87 -11.01
C ASN A 55 -7.01 8.30 -11.58
N TRP A 56 -6.58 8.82 -12.72
CA TRP A 56 -5.36 8.33 -13.36
C TRP A 56 -4.15 8.52 -12.44
N HIS A 57 -4.18 9.58 -11.64
CA HIS A 57 -3.09 9.85 -10.70
C HIS A 57 -2.86 8.64 -9.79
N LYS A 58 -3.94 8.12 -9.23
CA LYS A 58 -3.88 6.97 -8.33
C LYS A 58 -3.39 5.73 -9.06
N LEU A 59 -3.95 5.48 -10.25
CA LEU A 59 -3.59 4.32 -11.05
C LEU A 59 -2.08 4.21 -11.23
N GLU A 60 -1.41 5.35 -11.31
CA GLU A 60 0.04 5.39 -11.49
C GLU A 60 0.77 4.98 -10.21
N ASN A 61 0.41 5.64 -9.11
CA ASN A 61 1.02 5.35 -7.82
C ASN A 61 0.80 3.91 -7.41
N ILE A 62 -0.41 3.40 -7.64
CA ILE A 62 -0.75 2.03 -7.29
C ILE A 62 0.11 1.04 -8.08
N GLY A 63 0.28 1.31 -9.37
CA GLY A 63 1.08 0.43 -10.21
C GLY A 63 2.52 0.33 -9.74
N ASN A 64 3.12 1.48 -9.42
CA ASN A 64 4.50 1.53 -8.96
C ASN A 64 4.66 0.82 -7.62
N PHE A 65 3.71 1.05 -6.71
CA PHE A 65 3.75 0.45 -5.39
C PHE A 65 3.68 -1.08 -5.45
N LEU A 66 2.71 -1.59 -6.22
CA LEU A 66 2.54 -3.03 -6.35
C LEU A 66 3.71 -3.69 -7.07
N ARG A 67 4.12 -3.12 -8.19
CA ARG A 67 5.24 -3.68 -8.95
C ARG A 67 6.49 -3.71 -8.09
N ALA A 68 6.68 -2.66 -7.30
CA ALA A 68 7.83 -2.55 -6.42
C ALA A 68 7.79 -3.59 -5.30
N ILE A 69 6.62 -3.76 -4.69
CA ILE A 69 6.48 -4.73 -3.59
C ILE A 69 6.55 -6.16 -4.10
N LYS A 70 5.93 -6.42 -5.25
CA LYS A 70 5.94 -7.74 -5.85
C LYS A 70 7.37 -8.19 -6.14
N HIS A 71 8.17 -7.24 -6.61
CA HIS A 71 9.56 -7.48 -6.94
C HIS A 71 10.43 -7.44 -5.69
N TYR A 72 10.07 -6.55 -4.77
CA TYR A 72 10.80 -6.38 -3.52
C TYR A 72 10.93 -7.69 -2.78
N GLY A 73 9.84 -8.45 -2.70
CA GLY A 73 9.87 -9.72 -2.01
C GLY A 73 8.50 -10.35 -1.86
N VAL A 74 7.51 -9.54 -1.50
CA VAL A 74 6.16 -10.04 -1.31
C VAL A 74 5.65 -10.74 -2.58
N LYS A 75 5.18 -11.97 -2.42
CA LYS A 75 4.68 -12.74 -3.55
C LYS A 75 3.36 -12.17 -4.08
N PRO A 76 3.17 -12.20 -5.41
CA PRO A 76 1.95 -11.67 -6.04
C PRO A 76 0.69 -12.30 -5.47
N HIS A 77 0.76 -13.61 -5.19
CA HIS A 77 -0.37 -14.33 -4.63
C HIS A 77 -0.83 -13.70 -3.33
N ASP A 78 0.08 -13.00 -2.66
CA ASP A 78 -0.23 -12.34 -1.40
C ASP A 78 -0.18 -10.84 -1.59
N ILE A 79 -0.65 -10.40 -2.75
CA ILE A 79 -0.66 -8.99 -3.09
C ILE A 79 -1.87 -8.63 -3.95
N PHE A 80 -2.58 -7.59 -3.55
CA PHE A 80 -3.75 -7.13 -4.28
C PHE A 80 -3.34 -6.38 -5.54
N GLU A 81 -4.10 -6.55 -6.60
CA GLU A 81 -3.81 -5.87 -7.85
C GLU A 81 -4.40 -4.47 -7.85
N ALA A 82 -3.87 -3.62 -8.72
CA ALA A 82 -4.34 -2.25 -8.82
C ALA A 82 -5.85 -2.18 -8.89
N ASN A 83 -6.47 -3.16 -9.54
CA ASN A 83 -7.92 -3.20 -9.66
C ASN A 83 -8.59 -3.61 -8.36
N ASP A 84 -7.97 -4.52 -7.62
CA ASP A 84 -8.53 -4.97 -6.34
C ASP A 84 -8.82 -3.80 -5.42
N LEU A 85 -7.85 -2.89 -5.30
CA LEU A 85 -8.00 -1.71 -4.46
C LEU A 85 -8.81 -0.62 -5.16
N PHE A 86 -8.47 -0.32 -6.41
CA PHE A 86 -9.15 0.71 -7.17
C PHE A 86 -10.60 0.31 -7.45
N GLU A 87 -10.79 -0.77 -8.21
CA GLU A 87 -12.13 -1.26 -8.54
C GLU A 87 -12.83 -1.81 -7.31
N ASN A 88 -12.15 -1.75 -6.16
CA ASN A 88 -12.71 -2.27 -4.92
C ASN A 88 -13.15 -3.72 -5.12
N THR A 89 -12.45 -4.41 -6.01
CA THR A 89 -12.76 -5.79 -6.34
C THR A 89 -12.46 -6.70 -5.15
N ASN A 90 -11.35 -6.43 -4.46
CA ASN A 90 -10.96 -7.21 -3.30
C ASN A 90 -10.68 -6.33 -2.10
N HIS A 91 -11.43 -6.54 -1.03
CA HIS A 91 -11.27 -5.75 0.19
C HIS A 91 -10.35 -6.47 1.17
N THR A 92 -10.63 -7.74 1.43
CA THR A 92 -9.83 -8.54 2.35
C THR A 92 -8.39 -8.63 1.86
N GLN A 93 -8.21 -8.78 0.55
CA GLN A 93 -6.89 -8.88 -0.03
C GLN A 93 -6.04 -7.66 0.28
N VAL A 94 -6.70 -6.50 0.35
CA VAL A 94 -6.01 -5.24 0.64
C VAL A 94 -5.26 -5.31 1.97
N GLN A 95 -5.94 -5.79 3.01
CA GLN A 95 -5.33 -5.91 4.33
C GLN A 95 -4.34 -7.08 4.37
N SER A 96 -4.71 -8.19 3.75
CA SER A 96 -3.86 -9.38 3.73
C SER A 96 -2.48 -9.05 3.16
N THR A 97 -2.46 -8.30 2.07
CA THR A 97 -1.20 -7.92 1.43
C THR A 97 -0.33 -7.11 2.38
N LEU A 98 -0.94 -6.18 3.10
CA LEU A 98 -0.22 -5.33 4.04
C LEU A 98 0.51 -6.18 5.08
N ILE A 99 -0.20 -7.18 5.61
CA ILE A 99 0.37 -8.06 6.63
C ILE A 99 1.62 -8.77 6.10
N ALA A 100 1.54 -9.26 4.87
CA ALA A 100 2.66 -9.95 4.24
C ALA A 100 3.87 -9.04 4.11
N LEU A 101 3.64 -7.81 3.66
CA LEU A 101 4.71 -6.84 3.49
C LEU A 101 5.41 -6.58 4.82
N ALA A 102 4.67 -6.63 5.91
CA ALA A 102 5.22 -6.41 7.24
C ALA A 102 6.40 -7.34 7.51
N SER A 103 6.26 -8.59 7.09
CA SER A 103 7.32 -9.57 7.28
C SER A 103 8.62 -9.08 6.67
N GLN A 104 8.52 -8.41 5.53
CA GLN A 104 9.67 -7.88 4.84
C GLN A 104 10.34 -6.78 5.65
N ALA A 105 9.53 -5.84 6.11
CA ALA A 105 10.03 -4.71 6.90
C ALA A 105 10.30 -5.11 8.35
N LYS A 106 10.86 -6.31 8.52
CA LYS A 106 11.18 -6.81 9.86
C LYS A 106 12.31 -6.01 10.48
N THR A 107 13.35 -5.73 9.68
CA THR A 107 14.49 -4.97 10.15
C THR A 107 15.48 -4.71 9.01
N LYS A 108 14.95 -4.36 7.85
CA LYS A 108 15.79 -4.09 6.68
C LYS A 108 16.73 -2.92 6.95
N MET A 1 3.78 -13.32 16.20
CA MET A 1 3.11 -12.82 14.97
C MET A 1 2.27 -11.57 15.27
N PRO A 2 2.33 -10.56 14.39
CA PRO A 2 1.57 -9.32 14.56
C PRO A 2 0.06 -9.53 14.42
N GLN A 3 -0.60 -8.62 13.72
CA GLN A 3 -2.04 -8.70 13.51
C GLN A 3 -2.52 -7.65 12.51
N THR A 4 -3.67 -7.05 12.78
CA THR A 4 -4.21 -6.02 11.90
C THR A 4 -5.00 -4.98 12.70
N GLU A 5 -6.02 -4.40 12.07
CA GLU A 5 -6.84 -3.39 12.73
C GLU A 5 -5.97 -2.25 13.27
N ARG A 6 -5.86 -2.15 14.59
CA ARG A 6 -5.06 -1.10 15.22
C ARG A 6 -3.61 -1.15 14.74
N GLN A 7 -3.09 -2.37 14.60
CA GLN A 7 -1.71 -2.55 14.14
C GLN A 7 -1.48 -1.91 12.78
N LEU A 8 -2.39 -2.19 11.83
CA LEU A 8 -2.28 -1.64 10.48
C LEU A 8 -2.34 -0.11 10.49
N ARG A 9 -3.31 0.43 11.23
CA ARG A 9 -3.50 1.88 11.31
C ARG A 9 -2.26 2.58 11.88
N VAL A 10 -1.80 2.13 13.04
CA VAL A 10 -0.64 2.72 13.68
C VAL A 10 0.62 2.58 12.83
N TRP A 11 0.76 1.42 12.19
CA TRP A 11 1.93 1.15 11.35
C TRP A 11 2.08 2.15 10.21
N ILE A 12 1.22 2.06 9.22
CA ILE A 12 1.28 2.94 8.04
C ILE A 12 1.16 4.41 8.40
N GLU A 13 0.14 4.77 9.17
CA GLU A 13 -0.07 6.15 9.56
C GLU A 13 1.14 6.69 10.32
N GLY A 14 1.66 5.88 11.24
CA GLY A 14 2.82 6.29 12.02
C GLY A 14 4.07 6.42 11.18
N ALA A 15 4.17 5.59 10.14
CA ALA A 15 5.34 5.62 9.26
C ALA A 15 5.59 7.01 8.68
N THR A 16 4.72 7.42 7.76
CA THR A 16 4.85 8.73 7.13
C THR A 16 4.21 9.83 7.97
N GLY A 17 2.94 9.64 8.30
CA GLY A 17 2.22 10.62 9.09
C GLY A 17 0.91 11.01 8.44
N ARG A 18 0.27 10.03 7.82
CA ARG A 18 -1.00 10.25 7.15
C ARG A 18 -2.11 9.39 7.75
N ARG A 19 -3.23 10.01 8.08
CA ARG A 19 -4.36 9.28 8.65
C ARG A 19 -5.17 8.59 7.56
N ILE A 20 -4.48 8.17 6.50
CA ILE A 20 -5.12 7.49 5.37
C ILE A 20 -6.20 8.35 4.74
N GLY A 21 -7.35 8.43 5.39
CA GLY A 21 -8.45 9.22 4.87
C GLY A 21 -9.80 8.71 5.34
N ASP A 22 -10.75 8.60 4.41
CA ASP A 22 -12.08 8.12 4.73
C ASP A 22 -12.03 6.64 5.11
N ASN A 23 -12.83 5.81 4.43
CA ASN A 23 -12.85 4.37 4.71
C ASN A 23 -11.43 3.80 4.62
N PHE A 24 -11.17 2.79 5.45
CA PHE A 24 -9.85 2.15 5.48
C PHE A 24 -9.45 1.65 4.08
N MET A 25 -10.37 0.99 3.40
CA MET A 25 -10.10 0.45 2.07
C MET A 25 -10.03 1.57 1.04
N ASP A 26 -11.05 2.42 1.02
CA ASP A 26 -11.13 3.53 0.09
C ASP A 26 -9.93 4.47 0.23
N GLY A 27 -9.38 4.55 1.43
CA GLY A 27 -8.24 5.42 1.67
C GLY A 27 -6.99 4.96 0.94
N LEU A 28 -6.72 3.66 1.00
CA LEU A 28 -5.55 3.09 0.35
C LEU A 28 -5.57 3.32 -1.17
N LYS A 29 -6.76 3.52 -1.70
CA LYS A 29 -6.94 3.73 -3.14
C LYS A 29 -5.98 4.80 -3.67
N ASP A 30 -5.74 5.85 -2.89
CA ASP A 30 -4.86 6.93 -3.31
C ASP A 30 -3.48 6.40 -3.72
N GLY A 31 -2.99 5.40 -3.00
CA GLY A 31 -1.70 4.81 -3.33
C GLY A 31 -0.53 5.68 -2.89
N VAL A 32 -0.68 7.00 -3.00
CA VAL A 32 0.37 7.93 -2.64
C VAL A 32 0.96 7.64 -1.26
N ILE A 33 0.11 7.63 -0.25
CA ILE A 33 0.57 7.37 1.13
C ILE A 33 1.29 6.03 1.22
N LEU A 34 0.67 4.98 0.71
CA LEU A 34 1.30 3.65 0.73
C LEU A 34 2.61 3.72 -0.04
N CYS A 35 2.61 4.52 -1.10
CA CYS A 35 3.78 4.72 -1.93
C CYS A 35 4.86 5.41 -1.10
N GLU A 36 4.42 6.33 -0.25
CA GLU A 36 5.31 7.07 0.63
C GLU A 36 5.96 6.14 1.64
N LEU A 37 5.20 5.13 2.07
CA LEU A 37 5.68 4.16 3.04
C LEU A 37 6.76 3.25 2.45
N ILE A 38 6.51 2.70 1.27
CA ILE A 38 7.46 1.81 0.64
C ILE A 38 8.79 2.50 0.38
N ASN A 39 8.74 3.78 -0.01
CA ASN A 39 9.95 4.53 -0.27
C ASN A 39 10.86 4.52 0.95
N LYS A 40 10.25 4.43 2.13
CA LYS A 40 10.99 4.41 3.38
C LYS A 40 11.74 3.08 3.52
N LEU A 41 11.01 1.98 3.38
CA LEU A 41 11.60 0.66 3.50
C LEU A 41 12.54 0.38 2.32
N GLN A 42 12.00 0.49 1.12
CA GLN A 42 12.78 0.28 -0.09
C GLN A 42 13.16 1.61 -0.72
N PRO A 43 14.46 1.92 -0.77
CA PRO A 43 14.98 3.17 -1.34
C PRO A 43 14.46 3.44 -2.75
N GLY A 44 13.91 4.64 -2.95
CA GLY A 44 13.42 5.04 -4.25
C GLY A 44 12.51 4.01 -4.90
N SER A 45 11.48 3.57 -4.17
CA SER A 45 10.54 2.59 -4.69
C SER A 45 9.70 3.18 -5.83
N VAL A 46 8.88 4.16 -5.49
CA VAL A 46 8.02 4.82 -6.48
C VAL A 46 8.69 6.06 -7.06
N GLN A 47 8.57 6.23 -8.37
CA GLN A 47 9.16 7.38 -9.06
C GLN A 47 8.43 8.67 -8.65
N LYS A 48 8.14 9.52 -9.63
CA LYS A 48 7.44 10.78 -9.35
C LYS A 48 6.05 10.50 -8.77
N VAL A 49 5.79 11.06 -7.60
CA VAL A 49 4.50 10.88 -6.95
C VAL A 49 3.45 11.85 -7.49
N ASN A 50 2.30 11.29 -7.88
CA ASN A 50 1.21 12.11 -8.42
C ASN A 50 0.17 12.40 -7.34
N ASP A 51 -0.25 13.65 -7.26
CA ASP A 51 -1.26 14.04 -6.27
C ASP A 51 -2.58 13.32 -6.55
N PRO A 52 -3.18 12.71 -5.52
CA PRO A 52 -4.44 11.97 -5.66
C PRO A 52 -5.65 12.90 -5.81
N VAL A 53 -5.49 13.96 -6.60
CA VAL A 53 -6.58 14.92 -6.81
C VAL A 53 -7.68 14.30 -7.66
N GLN A 54 -7.35 13.94 -8.89
CA GLN A 54 -8.32 13.33 -9.80
C GLN A 54 -8.54 11.86 -9.44
N ASN A 55 -8.18 10.96 -10.35
CA ASN A 55 -8.36 9.53 -10.13
C ASN A 55 -7.27 8.73 -10.81
N TRP A 56 -6.91 9.14 -12.02
CA TRP A 56 -5.88 8.44 -12.79
C TRP A 56 -4.53 8.47 -12.07
N HIS A 57 -4.29 9.55 -11.31
CA HIS A 57 -3.03 9.69 -10.57
C HIS A 57 -2.81 8.47 -9.70
N LYS A 58 -3.85 8.07 -8.97
CA LYS A 58 -3.78 6.93 -8.08
C LYS A 58 -3.39 5.66 -8.84
N LEU A 59 -3.95 5.51 -10.03
CA LEU A 59 -3.68 4.34 -10.87
C LEU A 59 -2.18 4.14 -11.09
N GLU A 60 -1.45 5.24 -11.24
CA GLU A 60 -0.01 5.17 -11.47
C GLU A 60 0.73 4.85 -10.18
N ASN A 61 0.41 5.57 -9.11
CA ASN A 61 1.04 5.36 -7.82
C ASN A 61 0.86 3.92 -7.36
N ILE A 62 -0.37 3.41 -7.52
CA ILE A 62 -0.67 2.04 -7.11
C ILE A 62 0.15 1.03 -7.92
N GLY A 63 0.28 1.29 -9.21
CA GLY A 63 1.03 0.40 -10.08
C GLY A 63 2.48 0.26 -9.63
N ASN A 64 3.12 1.38 -9.31
CA ASN A 64 4.50 1.38 -8.88
C ASN A 64 4.64 0.72 -7.51
N PHE A 65 3.72 1.03 -6.61
CA PHE A 65 3.73 0.49 -5.26
C PHE A 65 3.67 -1.04 -5.29
N LEU A 66 2.69 -1.57 -6.01
CA LEU A 66 2.53 -3.02 -6.12
C LEU A 66 3.69 -3.65 -6.87
N ARG A 67 4.08 -3.02 -7.97
CA ARG A 67 5.19 -3.53 -8.77
C ARG A 67 6.45 -3.62 -7.92
N ALA A 68 6.64 -2.63 -7.06
CA ALA A 68 7.80 -2.58 -6.19
C ALA A 68 7.75 -3.67 -5.12
N ILE A 69 6.58 -3.86 -4.50
CA ILE A 69 6.43 -4.87 -3.45
C ILE A 69 6.51 -6.28 -4.02
N LYS A 70 5.91 -6.48 -5.19
CA LYS A 70 5.91 -7.79 -5.84
C LYS A 70 7.33 -8.28 -6.06
N HIS A 71 8.18 -7.39 -6.55
CA HIS A 71 9.57 -7.70 -6.81
C HIS A 71 10.40 -7.60 -5.53
N TYR A 72 9.99 -6.70 -4.64
CA TYR A 72 10.69 -6.50 -3.37
C TYR A 72 10.85 -7.83 -2.64
N GLY A 73 9.80 -8.64 -2.67
CA GLY A 73 9.85 -9.93 -2.00
C GLY A 73 8.49 -10.58 -1.89
N VAL A 74 7.48 -9.80 -1.54
CA VAL A 74 6.12 -10.31 -1.41
C VAL A 74 5.64 -10.95 -2.70
N LYS A 75 5.15 -12.18 -2.60
CA LYS A 75 4.65 -12.90 -3.76
C LYS A 75 3.39 -12.26 -4.33
N PRO A 76 3.26 -12.19 -5.66
CA PRO A 76 2.10 -11.59 -6.32
C PRO A 76 0.78 -12.22 -5.84
N HIS A 77 0.80 -13.53 -5.63
CA HIS A 77 -0.38 -14.25 -5.17
C HIS A 77 -0.88 -13.66 -3.85
N ASP A 78 0.02 -13.05 -3.10
CA ASP A 78 -0.33 -12.44 -1.82
C ASP A 78 -0.28 -10.93 -1.96
N ILE A 79 -0.69 -10.44 -3.11
CA ILE A 79 -0.67 -9.02 -3.40
C ILE A 79 -1.84 -8.64 -4.30
N PHE A 80 -2.60 -7.63 -3.88
CA PHE A 80 -3.74 -7.15 -4.65
C PHE A 80 -3.28 -6.33 -5.85
N GLU A 81 -3.98 -6.48 -6.96
CA GLU A 81 -3.65 -5.74 -8.17
C GLU A 81 -4.21 -4.33 -8.11
N ALA A 82 -3.61 -3.42 -8.87
CA ALA A 82 -4.04 -2.04 -8.90
C ALA A 82 -5.56 -1.94 -9.08
N ASN A 83 -6.11 -2.82 -9.90
CA ASN A 83 -7.53 -2.84 -10.17
C ASN A 83 -8.32 -3.32 -8.94
N ASP A 84 -7.73 -4.24 -8.19
CA ASP A 84 -8.39 -4.78 -7.00
C ASP A 84 -8.67 -3.68 -5.97
N LEU A 85 -7.65 -2.91 -5.63
CA LEU A 85 -7.79 -1.84 -4.65
C LEU A 85 -8.60 -0.68 -5.21
N PHE A 86 -8.32 -0.31 -6.46
CA PHE A 86 -9.02 0.81 -7.10
C PHE A 86 -10.51 0.53 -7.27
N GLU A 87 -10.84 -0.67 -7.77
CA GLU A 87 -12.24 -1.04 -7.99
C GLU A 87 -12.92 -1.46 -6.69
N ASN A 88 -12.13 -1.61 -5.64
CA ASN A 88 -12.65 -2.02 -4.34
C ASN A 88 -13.29 -3.41 -4.44
N THR A 89 -12.66 -4.28 -5.22
CA THR A 89 -13.17 -5.64 -5.40
C THR A 89 -12.57 -6.62 -4.40
N ASN A 90 -11.24 -6.65 -4.34
CA ASN A 90 -10.52 -7.55 -3.44
C ASN A 90 -10.30 -6.93 -2.06
N HIS A 91 -11.39 -6.61 -1.37
CA HIS A 91 -11.29 -6.01 -0.03
C HIS A 91 -10.48 -6.90 0.90
N THR A 92 -10.76 -8.20 0.88
CA THR A 92 -10.07 -9.15 1.73
C THR A 92 -8.57 -9.19 1.41
N GLN A 93 -8.25 -9.26 0.12
CA GLN A 93 -6.86 -9.31 -0.31
C GLN A 93 -6.09 -8.07 0.13
N VAL A 94 -6.73 -6.91 0.03
CA VAL A 94 -6.10 -5.65 0.42
C VAL A 94 -5.62 -5.69 1.87
N GLN A 95 -6.48 -6.20 2.76
CA GLN A 95 -6.15 -6.28 4.16
C GLN A 95 -5.01 -7.27 4.41
N SER A 96 -5.09 -8.44 3.80
CA SER A 96 -4.06 -9.46 3.96
C SER A 96 -2.72 -9.01 3.41
N THR A 97 -2.75 -8.34 2.27
CA THR A 97 -1.53 -7.86 1.62
C THR A 97 -0.70 -7.00 2.57
N LEU A 98 -1.38 -6.14 3.34
CA LEU A 98 -0.70 -5.27 4.29
C LEU A 98 0.15 -6.08 5.26
N ILE A 99 -0.38 -7.22 5.70
CA ILE A 99 0.34 -8.08 6.62
C ILE A 99 1.66 -8.57 6.02
N ALA A 100 1.61 -8.98 4.75
CA ALA A 100 2.79 -9.47 4.05
C ALA A 100 3.85 -8.37 3.94
N LEU A 101 3.41 -7.18 3.55
CA LEU A 101 4.32 -6.05 3.39
C LEU A 101 5.03 -5.73 4.71
N ALA A 102 4.28 -5.78 5.80
CA ALA A 102 4.83 -5.49 7.12
C ALA A 102 5.89 -6.52 7.50
N SER A 103 5.61 -7.78 7.19
CA SER A 103 6.53 -8.87 7.48
C SER A 103 7.89 -8.63 6.85
N GLN A 104 7.88 -8.09 5.62
CA GLN A 104 9.10 -7.81 4.90
C GLN A 104 9.94 -6.76 5.60
N ALA A 105 9.31 -5.64 5.94
CA ALA A 105 9.99 -4.54 6.62
C ALA A 105 10.78 -5.03 7.83
N LYS A 106 10.25 -6.04 8.52
CA LYS A 106 10.90 -6.58 9.72
C LYS A 106 12.20 -7.29 9.36
N THR A 107 12.10 -8.30 8.50
CA THR A 107 13.27 -9.09 8.08
C THR A 107 14.24 -8.26 7.23
N LYS A 108 13.71 -7.60 6.21
CA LYS A 108 14.54 -6.78 5.33
C LYS A 108 15.36 -5.77 6.11
N MET A 1 0.21 -15.55 8.67
CA MET A 1 0.91 -16.28 9.76
C MET A 1 1.18 -15.37 10.96
N PRO A 2 1.75 -14.16 10.74
CA PRO A 2 2.06 -13.23 11.82
C PRO A 2 0.79 -12.66 12.47
N GLN A 3 0.81 -11.36 12.77
CA GLN A 3 -0.34 -10.70 13.39
C GLN A 3 -0.11 -9.19 13.46
N THR A 4 -1.08 -8.43 12.95
CA THR A 4 -0.99 -6.97 12.96
C THR A 4 -2.24 -6.34 12.32
N GLU A 5 -3.40 -6.85 12.68
CA GLU A 5 -4.66 -6.33 12.14
C GLU A 5 -4.83 -4.86 12.52
N ARG A 6 -4.75 -4.57 13.82
CA ARG A 6 -4.89 -3.21 14.32
C ARG A 6 -3.59 -2.44 14.16
N GLN A 7 -2.49 -3.09 14.54
CA GLN A 7 -1.17 -2.47 14.46
C GLN A 7 -0.87 -1.99 13.04
N LEU A 8 -1.70 -2.42 12.09
CA LEU A 8 -1.51 -2.04 10.70
C LEU A 8 -1.64 -0.52 10.53
N ARG A 9 -2.70 0.05 11.08
CA ARG A 9 -2.93 1.48 10.99
C ARG A 9 -1.85 2.26 11.71
N VAL A 10 -1.53 1.84 12.94
CA VAL A 10 -0.50 2.51 13.72
C VAL A 10 0.84 2.49 12.99
N TRP A 11 1.13 1.36 12.34
CA TRP A 11 2.37 1.20 11.60
C TRP A 11 2.42 2.13 10.39
N ILE A 12 1.53 1.89 9.43
CA ILE A 12 1.50 2.68 8.20
C ILE A 12 1.33 4.17 8.47
N GLU A 13 0.33 4.52 9.28
CA GLU A 13 0.08 5.92 9.61
C GLU A 13 1.27 6.55 10.32
N GLY A 14 1.78 5.85 11.32
CA GLY A 14 2.92 6.34 12.07
C GLY A 14 4.17 6.48 11.21
N ALA A 15 4.32 5.58 10.24
CA ALA A 15 5.48 5.61 9.36
C ALA A 15 5.65 6.97 8.70
N THR A 16 4.68 7.37 7.89
CA THR A 16 4.73 8.64 7.21
C THR A 16 4.21 9.77 8.10
N GLY A 17 2.95 9.66 8.49
CA GLY A 17 2.33 10.66 9.34
C GLY A 17 0.85 10.74 9.09
N ARG A 18 0.46 10.49 7.85
CA ARG A 18 -0.93 10.52 7.44
C ARG A 18 -1.74 9.43 8.14
N ARG A 19 -2.88 9.79 8.69
CA ARG A 19 -3.74 8.85 9.37
C ARG A 19 -4.73 8.19 8.41
N ILE A 20 -4.35 8.15 7.13
CA ILE A 20 -5.19 7.56 6.08
C ILE A 20 -6.46 8.37 5.83
N GLY A 21 -6.97 9.02 6.87
CA GLY A 21 -8.18 9.82 6.74
C GLY A 21 -9.45 9.01 6.89
N ASP A 22 -10.44 9.30 6.04
CA ASP A 22 -11.72 8.61 6.08
C ASP A 22 -11.58 7.13 5.71
N ASN A 23 -12.37 6.30 6.38
CA ASN A 23 -12.36 4.86 6.14
C ASN A 23 -11.00 4.23 6.45
N PHE A 24 -10.55 3.35 5.57
CA PHE A 24 -9.26 2.66 5.74
C PHE A 24 -8.79 2.09 4.42
N MET A 25 -9.69 1.38 3.73
CA MET A 25 -9.37 0.78 2.44
C MET A 25 -9.54 1.81 1.33
N ASP A 26 -10.63 2.58 1.42
CA ASP A 26 -10.95 3.61 0.44
C ASP A 26 -9.80 4.60 0.31
N GLY A 27 -9.19 4.97 1.42
CA GLY A 27 -8.07 5.91 1.38
C GLY A 27 -6.92 5.39 0.55
N LEU A 28 -6.67 4.09 0.65
CA LEU A 28 -5.58 3.44 -0.08
C LEU A 28 -5.81 3.54 -1.59
N LYS A 29 -7.08 3.55 -2.00
CA LYS A 29 -7.45 3.61 -3.41
C LYS A 29 -6.67 4.69 -4.15
N ASP A 30 -6.63 5.89 -3.59
CA ASP A 30 -5.93 7.00 -4.22
C ASP A 30 -4.44 6.68 -4.42
N GLY A 31 -3.86 5.97 -3.46
CA GLY A 31 -2.46 5.62 -3.54
C GLY A 31 -1.55 6.81 -3.40
N VAL A 32 -1.10 7.07 -2.18
CA VAL A 32 -0.20 8.18 -1.89
C VAL A 32 0.61 7.89 -0.65
N ILE A 33 -0.09 7.56 0.44
CA ILE A 33 0.54 7.25 1.70
C ILE A 33 1.32 5.95 1.61
N LEU A 34 0.72 4.94 0.99
CA LEU A 34 1.39 3.66 0.84
C LEU A 34 2.68 3.84 0.04
N CYS A 35 2.59 4.60 -1.04
CA CYS A 35 3.76 4.89 -1.86
C CYS A 35 4.84 5.49 -0.97
N GLU A 36 4.42 6.40 -0.10
CA GLU A 36 5.31 7.06 0.83
C GLU A 36 5.87 6.06 1.85
N LEU A 37 5.04 5.10 2.23
CA LEU A 37 5.42 4.07 3.20
C LEU A 37 6.50 3.15 2.64
N ILE A 38 6.27 2.61 1.45
CA ILE A 38 7.24 1.70 0.83
C ILE A 38 8.58 2.39 0.60
N ASN A 39 8.55 3.66 0.21
CA ASN A 39 9.79 4.40 -0.03
C ASN A 39 10.69 4.35 1.20
N LYS A 40 10.07 4.23 2.37
CA LYS A 40 10.80 4.17 3.62
C LYS A 40 11.54 2.85 3.74
N LEU A 41 10.79 1.76 3.55
CA LEU A 41 11.36 0.42 3.63
C LEU A 41 12.25 0.13 2.43
N GLN A 42 11.67 0.22 1.24
CA GLN A 42 12.39 -0.03 0.00
C GLN A 42 12.89 1.28 -0.61
N PRO A 43 14.15 1.32 -1.06
CA PRO A 43 14.75 2.50 -1.67
C PRO A 43 14.24 2.76 -3.08
N GLY A 44 13.88 4.02 -3.36
CA GLY A 44 13.38 4.38 -4.67
C GLY A 44 12.20 3.53 -5.11
N SER A 45 11.25 3.32 -4.21
CA SER A 45 10.08 2.52 -4.50
C SER A 45 9.17 3.20 -5.53
N VAL A 46 8.91 4.49 -5.32
CA VAL A 46 8.06 5.25 -6.22
C VAL A 46 8.61 6.66 -6.42
N GLN A 47 8.61 7.13 -7.66
CA GLN A 47 9.11 8.47 -7.97
C GLN A 47 8.19 9.55 -7.40
N LYS A 48 7.86 10.56 -8.19
CA LYS A 48 6.98 11.64 -7.74
C LYS A 48 5.54 11.15 -7.59
N VAL A 49 4.96 11.43 -6.43
CA VAL A 49 3.58 11.01 -6.17
C VAL A 49 2.58 11.92 -6.88
N ASN A 50 1.70 11.32 -7.67
CA ASN A 50 0.69 12.08 -8.40
C ASN A 50 -0.53 12.35 -7.53
N ASP A 51 -1.01 13.59 -7.56
CA ASP A 51 -2.17 13.97 -6.77
C ASP A 51 -3.41 13.19 -7.24
N PRO A 52 -4.22 12.68 -6.30
CA PRO A 52 -5.42 11.90 -6.64
C PRO A 52 -6.55 12.77 -7.18
N VAL A 53 -6.20 13.77 -7.98
CA VAL A 53 -7.20 14.66 -8.57
C VAL A 53 -7.94 13.97 -9.71
N GLN A 54 -7.19 13.49 -10.69
CA GLN A 54 -7.77 12.81 -11.84
C GLN A 54 -8.15 11.37 -11.48
N ASN A 55 -7.98 10.46 -12.44
CA ASN A 55 -8.31 9.06 -12.22
C ASN A 55 -7.08 8.17 -12.37
N TRP A 56 -6.34 8.36 -13.46
CA TRP A 56 -5.15 7.56 -13.73
C TRP A 56 -4.03 7.89 -12.73
N HIS A 57 -4.08 9.07 -12.13
CA HIS A 57 -3.08 9.48 -11.15
C HIS A 57 -2.97 8.46 -10.04
N LYS A 58 -4.11 8.03 -9.51
CA LYS A 58 -4.15 7.04 -8.45
C LYS A 58 -3.57 5.71 -8.91
N LEU A 59 -3.99 5.26 -10.09
CA LEU A 59 -3.53 4.00 -10.65
C LEU A 59 -2.01 4.00 -10.82
N GLU A 60 -1.44 5.18 -11.06
CA GLU A 60 0.00 5.30 -11.24
C GLU A 60 0.74 4.95 -9.97
N ASN A 61 0.33 5.57 -8.87
CA ASN A 61 0.94 5.33 -7.57
C ASN A 61 0.74 3.89 -7.14
N ILE A 62 -0.44 3.35 -7.42
CA ILE A 62 -0.75 1.97 -7.06
C ILE A 62 0.10 0.99 -7.84
N GLY A 63 0.27 1.24 -9.13
CA GLY A 63 1.06 0.36 -9.97
C GLY A 63 2.49 0.24 -9.49
N ASN A 64 3.15 1.36 -9.26
CA ASN A 64 4.53 1.37 -8.80
C ASN A 64 4.65 0.67 -7.44
N PHE A 65 3.70 0.93 -6.56
CA PHE A 65 3.71 0.34 -5.23
C PHE A 65 3.63 -1.18 -5.30
N LEU A 66 2.71 -1.70 -6.09
CA LEU A 66 2.52 -3.14 -6.23
C LEU A 66 3.71 -3.79 -6.92
N ARG A 67 4.15 -3.23 -8.04
CA ARG A 67 5.28 -3.77 -8.77
C ARG A 67 6.51 -3.80 -7.88
N ALA A 68 6.63 -2.79 -7.04
CA ALA A 68 7.76 -2.67 -6.13
C ALA A 68 7.69 -3.73 -5.03
N ILE A 69 6.51 -3.93 -4.45
CA ILE A 69 6.34 -4.90 -3.38
C ILE A 69 6.42 -6.34 -3.90
N LYS A 70 5.90 -6.57 -5.10
CA LYS A 70 5.92 -7.89 -5.70
C LYS A 70 7.35 -8.40 -5.85
N HIS A 71 8.24 -7.51 -6.27
CA HIS A 71 9.65 -7.84 -6.44
C HIS A 71 10.40 -7.71 -5.13
N TYR A 72 10.00 -6.73 -4.33
CA TYR A 72 10.64 -6.47 -3.04
C TYR A 72 10.72 -7.75 -2.21
N GLY A 73 9.63 -8.51 -2.18
CA GLY A 73 9.62 -9.73 -1.42
C GLY A 73 8.25 -10.40 -1.37
N VAL A 74 7.21 -9.61 -1.16
CA VAL A 74 5.86 -10.13 -1.10
C VAL A 74 5.49 -10.84 -2.39
N LYS A 75 5.02 -12.08 -2.27
CA LYS A 75 4.63 -12.88 -3.43
C LYS A 75 3.43 -12.28 -4.14
N PRO A 76 3.44 -12.27 -5.48
CA PRO A 76 2.33 -11.72 -6.28
C PRO A 76 0.99 -12.33 -5.91
N HIS A 77 1.00 -13.65 -5.71
CA HIS A 77 -0.21 -14.37 -5.34
C HIS A 77 -0.80 -13.81 -4.05
N ASP A 78 0.05 -13.18 -3.25
CA ASP A 78 -0.37 -12.59 -1.99
C ASP A 78 -0.34 -11.08 -2.11
N ILE A 79 -0.71 -10.59 -3.28
CA ILE A 79 -0.72 -9.16 -3.56
C ILE A 79 -1.87 -8.79 -4.48
N PHE A 80 -2.64 -7.80 -4.06
CA PHE A 80 -3.78 -7.33 -4.84
C PHE A 80 -3.32 -6.43 -5.98
N GLU A 81 -4.02 -6.53 -7.11
CA GLU A 81 -3.69 -5.72 -8.26
C GLU A 81 -4.32 -4.34 -8.14
N ALA A 82 -3.80 -3.38 -8.89
CA ALA A 82 -4.30 -2.01 -8.87
C ALA A 82 -5.82 -1.98 -9.02
N ASN A 83 -6.35 -2.91 -9.81
CA ASN A 83 -7.79 -2.99 -10.03
C ASN A 83 -8.54 -3.43 -8.78
N ASP A 84 -7.93 -4.33 -8.02
CA ASP A 84 -8.55 -4.84 -6.80
C ASP A 84 -8.89 -3.71 -5.83
N LEU A 85 -7.92 -2.83 -5.60
CA LEU A 85 -8.11 -1.69 -4.70
C LEU A 85 -8.96 -0.59 -5.34
N PHE A 86 -8.62 -0.25 -6.58
CA PHE A 86 -9.34 0.82 -7.29
C PHE A 86 -10.80 0.44 -7.52
N GLU A 87 -11.03 -0.64 -8.26
CA GLU A 87 -12.39 -1.10 -8.56
C GLU A 87 -13.04 -1.72 -7.34
N ASN A 88 -12.27 -1.90 -6.27
CA ASN A 88 -12.76 -2.51 -5.04
C ASN A 88 -13.26 -3.92 -5.30
N THR A 89 -12.68 -4.56 -6.31
CA THR A 89 -13.05 -5.92 -6.67
C THR A 89 -12.54 -6.92 -5.65
N ASN A 90 -11.41 -6.60 -5.02
CA ASN A 90 -10.80 -7.47 -4.04
C ASN A 90 -10.14 -6.66 -2.93
N HIS A 91 -10.89 -5.73 -2.36
CA HIS A 91 -10.39 -4.86 -1.29
C HIS A 91 -9.92 -5.68 -0.08
N THR A 92 -10.61 -6.79 0.20
CA THR A 92 -10.24 -7.64 1.32
C THR A 92 -8.78 -8.04 1.23
N GLN A 93 -8.36 -8.37 0.01
CA GLN A 93 -6.98 -8.77 -0.24
C GLN A 93 -6.03 -7.64 0.16
N VAL A 94 -6.48 -6.41 0.01
CA VAL A 94 -5.67 -5.24 0.36
C VAL A 94 -5.18 -5.31 1.80
N GLN A 95 -6.10 -5.61 2.73
CA GLN A 95 -5.78 -5.70 4.12
C GLN A 95 -4.73 -6.78 4.38
N SER A 96 -4.93 -7.95 3.80
CA SER A 96 -4.00 -9.07 3.97
C SER A 96 -2.64 -8.77 3.36
N THR A 97 -2.65 -8.11 2.21
CA THR A 97 -1.41 -7.76 1.51
C THR A 97 -0.48 -6.94 2.39
N LEU A 98 -1.02 -5.91 3.02
CA LEU A 98 -0.25 -5.04 3.90
C LEU A 98 0.46 -5.85 4.97
N ILE A 99 -0.24 -6.84 5.51
CA ILE A 99 0.32 -7.70 6.56
C ILE A 99 1.54 -8.45 6.05
N ALA A 100 1.46 -8.98 4.84
CA ALA A 100 2.57 -9.71 4.25
C ALA A 100 3.82 -8.85 4.13
N LEU A 101 3.63 -7.61 3.70
CA LEU A 101 4.74 -6.67 3.54
C LEU A 101 5.51 -6.51 4.84
N ALA A 102 4.80 -6.58 5.96
CA ALA A 102 5.40 -6.44 7.29
C ALA A 102 6.53 -7.44 7.47
N SER A 103 6.31 -8.68 7.02
CA SER A 103 7.32 -9.73 7.13
C SER A 103 8.62 -9.32 6.47
N GLN A 104 8.51 -8.57 5.38
CA GLN A 104 9.66 -8.10 4.64
C GLN A 104 10.38 -6.97 5.37
N ALA A 105 9.60 -5.99 5.81
CA ALA A 105 10.15 -4.83 6.51
C ALA A 105 10.86 -5.22 7.80
N LYS A 106 10.26 -6.12 8.57
CA LYS A 106 10.87 -6.55 9.83
C LYS A 106 12.27 -7.12 9.59
N THR A 107 12.40 -7.90 8.52
CA THR A 107 13.68 -8.49 8.16
C THR A 107 14.70 -7.41 7.79
N LYS A 108 14.22 -6.35 7.16
CA LYS A 108 15.08 -5.25 6.75
C LYS A 108 14.25 -3.99 6.44
#